data_4JD3
#
_entry.id   4JD3
#
_cell.length_a   72.166
_cell.length_b   48.863
_cell.length_c   194.473
_cell.angle_alpha   90.00
_cell.angle_beta   97.82
_cell.angle_gamma   90.00
#
_symmetry.space_group_name_H-M   'P 1 21 1'
#
loop_
_entity.id
_entity.type
_entity.pdbx_description
1 polymer 'Alpha-pyrone synthesis polyketide synthase-like Pks11'
2 non-polymer 'PALMITIC ACID'
3 non-polymer 'COENZYME A'
4 water water
#
_entity_poly.entity_id   1
_entity_poly.type   'polypeptide(L)'
_entity_poly.pdbx_seq_one_letter_code
;MSVIAGVFGALPPHRYSQSEITDSFVEFPGLKEHEEIIRRLHAAAKVNGRHLVLPLQQYPSLTDFGDANEIFIEKAVDLG
VEALLGALDDANLRPSDIDMIATATVTGVAVPSLDARIAGRLGLRPDVRRMPLFGLGSVAGAAGVARLRDYLRGAPDDVA
VLVSVELCSLTYPAVKPTVSSLVGTALFGDGAAAVVAVGDRRAEQVRAGGPDILDSRSSLYPDSLHIMGWDVGSHGLRLR
LSPDLTNLIERYLANDVTTFLDAHRLTKDDIGAWVSHPGGPKVIDAVATSLALPPEALELTWRSLGEIGNLSSASILHIL
RDTIEKRPPSGSAGLMLAMGPGFCTELVLLRWR
;
_entity_poly.pdbx_strand_id   A,C,B,D
#
# COMPACT_ATOMS: atom_id res chain seq x y z
N SER A 2 7.55 -6.71 2.62
CA SER A 2 9.00 -6.92 2.78
C SER A 2 9.41 -6.07 3.93
N VAL A 3 10.30 -6.63 4.70
CA VAL A 3 10.67 -6.10 6.00
C VAL A 3 12.19 -6.31 6.18
N ILE A 4 12.91 -5.19 6.24
CA ILE A 4 14.35 -5.24 6.53
C ILE A 4 14.61 -6.01 7.82
N ALA A 5 15.45 -7.07 7.73
CA ALA A 5 15.96 -7.78 8.93
C ALA A 5 17.42 -7.41 9.27
N GLY A 6 18.21 -6.87 8.34
CA GLY A 6 19.58 -6.37 8.68
C GLY A 6 20.30 -5.38 7.72
N VAL A 7 21.13 -4.52 8.34
CA VAL A 7 22.00 -3.50 7.69
C VAL A 7 23.43 -3.36 8.35
N PHE A 8 24.39 -3.36 7.43
CA PHE A 8 25.76 -3.45 7.84
C PHE A 8 26.54 -2.89 6.72
N GLY A 9 27.52 -2.07 7.02
CA GLY A 9 28.47 -1.62 6.04
C GLY A 9 29.85 -2.09 6.38
N ALA A 10 30.69 -2.21 5.40
CA ALA A 10 32.09 -2.46 5.62
C ALA A 10 33.05 -1.51 4.86
N LEU A 11 34.16 -1.18 5.47
CA LEU A 11 35.13 -0.33 4.87
C LEU A 11 36.49 -0.95 4.93
N PRO A 12 37.31 -0.61 3.96
CA PRO A 12 38.71 -0.98 3.95
C PRO A 12 39.45 -0.53 5.21
N PRO A 13 40.41 -1.31 5.66
CA PRO A 13 41.30 -1.01 6.82
C PRO A 13 42.15 0.30 6.74
N HIS A 14 42.69 0.68 5.57
CA HIS A 14 43.29 2.02 5.40
C HIS A 14 42.26 3.20 5.28
N ARG A 15 42.44 4.12 6.26
CA ARG A 15 41.82 5.40 6.36
C ARG A 15 42.86 6.45 6.50
N TYR A 16 42.63 7.57 5.80
CA TYR A 16 43.49 8.72 5.72
C TYR A 16 42.62 9.93 5.87
N SER A 17 43.17 11.01 6.47
CA SER A 17 42.45 12.30 6.39
C SER A 17 42.43 12.79 4.94
N GLN A 18 41.39 13.53 4.62
CA GLN A 18 41.29 14.24 3.36
C GLN A 18 42.63 14.97 3.02
N SER A 19 43.12 15.80 3.91
CA SER A 19 44.34 16.51 3.53
C SER A 19 45.59 15.59 3.38
N GLU A 20 45.68 14.46 4.09
CA GLU A 20 46.77 13.46 3.82
C GLU A 20 46.67 13.05 2.41
N ILE A 21 45.49 12.58 2.01
CA ILE A 21 45.15 12.17 0.64
C ILE A 21 45.56 13.25 -0.34
N THR A 22 45.02 14.45 -0.15
CA THR A 22 45.27 15.55 -1.02
C THR A 22 46.72 15.98 -1.04
N ASP A 23 47.41 15.86 0.11
CA ASP A 23 48.85 16.18 0.17
C ASP A 23 49.63 15.23 -0.73
N SER A 24 49.25 13.97 -0.75
CA SER A 24 50.07 12.99 -1.48
C SER A 24 49.72 13.15 -2.90
N PHE A 25 48.46 13.57 -3.15
CA PHE A 25 47.80 13.48 -4.48
C PHE A 25 48.27 14.53 -5.48
N VAL A 26 48.51 15.76 -5.02
CA VAL A 26 49.16 16.71 -5.89
C VAL A 26 50.62 16.36 -6.30
N GLU A 27 51.26 15.51 -5.46
CA GLU A 27 52.58 14.96 -5.76
C GLU A 27 52.54 13.74 -6.67
N PHE A 28 51.35 13.45 -7.22
CA PHE A 28 51.18 12.26 -8.10
C PHE A 28 51.80 12.47 -9.48
N PRO A 29 52.23 11.35 -10.08
CA PRO A 29 52.70 11.63 -11.44
C PRO A 29 51.73 12.56 -12.18
N GLY A 30 52.25 13.72 -12.62
CA GLY A 30 51.45 14.57 -13.52
C GLY A 30 50.33 15.50 -12.99
N LEU A 31 50.20 15.59 -11.69
CA LEU A 31 49.17 16.44 -11.13
C LEU A 31 49.67 17.75 -10.62
N LYS A 32 50.98 17.95 -10.65
CA LYS A 32 51.59 19.12 -10.01
C LYS A 32 51.39 20.45 -10.82
N GLU A 33 51.08 20.33 -12.08
CA GLU A 33 50.73 21.55 -12.78
C GLU A 33 49.38 22.00 -12.20
N HIS A 34 48.65 21.06 -11.63
CA HIS A 34 47.22 21.26 -11.39
C HIS A 34 46.87 21.36 -9.86
N GLU A 35 47.92 21.53 -9.05
CA GLU A 35 47.80 21.39 -7.60
C GLU A 35 46.77 22.38 -6.99
N GLU A 36 46.65 23.62 -7.50
CA GLU A 36 45.71 24.55 -6.83
C GLU A 36 44.27 24.18 -7.01
N ILE A 37 43.80 23.92 -8.23
CA ILE A 37 42.41 23.56 -8.33
C ILE A 37 42.08 22.24 -7.64
N ILE A 38 43.12 21.43 -7.44
CA ILE A 38 43.01 20.21 -6.69
C ILE A 38 42.72 20.47 -5.23
N ARG A 39 43.44 21.43 -4.62
CA ARG A 39 43.34 21.68 -3.19
C ARG A 39 42.01 22.36 -2.91
N ARG A 40 41.66 23.26 -3.79
CA ARG A 40 40.44 24.02 -3.71
C ARG A 40 39.25 23.10 -3.69
N LEU A 41 39.25 22.07 -4.58
CA LEU A 41 38.09 21.17 -4.76
C LEU A 41 38.20 20.12 -3.69
N HIS A 42 39.39 19.66 -3.37
CA HIS A 42 39.47 18.62 -2.36
C HIS A 42 38.92 19.20 -1.01
N ALA A 43 39.13 20.52 -0.85
CA ALA A 43 38.76 21.26 0.36
C ALA A 43 37.26 21.75 0.44
N ALA A 44 36.60 22.01 -0.67
CA ALA A 44 35.15 22.35 -0.63
C ALA A 44 34.27 21.11 -0.65
N ALA A 45 34.81 19.95 -0.34
CA ALA A 45 34.14 18.70 -0.72
C ALA A 45 33.39 18.21 0.46
N LYS A 46 33.87 18.63 1.63
CA LYS A 46 33.20 18.39 2.92
C LYS A 46 33.23 16.94 3.39
N VAL A 47 34.34 16.31 2.96
CA VAL A 47 34.82 14.96 3.31
C VAL A 47 35.96 15.26 4.31
N ASN A 48 35.87 14.62 5.45
CA ASN A 48 36.98 14.64 6.40
C ASN A 48 38.01 13.50 6.45
N GLY A 49 37.57 12.28 6.09
CA GLY A 49 38.47 11.20 5.71
C GLY A 49 37.77 10.26 4.74
N ARG A 50 38.61 9.41 4.15
CA ARG A 50 38.16 8.30 3.31
C ARG A 50 38.94 7.03 3.56
N HIS A 51 38.27 5.88 3.31
CA HIS A 51 38.90 4.56 3.14
C HIS A 51 39.32 4.19 1.70
N LEU A 52 40.48 3.53 1.60
CA LEU A 52 41.20 3.23 0.40
C LEU A 52 41.52 1.78 0.48
N VAL A 53 41.16 1.04 -0.55
CA VAL A 53 41.25 -0.38 -0.53
C VAL A 53 42.77 -0.83 -0.64
N LEU A 54 43.56 0.10 -1.19
CA LEU A 54 45.03 0.10 -1.30
C LEU A 54 45.73 1.21 -0.43
N PRO A 55 46.94 0.90 0.15
CA PRO A 55 47.79 1.97 0.66
C PRO A 55 47.86 3.11 -0.30
N LEU A 56 47.57 4.32 0.16
CA LEU A 56 47.77 5.61 -0.57
C LEU A 56 49.01 5.77 -1.48
N GLN A 57 50.14 5.31 -0.95
CA GLN A 57 51.47 5.14 -1.56
C GLN A 57 51.40 4.50 -2.93
N GLN A 58 50.46 3.61 -3.07
CA GLN A 58 50.45 2.68 -4.21
C GLN A 58 49.74 3.13 -5.49
N TYR A 59 48.98 4.22 -5.37
CA TYR A 59 48.03 4.67 -6.42
C TYR A 59 48.67 5.17 -7.70
N PRO A 60 49.82 5.76 -7.62
CA PRO A 60 50.43 6.31 -8.84
C PRO A 60 51.00 5.22 -9.72
N SER A 61 51.05 3.98 -9.20
CA SER A 61 51.53 2.80 -9.95
C SER A 61 50.36 1.99 -10.57
N LEU A 62 49.11 2.51 -10.39
CA LEU A 62 47.79 2.04 -10.88
C LEU A 62 47.42 2.86 -12.12
N THR A 63 48.18 2.60 -13.17
CA THR A 63 47.94 3.19 -14.45
C THR A 63 47.42 2.10 -15.42
N ASP A 64 47.65 0.81 -15.17
CA ASP A 64 46.91 -0.18 -15.97
C ASP A 64 45.41 -0.57 -15.52
N PHE A 65 44.46 -0.21 -16.39
CA PHE A 65 43.05 -0.63 -16.29
C PHE A 65 42.87 -2.11 -15.94
N GLY A 66 43.55 -3.00 -16.67
CA GLY A 66 43.45 -4.43 -16.49
C GLY A 66 43.95 -4.90 -15.12
N ASP A 67 44.98 -4.26 -14.54
CA ASP A 67 45.48 -4.57 -13.18
C ASP A 67 44.51 -4.10 -12.14
N ALA A 68 44.12 -2.83 -12.33
CA ALA A 68 43.05 -2.18 -11.53
C ALA A 68 41.72 -3.03 -11.39
N ASN A 69 41.24 -3.54 -12.52
CA ASN A 69 40.06 -4.36 -12.50
C ASN A 69 40.25 -5.72 -11.86
N GLU A 70 41.48 -6.25 -11.93
CA GLU A 70 41.80 -7.57 -11.34
C GLU A 70 41.78 -7.50 -9.86
N ILE A 71 42.44 -6.48 -9.36
CA ILE A 71 42.40 -6.07 -7.98
C ILE A 71 40.95 -5.73 -7.47
N PHE A 72 40.22 -4.85 -8.19
CA PHE A 72 38.73 -4.79 -7.97
C PHE A 72 38.00 -6.15 -7.77
N ILE A 73 38.11 -7.12 -8.69
CA ILE A 73 37.42 -8.42 -8.53
C ILE A 73 37.69 -8.96 -7.11
N GLU A 74 38.97 -9.26 -6.92
CA GLU A 74 39.55 -9.74 -5.70
C GLU A 74 39.17 -9.00 -4.41
N LYS A 75 39.38 -7.68 -4.36
CA LYS A 75 39.02 -6.82 -3.18
C LYS A 75 37.50 -6.69 -2.94
N ALA A 76 36.80 -6.58 -4.04
CA ALA A 76 35.36 -6.32 -4.01
C ALA A 76 34.57 -7.47 -3.37
N VAL A 77 34.95 -8.73 -3.65
CA VAL A 77 34.32 -9.90 -3.12
C VAL A 77 34.64 -9.94 -1.64
N ASP A 78 35.92 -9.67 -1.36
CA ASP A 78 36.36 -9.73 0.04
C ASP A 78 35.46 -8.94 0.92
N LEU A 79 35.13 -7.72 0.51
CA LEU A 79 34.37 -6.74 1.25
C LEU A 79 32.86 -6.94 1.22
N GLY A 80 32.33 -7.45 0.12
CA GLY A 80 30.94 -7.81 0.00
C GLY A 80 30.56 -8.99 0.84
N VAL A 81 31.54 -9.84 1.08
CA VAL A 81 31.43 -11.00 1.91
C VAL A 81 31.43 -10.57 3.34
N GLU A 82 32.26 -9.61 3.66
CA GLU A 82 32.25 -8.99 4.95
C GLU A 82 30.92 -8.37 5.35
N ALA A 83 30.36 -7.53 4.51
CA ALA A 83 29.13 -6.78 4.92
C ALA A 83 27.85 -7.66 4.97
N LEU A 84 27.83 -8.65 4.12
CA LEU A 84 26.79 -9.65 4.15
C LEU A 84 26.88 -10.56 5.40
N LEU A 85 28.07 -11.07 5.76
CA LEU A 85 28.14 -11.75 7.01
C LEU A 85 27.58 -10.85 8.17
N GLY A 86 27.92 -9.54 8.12
CA GLY A 86 27.53 -8.54 9.09
C GLY A 86 26.04 -8.34 9.24
N ALA A 87 25.34 -8.32 8.11
CA ALA A 87 23.90 -8.01 8.05
C ALA A 87 23.09 -9.14 8.46
N LEU A 88 23.56 -10.35 8.08
CA LEU A 88 23.01 -11.67 8.42
C LEU A 88 23.16 -11.95 9.92
N ASP A 89 24.35 -11.75 10.48
CA ASP A 89 24.44 -11.56 11.93
C ASP A 89 23.43 -10.54 12.51
N ASP A 90 23.46 -9.31 12.00
CA ASP A 90 22.38 -8.39 12.33
C ASP A 90 20.94 -9.02 12.19
N ALA A 91 20.74 -9.74 11.10
CA ALA A 91 19.45 -10.30 10.85
C ALA A 91 19.30 -11.70 11.55
N ASN A 92 20.24 -12.02 12.45
CA ASN A 92 20.36 -13.33 13.08
C ASN A 92 20.07 -14.44 12.12
N LEU A 93 20.67 -14.41 10.95
CA LEU A 93 20.47 -15.48 9.98
C LEU A 93 21.79 -15.99 9.42
N ARG A 94 21.64 -16.79 8.35
CA ARG A 94 22.67 -17.65 7.80
C ARG A 94 22.64 -17.57 6.29
N PRO A 95 23.81 -17.78 5.67
CA PRO A 95 23.71 -17.77 4.20
C PRO A 95 22.73 -18.88 3.66
N SER A 96 22.85 -20.13 4.16
CA SER A 96 21.94 -21.20 3.71
C SER A 96 20.50 -20.60 3.47
N ASP A 97 20.09 -19.61 4.26
CA ASP A 97 18.70 -19.01 4.26
C ASP A 97 18.21 -18.19 3.09
N ILE A 98 19.14 -17.52 2.42
CA ILE A 98 18.98 -16.55 1.37
C ILE A 98 18.40 -17.08 0.02
N ASP A 99 17.24 -16.64 -0.43
CA ASP A 99 16.64 -17.23 -1.65
C ASP A 99 16.98 -16.37 -2.93
N MET A 100 17.48 -15.16 -2.69
CA MET A 100 17.81 -14.20 -3.73
C MET A 100 18.93 -13.31 -3.21
N ILE A 101 19.99 -13.26 -3.98
CA ILE A 101 20.98 -12.24 -3.85
C ILE A 101 20.98 -11.29 -5.04
N ALA A 102 21.08 -10.01 -4.75
CA ALA A 102 21.45 -8.98 -5.71
C ALA A 102 22.72 -8.25 -5.36
N THR A 103 23.53 -7.99 -6.35
CA THR A 103 24.76 -7.18 -6.21
C THR A 103 24.57 -5.93 -7.06
N ALA A 104 25.15 -4.84 -6.54
CA ALA A 104 25.26 -3.59 -7.24
C ALA A 104 26.68 -3.01 -7.12
N THR A 105 27.24 -2.69 -8.27
CA THR A 105 28.45 -1.93 -8.39
C THR A 105 28.40 -1.07 -9.68
N VAL A 106 29.36 -0.15 -9.73
CA VAL A 106 29.63 0.49 -10.97
C VAL A 106 31.13 0.70 -11.21
N THR A 107 31.96 0.23 -10.28
CA THR A 107 33.36 0.64 -10.34
C THR A 107 34.26 -0.55 -10.77
N GLY A 108 33.63 -1.61 -11.21
CA GLY A 108 34.42 -2.67 -11.83
C GLY A 108 33.54 -3.61 -12.63
N VAL A 109 34.20 -4.28 -13.53
CA VAL A 109 33.47 -5.20 -14.39
C VAL A 109 33.78 -6.62 -14.04
N ALA A 110 32.86 -7.31 -13.34
CA ALA A 110 33.07 -8.76 -13.06
C ALA A 110 32.29 -9.80 -13.95
N VAL A 111 33.07 -10.84 -14.53
CA VAL A 111 32.35 -11.92 -15.21
C VAL A 111 33.05 -13.26 -14.98
N PRO A 112 32.39 -14.20 -14.19
CA PRO A 112 31.07 -14.08 -13.54
C PRO A 112 30.93 -12.81 -12.59
N SER A 113 29.70 -12.33 -12.45
CA SER A 113 29.38 -11.17 -11.72
C SER A 113 29.62 -11.42 -10.21
N LEU A 114 29.60 -10.35 -9.41
CA LEU A 114 30.13 -10.47 -8.05
C LEU A 114 29.34 -11.34 -7.17
N ASP A 115 28.02 -11.45 -7.45
CA ASP A 115 27.12 -12.37 -6.68
C ASP A 115 27.48 -13.82 -6.84
N ALA A 116 27.82 -14.15 -8.08
CA ALA A 116 28.41 -15.48 -8.36
C ALA A 116 29.60 -15.74 -7.40
N ARG A 117 30.48 -14.74 -7.29
CA ARG A 117 31.70 -14.85 -6.51
C ARG A 117 31.29 -14.85 -5.07
N ILE A 118 30.37 -13.95 -4.71
CA ILE A 118 29.93 -13.91 -3.31
C ILE A 118 29.22 -15.25 -2.89
N ALA A 119 28.36 -15.79 -3.74
CA ALA A 119 27.68 -17.03 -3.34
C ALA A 119 28.68 -18.15 -3.12
N GLY A 120 29.71 -18.16 -4.00
CA GLY A 120 30.74 -19.19 -4.07
C GLY A 120 31.45 -19.19 -2.73
N ARG A 121 31.78 -17.96 -2.32
CA ARG A 121 32.49 -17.70 -1.05
C ARG A 121 31.71 -18.07 0.18
N LEU A 122 30.40 -17.81 0.15
CA LEU A 122 29.60 -18.02 1.37
C LEU A 122 28.93 -19.38 1.51
N GLY A 123 29.05 -20.16 0.44
CA GLY A 123 28.37 -21.43 0.41
C GLY A 123 26.89 -21.15 0.37
N LEU A 124 26.46 -20.22 -0.52
CA LEU A 124 25.05 -20.07 -0.84
C LEU A 124 24.50 -21.26 -1.66
N ARG A 125 23.30 -21.59 -1.24
CA ARG A 125 22.53 -22.64 -1.87
C ARG A 125 22.62 -22.59 -3.39
N PRO A 126 23.01 -23.73 -4.01
CA PRO A 126 23.26 -23.76 -5.48
C PRO A 126 22.16 -23.14 -6.34
N ASP A 127 20.92 -23.15 -5.85
CA ASP A 127 19.69 -22.65 -6.54
C ASP A 127 19.32 -21.19 -6.22
N VAL A 128 20.22 -20.39 -5.63
CA VAL A 128 19.91 -19.02 -5.28
C VAL A 128 19.70 -18.12 -6.55
N ARG A 129 18.70 -17.22 -6.56
CA ARG A 129 18.41 -16.47 -7.78
C ARG A 129 19.39 -15.33 -7.79
N ARG A 130 20.06 -15.05 -8.88
CA ARG A 130 21.04 -13.99 -8.74
C ARG A 130 20.56 -12.73 -9.43
N MET A 131 21.06 -11.58 -8.98
CA MET A 131 20.70 -10.37 -9.71
C MET A 131 21.81 -9.35 -9.70
N PRO A 132 22.78 -9.50 -10.59
CA PRO A 132 23.89 -8.58 -10.81
C PRO A 132 23.46 -7.28 -11.53
N LEU A 133 23.07 -6.29 -10.75
CA LEU A 133 22.71 -4.96 -11.30
C LEU A 133 23.98 -4.16 -11.56
N PHE A 134 24.14 -3.62 -12.74
CA PHE A 134 25.35 -2.87 -13.09
C PHE A 134 25.18 -1.39 -13.27
N GLY A 135 24.78 -0.94 -14.42
CA GLY A 135 25.05 0.44 -14.73
C GLY A 135 24.24 1.48 -13.98
N LEU A 136 23.83 1.17 -12.76
CA LEU A 136 22.84 1.95 -12.04
C LEU A 136 23.49 3.08 -11.30
N GLY A 137 24.77 2.96 -11.04
CA GLY A 137 25.49 3.89 -10.22
C GLY A 137 25.15 4.19 -8.77
N SER A 138 25.08 5.47 -8.52
CA SER A 138 24.79 6.05 -7.21
C SER A 138 23.34 5.89 -6.73
N VAL A 139 22.48 5.42 -7.64
CA VAL A 139 21.05 5.30 -7.39
C VAL A 139 20.85 3.91 -6.81
N ALA A 140 21.84 3.00 -6.92
CA ALA A 140 21.62 1.51 -6.76
C ALA A 140 21.44 1.10 -5.31
N GLY A 141 22.03 1.82 -4.37
CA GLY A 141 21.56 1.69 -2.99
C GLY A 141 20.02 1.73 -2.76
N ALA A 142 19.37 2.82 -3.19
CA ALA A 142 17.89 2.92 -3.13
C ALA A 142 17.23 2.02 -4.20
N ALA A 143 17.83 1.82 -5.36
CA ALA A 143 17.12 0.99 -6.27
C ALA A 143 17.19 -0.48 -5.83
N GLY A 144 18.28 -0.85 -5.15
CA GLY A 144 18.43 -2.24 -4.73
C GLY A 144 17.33 -2.65 -3.74
N VAL A 145 17.03 -1.72 -2.84
CA VAL A 145 16.14 -1.98 -1.72
C VAL A 145 14.75 -2.15 -2.38
N ALA A 146 14.55 -1.40 -3.45
CA ALA A 146 13.28 -1.33 -4.11
C ALA A 146 13.09 -2.67 -4.91
N ARG A 147 14.16 -3.18 -5.53
CA ARG A 147 14.13 -4.41 -6.33
C ARG A 147 13.84 -5.67 -5.49
N LEU A 148 14.27 -5.58 -4.24
CA LEU A 148 14.14 -6.54 -3.17
C LEU A 148 12.70 -6.57 -2.69
N ARG A 149 12.20 -5.38 -2.39
CA ARG A 149 10.81 -5.25 -2.04
C ARG A 149 9.96 -5.95 -3.11
N ASP A 150 10.26 -5.66 -4.40
CA ASP A 150 9.49 -6.19 -5.58
C ASP A 150 9.55 -7.68 -5.51
N TYR A 151 10.68 -8.19 -5.02
CA TYR A 151 10.90 -9.65 -5.04
C TYR A 151 10.03 -10.33 -3.92
N LEU A 152 9.88 -9.69 -2.79
CA LEU A 152 9.49 -10.38 -1.59
C LEU A 152 8.01 -10.19 -1.54
N ARG A 153 7.58 -9.48 -2.56
CA ARG A 153 6.19 -9.28 -2.90
C ARG A 153 5.71 -10.47 -3.75
N GLY A 154 6.53 -11.04 -4.62
CA GLY A 154 6.17 -12.37 -5.16
C GLY A 154 6.52 -13.67 -4.40
N ALA A 155 7.16 -13.56 -3.24
CA ALA A 155 7.88 -14.63 -2.60
C ALA A 155 8.01 -14.19 -1.11
N PRO A 156 6.85 -14.10 -0.40
CA PRO A 156 6.53 -13.74 1.01
C PRO A 156 7.39 -14.43 2.10
N ASP A 157 7.70 -15.68 1.82
CA ASP A 157 8.25 -16.57 2.78
C ASP A 157 9.67 -16.59 2.60
N ASP A 158 10.16 -15.70 1.71
CA ASP A 158 11.54 -15.72 1.24
C ASP A 158 12.51 -14.72 1.89
N VAL A 159 13.82 -14.95 1.70
CA VAL A 159 14.88 -14.04 2.22
C VAL A 159 15.72 -13.43 1.07
N ALA A 160 15.76 -12.14 1.00
CA ALA A 160 16.58 -11.53 -0.01
C ALA A 160 17.66 -10.57 0.53
N VAL A 161 18.83 -10.69 -0.07
CA VAL A 161 19.88 -9.78 0.25
C VAL A 161 20.22 -8.85 -0.94
N LEU A 162 20.63 -7.63 -0.61
CA LEU A 162 21.39 -6.81 -1.47
C LEU A 162 22.77 -6.63 -0.86
N VAL A 163 23.78 -6.88 -1.68
CA VAL A 163 25.16 -6.42 -1.48
C VAL A 163 25.59 -5.34 -2.57
N SER A 164 26.22 -4.26 -2.10
CA SER A 164 26.74 -3.17 -2.92
C SER A 164 28.27 -2.98 -2.74
N VAL A 165 29.09 -3.29 -3.73
CA VAL A 165 30.49 -2.93 -3.48
C VAL A 165 30.85 -1.82 -4.43
N GLU A 166 31.61 -0.85 -3.95
CA GLU A 166 32.02 0.29 -4.74
C GLU A 166 33.40 0.64 -4.30
N LEU A 167 34.34 0.45 -5.20
CA LEU A 167 35.74 0.67 -4.95
C LEU A 167 36.30 1.77 -5.82
N CYS A 168 35.89 2.97 -5.50
CA CYS A 168 36.01 4.14 -6.41
C CYS A 168 37.46 4.52 -6.69
N SER A 169 38.32 4.44 -5.66
CA SER A 169 39.81 4.47 -5.83
C SER A 169 40.40 3.69 -7.01
N LEU A 170 39.90 2.49 -7.21
CA LEU A 170 40.47 1.59 -8.18
C LEU A 170 40.22 2.06 -9.59
N THR A 171 39.35 3.08 -9.73
CA THR A 171 39.01 3.62 -11.04
C THR A 171 40.04 4.55 -11.60
N TYR A 172 41.05 4.82 -10.78
CA TYR A 172 42.25 5.71 -11.00
C TYR A 172 43.10 5.68 -12.33
N PRO A 173 43.37 4.46 -12.89
CA PRO A 173 43.83 4.45 -14.28
C PRO A 173 43.01 5.45 -15.20
N ALA A 174 41.72 5.59 -15.05
CA ALA A 174 41.02 6.61 -15.83
C ALA A 174 41.02 8.09 -15.38
N VAL A 175 41.52 8.44 -14.20
CA VAL A 175 41.54 9.86 -13.79
C VAL A 175 42.47 10.72 -14.69
N LYS A 176 42.05 11.90 -15.11
CA LYS A 176 42.94 12.82 -15.79
C LYS A 176 42.86 14.09 -15.01
N PRO A 177 43.60 15.15 -15.35
CA PRO A 177 43.35 16.37 -14.57
C PRO A 177 42.27 17.18 -15.20
N THR A 178 41.08 16.62 -15.50
CA THR A 178 39.87 17.39 -15.88
C THR A 178 39.10 17.94 -14.65
N VAL A 179 38.19 18.92 -14.80
CA VAL A 179 37.44 19.37 -13.59
C VAL A 179 36.56 18.23 -13.04
N SER A 180 35.93 17.49 -13.96
CA SER A 180 35.01 16.48 -13.56
C SER A 180 35.70 15.26 -12.94
N SER A 181 36.84 14.85 -13.49
CA SER A 181 37.59 13.82 -12.86
C SER A 181 38.07 14.27 -11.46
N LEU A 182 38.60 15.49 -11.37
CA LEU A 182 39.06 16.08 -10.10
C LEU A 182 37.98 16.21 -9.05
N VAL A 183 36.83 16.75 -9.40
CA VAL A 183 35.70 16.61 -8.53
C VAL A 183 35.51 15.26 -7.87
N GLY A 184 35.51 14.14 -8.59
CA GLY A 184 35.27 12.88 -7.94
C GLY A 184 36.47 12.45 -7.14
N THR A 185 37.61 13.03 -7.46
CA THR A 185 38.90 12.79 -6.80
C THR A 185 38.89 13.40 -5.36
N ALA A 186 38.04 14.44 -5.24
CA ALA A 186 37.69 15.22 -4.02
C ALA A 186 36.68 14.51 -3.15
N LEU A 187 35.67 13.92 -3.84
CA LEU A 187 34.50 13.18 -3.29
C LEU A 187 34.56 11.66 -2.94
N PHE A 188 35.01 10.77 -3.85
CA PHE A 188 34.83 9.32 -3.73
C PHE A 188 35.90 8.71 -2.83
N GLY A 189 35.28 7.65 -2.13
CA GLY A 189 36.03 6.77 -1.24
C GLY A 189 35.76 5.30 -1.62
N ASP A 190 36.07 4.34 -0.72
CA ASP A 190 35.86 2.82 -0.99
C ASP A 190 35.02 2.35 0.12
N GLY A 191 34.07 1.45 -0.17
CA GLY A 191 33.36 0.72 0.87
C GLY A 191 32.32 -0.16 0.28
N ALA A 192 31.85 -1.09 1.11
CA ALA A 192 30.68 -1.97 0.81
C ALA A 192 29.52 -1.71 1.82
N ALA A 193 28.31 -2.11 1.42
CA ALA A 193 27.20 -2.34 2.36
C ALA A 193 26.31 -3.49 1.98
N ALA A 194 25.39 -3.89 2.84
CA ALA A 194 24.65 -5.11 2.62
C ALA A 194 23.33 -5.02 3.39
N VAL A 195 22.24 -5.44 2.73
CA VAL A 195 20.87 -5.34 3.31
C VAL A 195 20.18 -6.69 3.23
N VAL A 196 19.95 -7.35 4.37
CA VAL A 196 19.03 -8.51 4.49
C VAL A 196 17.53 -8.07 4.66
N ALA A 197 16.64 -8.66 3.86
CA ALA A 197 15.22 -8.42 4.03
C ALA A 197 14.38 -9.68 3.73
N VAL A 198 13.22 -9.75 4.33
CA VAL A 198 12.49 -10.97 4.52
C VAL A 198 11.11 -10.63 3.92
N GLY A 199 10.36 -11.54 3.29
CA GLY A 199 9.02 -11.15 2.88
C GLY A 199 8.04 -11.06 4.06
N ASP A 200 6.86 -10.53 3.80
CA ASP A 200 5.89 -10.36 4.89
C ASP A 200 5.57 -11.63 5.71
N ARG A 201 5.31 -12.76 5.06
CA ARG A 201 5.09 -14.00 5.84
C ARG A 201 6.26 -14.20 6.82
N ARG A 202 7.48 -13.95 6.34
CA ARG A 202 8.71 -14.51 6.95
C ARG A 202 9.21 -13.70 8.21
N ALA A 203 8.67 -12.47 8.29
CA ALA A 203 9.14 -11.42 9.19
C ALA A 203 8.88 -11.67 10.66
N GLU A 204 7.88 -12.46 10.98
CA GLU A 204 7.50 -12.69 12.35
C GLU A 204 8.44 -13.71 12.89
N GLN A 205 8.47 -14.83 12.17
CA GLN A 205 9.17 -16.02 12.55
C GLN A 205 10.63 -15.72 12.83
N VAL A 206 11.14 -14.69 12.20
CA VAL A 206 12.55 -14.48 12.04
C VAL A 206 12.90 -13.31 12.95
N ARG A 207 11.84 -12.64 13.37
CA ARG A 207 11.84 -11.54 14.29
C ARG A 207 12.32 -10.24 13.73
N ALA A 208 12.08 -10.02 12.45
CA ALA A 208 12.75 -9.00 11.70
C ALA A 208 12.70 -7.66 12.35
N GLY A 209 13.87 -7.14 12.63
CA GLY A 209 14.00 -5.87 13.26
C GLY A 209 13.77 -4.68 12.39
N GLY A 210 14.67 -4.43 11.45
CA GLY A 210 14.68 -3.26 10.60
C GLY A 210 13.36 -2.89 10.00
N PRO A 211 13.28 -1.76 9.31
CA PRO A 211 11.97 -1.21 8.95
C PRO A 211 11.31 -1.92 7.77
N ASP A 212 9.99 -1.74 7.67
CA ASP A 212 9.17 -1.95 6.46
C ASP A 212 9.58 -1.17 5.18
N ILE A 213 9.39 -1.87 4.08
CA ILE A 213 9.68 -1.41 2.77
C ILE A 213 8.29 -1.49 2.19
N LEU A 214 7.61 -0.31 2.16
CA LEU A 214 6.27 -0.10 1.53
C LEU A 214 6.15 0.22 0.06
N ASP A 215 7.07 0.99 -0.47
CA ASP A 215 6.93 1.39 -1.88
C ASP A 215 8.17 2.10 -2.41
N SER A 216 8.20 2.40 -3.69
CA SER A 216 9.40 3.06 -4.29
C SER A 216 8.85 3.64 -5.54
N ARG A 217 9.44 4.71 -5.99
CA ARG A 217 9.21 5.17 -7.33
C ARG A 217 10.51 5.64 -7.97
N SER A 218 10.66 5.25 -9.25
CA SER A 218 11.71 5.65 -10.14
C SER A 218 11.23 6.87 -10.85
N SER A 219 12.17 7.70 -11.15
CA SER A 219 11.90 8.86 -11.96
C SER A 219 13.09 9.05 -12.88
N LEU A 220 12.83 8.82 -14.15
CA LEU A 220 13.87 8.88 -15.17
C LEU A 220 13.72 10.21 -15.97
N TYR A 221 14.73 11.06 -15.92
CA TYR A 221 14.71 12.29 -16.71
C TYR A 221 15.00 12.21 -18.26
N PRO A 222 14.14 12.96 -19.04
CA PRO A 222 14.24 12.98 -20.50
C PRO A 222 15.60 13.54 -20.86
N ASP A 223 16.29 12.99 -21.87
CA ASP A 223 17.47 13.67 -22.52
C ASP A 223 18.50 14.26 -21.51
N SER A 224 18.94 13.36 -20.64
CA SER A 224 19.75 13.68 -19.47
C SER A 224 20.87 12.64 -19.30
N LEU A 225 21.37 12.03 -20.38
CA LEU A 225 22.30 10.87 -20.28
C LEU A 225 23.68 11.35 -19.93
N HIS A 226 23.90 12.58 -20.31
CA HIS A 226 25.16 13.24 -20.10
C HIS A 226 25.32 13.78 -18.60
N ILE A 227 24.28 13.71 -17.82
CA ILE A 227 24.38 14.02 -16.39
C ILE A 227 25.39 13.20 -15.54
N MET A 228 25.36 11.89 -15.70
CA MET A 228 26.27 10.97 -15.03
C MET A 228 26.59 9.78 -15.94
N GLY A 229 27.85 9.43 -16.12
CA GLY A 229 28.09 8.21 -16.89
C GLY A 229 29.53 7.79 -16.91
N TRP A 230 29.84 6.65 -17.52
CA TRP A 230 31.24 6.27 -17.76
C TRP A 230 31.71 6.54 -19.22
N ASP A 231 32.77 7.32 -19.44
CA ASP A 231 33.51 7.11 -20.68
C ASP A 231 34.59 5.99 -20.46
N VAL A 232 34.18 4.79 -20.97
CA VAL A 232 34.85 3.48 -21.01
C VAL A 232 35.83 3.36 -22.20
N GLY A 233 37.06 3.00 -21.93
CA GLY A 233 38.03 2.79 -22.97
C GLY A 233 39.30 2.10 -22.56
N SER A 234 40.39 2.38 -23.27
CA SER A 234 41.67 1.75 -22.94
C SER A 234 42.15 2.14 -21.57
N HIS A 235 41.65 3.25 -21.09
CA HIS A 235 41.97 3.83 -19.80
C HIS A 235 41.17 3.28 -18.64
N GLY A 236 40.02 2.72 -18.92
CA GLY A 236 39.17 2.10 -17.94
C GLY A 236 37.92 2.97 -17.97
N LEU A 237 37.46 3.32 -16.77
CA LEU A 237 36.18 3.92 -16.50
C LEU A 237 36.43 5.39 -16.05
N ARG A 238 36.11 6.31 -16.96
CA ARG A 238 36.26 7.76 -16.82
C ARG A 238 34.98 8.47 -16.48
N LEU A 239 34.97 9.19 -15.38
CA LEU A 239 33.84 10.03 -15.00
C LEU A 239 33.26 10.90 -16.11
N ARG A 240 31.94 10.81 -16.32
CA ARG A 240 31.26 11.99 -16.89
C ARG A 240 30.39 12.61 -15.86
N LEU A 241 30.71 13.83 -15.49
CA LEU A 241 29.92 14.40 -14.42
C LEU A 241 29.73 15.87 -14.75
N SER A 242 28.50 16.22 -15.17
CA SER A 242 28.14 17.57 -15.65
C SER A 242 27.70 18.56 -14.52
N PRO A 243 27.97 19.88 -14.71
CA PRO A 243 27.55 20.97 -13.77
C PRO A 243 26.03 21.15 -13.67
N ASP A 244 25.40 21.04 -14.82
CA ASP A 244 23.97 20.84 -14.86
C ASP A 244 23.31 19.90 -13.84
N LEU A 245 24.01 18.89 -13.29
CA LEU A 245 23.38 17.99 -12.29
C LEU A 245 22.59 18.74 -11.18
N THR A 246 23.24 19.67 -10.49
CA THR A 246 22.56 20.40 -9.40
C THR A 246 21.22 21.11 -9.77
N ASN A 247 21.22 21.89 -10.83
CA ASN A 247 20.01 22.55 -11.24
C ASN A 247 18.88 21.74 -11.76
N LEU A 248 19.19 20.53 -12.22
CA LEU A 248 18.14 19.49 -12.45
C LEU A 248 17.46 19.18 -11.12
N ILE A 249 18.28 18.84 -10.15
CA ILE A 249 17.69 18.47 -8.88
C ILE A 249 16.80 19.62 -8.52
N GLU A 250 17.38 20.82 -8.48
CA GLU A 250 16.67 22.01 -7.97
C GLU A 250 15.34 22.13 -8.68
N ARG A 251 15.27 21.72 -9.93
CA ARG A 251 14.15 22.00 -10.75
C ARG A 251 13.16 20.91 -10.74
N TYR A 252 13.60 19.68 -10.56
CA TYR A 252 12.62 18.57 -10.76
C TYR A 252 12.34 17.71 -9.54
N LEU A 253 13.08 17.92 -8.48
CA LEU A 253 13.07 17.02 -7.35
C LEU A 253 11.87 17.10 -6.42
N ALA A 254 11.29 18.26 -6.20
CA ALA A 254 10.07 18.41 -5.37
C ALA A 254 8.94 17.64 -6.00
N ASN A 255 8.82 17.81 -7.31
CA ASN A 255 7.84 17.04 -7.97
C ASN A 255 7.94 15.53 -7.92
N ASP A 256 9.13 14.91 -8.03
CA ASP A 256 9.30 13.41 -7.83
C ASP A 256 8.73 12.99 -6.46
N VAL A 257 9.15 13.71 -5.43
CA VAL A 257 8.62 13.60 -4.08
C VAL A 257 7.10 13.78 -3.91
N THR A 258 6.49 14.71 -4.63
CA THR A 258 5.09 15.00 -4.39
C THR A 258 4.24 13.96 -5.09
N THR A 259 4.76 13.52 -6.19
CA THR A 259 4.00 12.61 -6.94
C THR A 259 4.05 11.32 -6.16
N PHE A 260 5.21 11.02 -5.56
CA PHE A 260 5.37 9.74 -4.88
C PHE A 260 4.70 9.68 -3.55
N LEU A 261 4.71 10.77 -2.82
CA LEU A 261 3.98 10.93 -1.59
C LEU A 261 2.46 11.24 -1.61
N ASP A 262 1.98 12.07 -2.52
CA ASP A 262 0.53 11.99 -2.84
C ASP A 262 -0.07 10.58 -3.11
N ALA A 263 0.69 9.56 -3.53
CA ALA A 263 -0.08 8.33 -3.76
C ALA A 263 -0.35 7.69 -2.39
N HIS A 264 0.44 8.17 -1.45
CA HIS A 264 0.25 7.74 -0.07
C HIS A 264 -0.55 8.63 0.84
N ARG A 265 -1.09 9.72 0.27
CA ARG A 265 -1.64 10.91 0.99
C ARG A 265 -0.78 11.32 2.17
N LEU A 266 0.55 11.33 1.98
CA LEU A 266 1.53 11.92 2.92
C LEU A 266 2.14 13.15 2.34
N THR A 267 2.55 14.13 3.21
CA THR A 267 3.34 15.30 2.81
C THR A 267 4.81 15.28 3.28
N LYS A 268 5.67 16.17 2.82
CA LYS A 268 7.03 16.24 3.33
C LYS A 268 7.08 16.19 4.82
N ASP A 269 6.03 16.66 5.44
CA ASP A 269 6.02 16.90 6.87
C ASP A 269 5.87 15.61 7.65
N ASP A 270 5.30 14.64 6.93
CA ASP A 270 5.14 13.24 7.39
C ASP A 270 6.43 12.38 7.43
N ILE A 271 7.51 12.83 6.80
CA ILE A 271 8.75 12.05 6.88
C ILE A 271 9.40 12.09 8.30
N GLY A 272 9.52 10.97 9.01
CA GLY A 272 10.14 10.94 10.34
C GLY A 272 11.66 10.99 10.13
N ALA A 273 12.14 10.23 9.15
CA ALA A 273 13.59 10.29 8.85
C ALA A 273 14.04 10.22 7.32
N TRP A 274 14.82 11.24 6.90
CA TRP A 274 15.40 11.33 5.54
C TRP A 274 16.66 10.54 5.43
N VAL A 275 16.66 9.73 4.37
CA VAL A 275 17.81 8.86 4.10
C VAL A 275 18.34 9.10 2.65
N SER A 276 19.32 9.98 2.59
CA SER A 276 19.54 10.64 1.33
C SER A 276 20.98 10.49 1.07
N HIS A 277 21.17 10.22 -0.20
CA HIS A 277 22.47 10.03 -0.81
C HIS A 277 23.16 11.39 -0.78
N PRO A 278 24.44 11.35 -0.34
CA PRO A 278 25.49 12.36 -0.26
C PRO A 278 26.21 12.55 -1.57
N GLY A 279 25.67 13.20 -2.59
CA GLY A 279 26.43 13.44 -3.83
C GLY A 279 27.66 14.34 -3.53
N GLY A 280 27.57 15.26 -2.58
CA GLY A 280 28.72 16.01 -2.13
C GLY A 280 27.98 17.30 -1.83
N PRO A 281 28.72 18.35 -1.40
CA PRO A 281 28.06 19.56 -0.91
C PRO A 281 26.99 20.15 -1.87
N LYS A 282 27.29 20.31 -3.15
CA LYS A 282 26.31 21.00 -3.97
C LYS A 282 24.96 20.26 -4.19
N VAL A 283 25.05 18.93 -4.33
CA VAL A 283 23.97 17.93 -4.33
C VAL A 283 23.12 17.90 -3.02
N ILE A 284 23.73 17.71 -1.82
CA ILE A 284 22.94 17.84 -0.56
C ILE A 284 22.18 19.21 -0.42
N ASP A 285 22.87 20.33 -0.66
CA ASP A 285 22.19 21.65 -0.60
C ASP A 285 20.93 21.66 -1.51
N ALA A 286 21.09 21.11 -2.69
CA ALA A 286 20.14 21.35 -3.76
C ALA A 286 18.92 20.50 -3.38
N VAL A 287 19.17 19.28 -2.92
CA VAL A 287 18.12 18.51 -2.22
C VAL A 287 17.35 19.33 -1.16
N ALA A 288 18.12 19.87 -0.18
CA ALA A 288 17.63 20.50 1.03
C ALA A 288 16.84 21.75 0.62
N THR A 289 17.40 22.52 -0.30
CA THR A 289 16.68 23.64 -0.91
C THR A 289 15.41 23.27 -1.63
N SER A 290 15.47 22.31 -2.55
CA SER A 290 14.32 21.82 -3.34
C SER A 290 13.09 21.40 -2.53
N LEU A 291 13.26 20.60 -1.50
CA LEU A 291 12.17 20.22 -0.63
C LEU A 291 12.08 21.05 0.63
N ALA A 292 12.89 22.08 0.70
CA ALA A 292 13.00 22.94 1.88
C ALA A 292 12.98 22.18 3.24
N LEU A 293 13.91 21.23 3.45
CA LEU A 293 14.07 20.54 4.75
C LEU A 293 14.84 21.43 5.69
N PRO A 294 14.63 21.26 7.03
CA PRO A 294 15.39 22.10 8.01
C PRO A 294 16.69 21.40 8.13
N PRO A 295 17.78 22.07 8.60
CA PRO A 295 19.15 21.45 8.64
C PRO A 295 19.20 20.06 9.30
N GLU A 296 18.29 19.72 10.17
CA GLU A 296 18.41 18.44 10.82
C GLU A 296 17.83 17.22 10.14
N ALA A 297 17.16 17.37 9.01
CA ALA A 297 16.51 16.21 8.42
C ALA A 297 17.61 15.38 7.74
N LEU A 298 18.59 16.15 7.33
CA LEU A 298 19.73 15.68 6.58
C LEU A 298 21.05 15.60 7.36
N GLU A 299 21.06 15.78 8.66
CA GLU A 299 22.32 15.82 9.35
C GLU A 299 23.12 14.54 9.27
N LEU A 300 22.44 13.41 9.34
CA LEU A 300 23.06 12.14 9.13
C LEU A 300 23.65 11.87 7.72
N THR A 301 23.02 12.32 6.64
CA THR A 301 23.70 12.23 5.36
C THR A 301 24.99 13.06 5.35
N TRP A 302 25.01 14.27 5.89
CA TRP A 302 26.19 15.11 5.96
C TRP A 302 27.31 14.48 6.79
N ARG A 303 26.92 13.98 7.94
CA ARG A 303 27.81 13.35 8.85
C ARG A 303 28.39 12.06 8.27
N SER A 304 27.63 11.36 7.45
CA SER A 304 28.24 10.30 6.66
C SER A 304 29.28 10.83 5.64
N LEU A 305 28.93 11.87 4.85
CA LEU A 305 29.83 12.35 3.79
C LEU A 305 31.18 12.80 4.38
N GLY A 306 31.17 13.40 5.58
CA GLY A 306 32.34 14.04 6.25
C GLY A 306 33.29 12.93 6.67
N GLU A 307 32.75 11.95 7.42
CA GLU A 307 33.37 10.67 7.88
C GLU A 307 34.08 9.74 6.88
N ILE A 308 33.33 9.31 5.87
CA ILE A 308 33.70 8.29 4.92
C ILE A 308 33.82 8.66 3.41
N GLY A 309 33.52 9.91 3.08
CA GLY A 309 33.24 10.44 1.75
C GLY A 309 32.04 9.71 1.08
N ASN A 310 31.89 9.98 -0.24
CA ASN A 310 30.91 9.40 -1.19
C ASN A 310 31.41 7.96 -1.62
N LEU A 311 30.57 6.95 -1.28
CA LEU A 311 30.86 5.53 -1.42
C LEU A 311 29.95 5.04 -2.55
N SER A 312 29.60 6.02 -3.37
CA SER A 312 28.68 5.75 -4.42
C SER A 312 27.43 5.06 -3.81
N SER A 313 27.02 3.89 -4.34
CA SER A 313 25.66 3.33 -4.07
C SER A 313 25.66 2.86 -2.60
N ALA A 314 26.86 2.65 -2.05
CA ALA A 314 27.05 2.10 -0.73
C ALA A 314 26.69 3.11 0.35
N SER A 315 26.77 4.40 0.04
CA SER A 315 26.68 5.47 1.03
C SER A 315 25.31 5.59 1.61
N ILE A 316 24.31 5.42 0.77
CA ILE A 316 22.94 5.48 1.19
C ILE A 316 22.59 4.33 2.21
N LEU A 317 23.34 3.23 2.21
CA LEU A 317 23.03 2.13 3.11
C LEU A 317 23.77 2.27 4.49
N HIS A 318 25.03 2.65 4.44
CA HIS A 318 25.73 3.13 5.59
C HIS A 318 24.88 4.11 6.43
N ILE A 319 24.35 5.12 5.71
CA ILE A 319 23.47 6.19 6.24
C ILE A 319 22.13 5.71 6.78
N LEU A 320 21.51 4.76 6.09
CA LEU A 320 20.32 3.98 6.50
C LEU A 320 20.57 3.26 7.80
N ARG A 321 21.76 2.71 7.86
CA ARG A 321 22.20 2.08 9.09
C ARG A 321 22.37 3.17 10.14
N ASP A 322 22.85 4.38 9.78
CA ASP A 322 23.07 5.36 10.87
C ASP A 322 21.70 5.78 11.54
N THR A 323 20.61 5.70 10.75
CA THR A 323 19.28 6.13 11.15
C THR A 323 18.55 5.05 11.97
N ILE A 324 18.45 3.84 11.42
CA ILE A 324 18.09 2.66 12.22
C ILE A 324 18.61 2.55 13.69
N GLU A 325 19.90 2.77 13.89
CA GLU A 325 20.53 2.96 15.20
C GLU A 325 20.05 4.12 16.13
N LYS A 326 20.04 5.36 15.61
CA LYS A 326 19.55 6.57 16.27
C LYS A 326 18.03 6.50 16.32
N ARG A 327 17.45 5.43 15.83
CA ARG A 327 16.26 4.85 16.40
C ARG A 327 15.09 5.82 16.36
N PRO A 328 14.41 5.89 15.24
CA PRO A 328 13.47 6.95 15.03
C PRO A 328 12.11 6.70 15.63
N PRO A 329 11.25 7.70 15.55
CA PRO A 329 9.96 7.64 16.18
C PRO A 329 9.22 6.51 15.58
N SER A 330 8.88 5.51 16.37
CA SER A 330 8.41 4.26 15.87
C SER A 330 7.03 4.34 15.24
N GLY A 331 6.87 3.63 14.13
CA GLY A 331 5.73 3.74 13.25
C GLY A 331 5.65 4.99 12.43
N SER A 332 6.71 5.78 12.42
CA SER A 332 6.88 6.87 11.50
C SER A 332 7.37 6.47 10.13
N ALA A 333 7.16 7.38 9.20
CA ALA A 333 7.68 7.31 7.87
C ALA A 333 9.12 7.73 7.70
N GLY A 334 9.76 7.09 6.74
CA GLY A 334 11.12 7.33 6.30
C GLY A 334 11.19 7.36 4.76
N LEU A 335 12.03 8.22 4.25
CA LEU A 335 12.12 8.26 2.81
C LEU A 335 13.58 8.10 2.41
N MET A 336 13.88 7.03 1.66
CA MET A 336 15.17 6.94 1.01
C MET A 336 15.05 7.73 -0.32
N LEU A 337 16.15 8.42 -0.68
CA LEU A 337 16.29 9.29 -1.87
C LEU A 337 17.68 9.14 -2.49
N ALA A 338 17.74 8.61 -3.72
CA ALA A 338 19.01 8.43 -4.45
C ALA A 338 18.87 9.00 -5.88
N MET A 339 20.01 9.19 -6.54
CA MET A 339 20.02 9.42 -7.96
C MET A 339 21.32 8.88 -8.57
N GLY A 340 21.30 8.50 -9.84
CA GLY A 340 22.51 8.16 -10.58
C GLY A 340 22.39 8.22 -12.11
N PRO A 341 23.25 7.48 -12.75
CA PRO A 341 23.27 7.41 -14.19
C PRO A 341 21.89 7.20 -14.80
N GLY A 342 21.47 8.11 -15.64
CA GLY A 342 20.15 8.06 -16.22
C GLY A 342 19.75 9.23 -17.10
N PHE A 343 19.54 10.40 -16.52
CA PHE A 343 19.67 10.65 -15.10
C PHE A 343 18.37 10.20 -14.46
N CYS A 344 18.41 9.69 -13.23
CA CYS A 344 17.17 9.22 -12.62
C CYS A 344 17.22 9.55 -11.15
N THR A 345 16.09 9.38 -10.49
CA THR A 345 16.02 9.32 -9.04
C THR A 345 15.14 8.15 -8.73
N GLU A 346 15.29 7.70 -7.49
CA GLU A 346 14.54 6.65 -6.90
C GLU A 346 14.19 7.09 -5.51
N LEU A 347 12.96 6.81 -5.11
CA LEU A 347 12.52 7.15 -3.77
C LEU A 347 12.04 5.88 -3.08
N VAL A 348 12.38 5.69 -1.81
CA VAL A 348 11.89 4.42 -1.18
C VAL A 348 11.13 4.82 0.07
N LEU A 349 9.88 4.44 0.10
CA LEU A 349 9.08 4.57 1.25
C LEU A 349 9.30 3.45 2.29
N LEU A 350 9.60 3.94 3.49
CA LEU A 350 9.80 3.12 4.68
C LEU A 350 8.93 3.36 5.97
N ARG A 351 8.73 2.34 6.80
CA ARG A 351 8.12 2.67 8.08
C ARG A 351 8.84 2.00 9.18
N TRP A 352 9.35 2.81 10.11
CA TRP A 352 10.18 2.32 11.25
C TRP A 352 9.41 1.39 12.26
N ARG A 353 10.16 0.87 13.23
CA ARG A 353 9.62 0.05 14.33
C ARG A 353 9.88 0.71 15.71
N SER B 2 -6.73 19.57 5.36
CA SER B 2 -7.83 19.47 6.34
C SER B 2 -7.73 20.62 7.32
N VAL B 3 -8.46 21.68 7.03
CA VAL B 3 -8.37 22.97 7.68
C VAL B 3 -9.73 23.42 8.22
N ILE B 4 -9.82 23.59 9.52
CA ILE B 4 -11.08 24.09 10.06
C ILE B 4 -11.46 25.49 9.51
N ALA B 5 -12.63 25.56 8.89
CA ALA B 5 -12.99 26.76 8.19
C ALA B 5 -14.01 27.54 8.99
N GLY B 6 -14.73 26.83 9.88
CA GLY B 6 -15.78 27.38 10.76
C GLY B 6 -16.07 26.54 12.02
N VAL B 7 -16.57 27.13 13.10
CA VAL B 7 -16.88 26.36 14.36
C VAL B 7 -17.87 27.18 15.24
N PHE B 8 -19.06 26.66 15.52
CA PHE B 8 -20.07 27.47 16.10
C PHE B 8 -20.87 26.52 17.00
N GLY B 9 -21.15 27.06 18.22
CA GLY B 9 -22.05 26.50 19.22
C GLY B 9 -23.51 26.93 19.16
N ALA B 10 -24.40 26.10 19.65
CA ALA B 10 -25.76 26.50 19.78
C ALA B 10 -26.22 25.95 21.09
N LEU B 11 -27.13 26.66 21.73
CA LEU B 11 -27.64 26.36 23.03
C LEU B 11 -29.12 26.67 23.07
N PRO B 12 -29.82 25.98 23.95
CA PRO B 12 -31.24 26.20 24.11
C PRO B 12 -31.46 27.51 24.83
N PRO B 13 -32.52 28.22 24.55
CA PRO B 13 -32.61 29.61 25.09
C PRO B 13 -32.96 29.68 26.61
N HIS B 14 -33.28 28.57 27.27
CA HIS B 14 -33.68 28.49 28.68
C HIS B 14 -32.37 28.22 29.47
N ARG B 15 -31.63 29.26 29.81
CA ARG B 15 -30.56 29.19 30.82
C ARG B 15 -30.92 29.41 32.24
N TYR B 16 -30.72 28.37 33.01
CA TYR B 16 -30.89 28.36 34.47
C TYR B 16 -29.61 28.28 35.36
N SER B 17 -29.58 29.10 36.40
CA SER B 17 -28.42 29.02 37.35
C SER B 17 -28.49 27.61 37.94
N GLN B 18 -27.34 27.00 38.33
CA GLN B 18 -27.30 25.70 39.08
C GLN B 18 -28.25 25.73 40.27
N SER B 19 -28.09 26.75 41.14
CA SER B 19 -29.03 27.04 42.26
C SER B 19 -30.45 26.86 41.83
N GLU B 20 -30.89 27.56 40.79
CA GLU B 20 -32.31 27.43 40.44
C GLU B 20 -32.56 25.91 40.17
N ILE B 21 -31.60 25.25 39.52
CA ILE B 21 -31.84 23.91 39.01
C ILE B 21 -32.03 22.98 40.20
N THR B 22 -31.27 23.25 41.27
CA THR B 22 -31.01 22.30 42.30
C THR B 22 -32.19 22.44 43.23
N ASP B 23 -32.66 23.68 43.37
CA ASP B 23 -33.69 24.06 44.33
C ASP B 23 -34.96 23.43 43.93
N SER B 24 -35.29 23.50 42.60
CA SER B 24 -36.45 22.84 41.97
C SER B 24 -36.32 21.30 42.06
N PHE B 25 -35.10 20.83 41.77
CA PHE B 25 -34.93 19.45 41.40
C PHE B 25 -35.07 18.58 42.68
N VAL B 26 -34.52 19.03 43.82
CA VAL B 26 -34.76 18.34 45.08
C VAL B 26 -36.28 18.25 45.36
N GLU B 27 -37.05 18.99 44.63
CA GLU B 27 -38.46 18.93 44.92
C GLU B 27 -39.22 18.11 43.91
N PHE B 28 -38.61 17.63 42.85
CA PHE B 28 -39.30 16.75 41.92
C PHE B 28 -39.87 15.46 42.54
N PRO B 29 -40.93 14.87 42.00
CA PRO B 29 -41.40 13.64 42.64
C PRO B 29 -40.26 12.62 42.89
N GLY B 30 -40.24 12.09 44.11
CA GLY B 30 -39.32 11.01 44.36
C GLY B 30 -37.92 11.49 44.83
N LEU B 31 -37.71 12.78 44.94
CA LEU B 31 -36.37 13.22 45.25
C LEU B 31 -36.12 13.97 46.52
N LYS B 32 -37.16 14.34 47.23
CA LYS B 32 -36.98 15.04 48.52
C LYS B 32 -36.04 14.33 49.55
N GLU B 33 -36.12 12.98 49.66
CA GLU B 33 -35.33 12.18 50.62
C GLU B 33 -33.85 12.10 50.25
N HIS B 34 -33.59 12.43 48.99
CA HIS B 34 -32.20 12.57 48.59
C HIS B 34 -31.61 14.00 48.59
N GLU B 35 -32.34 14.97 49.17
CA GLU B 35 -31.96 16.38 49.17
C GLU B 35 -30.42 16.68 49.47
N GLU B 36 -29.83 15.93 50.41
CA GLU B 36 -28.46 16.29 50.82
C GLU B 36 -27.40 15.90 49.78
N ILE B 37 -27.50 14.68 49.23
CA ILE B 37 -26.47 14.21 48.30
C ILE B 37 -26.70 15.08 47.05
N ILE B 38 -27.98 15.33 46.71
CA ILE B 38 -28.26 16.11 45.47
C ILE B 38 -27.57 17.49 45.52
N ARG B 39 -27.80 18.29 46.60
CA ARG B 39 -27.07 19.55 46.87
C ARG B 39 -25.46 19.41 46.91
N ARG B 40 -24.97 18.41 47.67
CA ARG B 40 -23.57 17.98 47.65
C ARG B 40 -23.03 17.67 46.17
N LEU B 41 -23.71 16.90 45.36
CA LEU B 41 -23.26 16.62 44.01
C LEU B 41 -23.36 17.85 43.12
N HIS B 42 -24.42 18.63 43.15
CA HIS B 42 -24.70 19.80 42.29
C HIS B 42 -23.75 20.95 42.60
N ALA B 43 -23.48 21.05 43.86
CA ALA B 43 -22.56 22.04 44.30
C ALA B 43 -21.10 21.65 43.96
N ALA B 44 -20.77 20.37 44.08
CA ALA B 44 -19.42 19.87 43.91
C ALA B 44 -19.05 19.82 42.46
N ALA B 45 -20.09 19.80 41.60
CA ALA B 45 -19.94 19.88 40.12
C ALA B 45 -19.10 21.03 39.61
N LYS B 46 -19.15 22.17 40.29
CA LYS B 46 -18.54 23.35 39.76
C LYS B 46 -19.24 23.64 38.39
N VAL B 47 -20.49 23.18 38.25
CA VAL B 47 -21.32 23.67 37.19
C VAL B 47 -22.11 24.88 37.77
N ASN B 48 -22.28 25.92 36.96
CA ASN B 48 -22.88 27.12 37.50
C ASN B 48 -24.15 27.51 36.90
N GLY B 49 -24.48 26.83 35.82
CA GLY B 49 -25.51 27.23 34.92
C GLY B 49 -25.58 26.27 33.77
N ARG B 50 -26.81 26.10 33.26
CA ARG B 50 -27.13 25.19 32.10
C ARG B 50 -28.32 25.70 31.34
N HIS B 51 -28.18 25.65 30.03
CA HIS B 51 -29.34 25.71 29.17
C HIS B 51 -30.00 24.31 29.09
N LEU B 52 -31.30 24.33 29.18
CA LEU B 52 -32.13 23.16 29.08
C LEU B 52 -33.12 23.45 27.93
N VAL B 53 -33.56 22.39 27.23
CA VAL B 53 -34.44 22.36 26.07
C VAL B 53 -35.90 22.68 26.40
N LEU B 54 -36.35 22.01 27.49
CA LEU B 54 -37.64 22.22 28.15
C LEU B 54 -37.51 23.22 29.30
N PRO B 55 -38.71 23.89 29.58
CA PRO B 55 -38.78 24.66 30.86
C PRO B 55 -38.61 23.73 32.11
N LEU B 56 -37.82 24.22 33.07
CA LEU B 56 -37.33 23.39 34.21
C LEU B 56 -38.45 22.59 34.96
N GLN B 57 -39.57 23.29 35.23
CA GLN B 57 -40.78 22.70 35.86
C GLN B 57 -41.50 21.71 35.00
N GLN B 58 -41.05 21.48 33.79
CA GLN B 58 -41.66 20.46 32.89
C GLN B 58 -41.05 19.05 32.99
N TYR B 59 -39.88 18.88 33.59
CA TYR B 59 -39.31 17.55 33.61
C TYR B 59 -40.06 16.53 34.52
N PRO B 60 -40.63 17.06 35.66
CA PRO B 60 -41.24 15.97 36.47
C PRO B 60 -42.32 15.25 35.64
N SER B 61 -42.81 15.89 34.57
CA SER B 61 -43.87 15.29 33.76
C SER B 61 -43.38 14.36 32.60
N LEU B 62 -42.08 14.46 32.29
CA LEU B 62 -41.34 13.71 31.27
C LEU B 62 -40.96 12.29 31.75
N THR B 63 -41.94 11.40 31.96
CA THR B 63 -41.68 10.07 32.55
C THR B 63 -41.74 8.94 31.53
N ASP B 64 -42.02 9.26 30.27
CA ASP B 64 -42.26 8.25 29.27
C ASP B 64 -41.11 8.43 28.28
N PHE B 65 -40.33 7.37 28.04
CA PHE B 65 -39.27 7.34 27.02
C PHE B 65 -39.66 7.70 25.55
N GLY B 66 -40.73 7.12 25.06
CA GLY B 66 -41.18 7.55 23.75
C GLY B 66 -41.50 9.01 23.57
N ASP B 67 -42.15 9.72 24.54
CA ASP B 67 -42.43 11.22 24.49
C ASP B 67 -41.16 12.05 24.47
N ALA B 68 -40.26 11.55 25.32
CA ALA B 68 -38.93 12.07 25.55
C ALA B 68 -38.10 11.98 24.28
N ASN B 69 -38.26 10.86 23.53
CA ASN B 69 -37.47 10.58 22.34
C ASN B 69 -37.96 11.43 21.15
N GLU B 70 -39.30 11.54 21.06
CA GLU B 70 -40.00 12.32 20.05
C GLU B 70 -39.58 13.77 20.26
N ILE B 71 -39.51 14.15 21.52
CA ILE B 71 -39.04 15.49 21.79
C ILE B 71 -37.51 15.71 21.46
N PHE B 72 -36.64 14.70 21.74
CA PHE B 72 -35.25 14.70 21.23
C PHE B 72 -35.26 14.96 19.71
N ILE B 73 -35.99 14.13 19.00
CA ILE B 73 -36.02 14.31 17.56
C ILE B 73 -36.35 15.78 17.19
N GLU B 74 -37.54 16.26 17.53
CA GLU B 74 -37.98 17.62 17.25
C GLU B 74 -36.91 18.67 17.53
N LYS B 75 -36.39 18.63 18.76
CA LYS B 75 -35.38 19.58 19.24
C LYS B 75 -33.96 19.33 18.71
N ALA B 76 -33.54 18.10 18.56
CA ALA B 76 -32.14 17.94 18.18
C ALA B 76 -31.95 18.48 16.76
N VAL B 77 -32.94 18.38 15.84
CA VAL B 77 -32.86 18.89 14.47
C VAL B 77 -32.74 20.41 14.46
N ASP B 78 -33.72 21.12 14.99
CA ASP B 78 -33.60 22.56 15.25
C ASP B 78 -32.21 23.01 15.70
N LEU B 79 -31.65 22.43 16.76
CA LEU B 79 -30.32 22.89 17.21
C LEU B 79 -29.11 22.56 16.30
N GLY B 80 -29.17 21.44 15.56
CA GLY B 80 -28.09 21.09 14.67
C GLY B 80 -28.14 22.03 13.47
N VAL B 81 -29.44 22.36 13.10
CA VAL B 81 -29.62 23.25 11.96
C VAL B 81 -28.97 24.61 12.20
N GLU B 82 -29.21 24.98 13.55
CA GLU B 82 -28.74 26.26 13.99
C GLU B 82 -27.21 26.36 14.04
N ALA B 83 -26.65 25.48 14.85
CA ALA B 83 -25.20 25.18 14.86
C ALA B 83 -24.58 25.14 13.45
N LEU B 84 -25.08 24.37 12.52
CA LEU B 84 -24.39 24.13 11.26
C LEU B 84 -24.25 25.35 10.40
N LEU B 85 -25.29 26.11 10.44
CA LEU B 85 -25.54 27.22 9.64
C LEU B 85 -24.67 28.35 10.29
N GLY B 86 -24.66 28.52 11.61
CA GLY B 86 -23.63 29.40 12.21
C GLY B 86 -22.19 29.02 11.80
N ALA B 87 -21.89 27.74 11.78
CA ALA B 87 -20.57 27.23 11.34
C ALA B 87 -20.23 27.51 9.87
N LEU B 88 -21.24 27.36 9.04
CA LEU B 88 -21.12 27.63 7.65
C LEU B 88 -20.84 29.10 7.45
N ASP B 89 -21.62 29.93 8.11
CA ASP B 89 -21.57 31.37 8.00
C ASP B 89 -20.24 31.90 8.56
N ASP B 90 -19.76 31.27 9.62
CA ASP B 90 -18.41 31.40 10.11
C ASP B 90 -17.45 30.96 9.03
N ALA B 91 -17.74 29.94 8.28
CA ALA B 91 -16.84 29.59 7.19
C ALA B 91 -17.02 30.35 5.85
N ASN B 92 -18.11 31.07 5.70
CA ASN B 92 -18.50 31.72 4.46
C ASN B 92 -18.70 30.69 3.34
N LEU B 93 -19.70 29.85 3.52
CA LEU B 93 -19.97 28.73 2.67
C LEU B 93 -21.44 28.38 2.75
N ARG B 94 -21.95 27.68 1.76
CA ARG B 94 -23.41 27.39 1.73
C ARG B 94 -23.67 25.92 2.08
N PRO B 95 -24.89 25.58 2.58
CA PRO B 95 -25.36 24.20 2.53
C PRO B 95 -24.87 23.49 1.23
N SER B 96 -25.30 23.88 0.02
CA SER B 96 -24.84 23.25 -1.25
C SER B 96 -23.34 22.80 -1.32
N ASP B 97 -22.46 23.48 -0.56
CA ASP B 97 -21.00 23.32 -0.68
C ASP B 97 -20.45 22.06 -0.03
N ILE B 98 -21.28 21.56 0.90
CA ILE B 98 -21.02 20.38 1.68
C ILE B 98 -21.13 19.09 0.88
N ASP B 99 -20.02 18.36 0.95
CA ASP B 99 -19.81 17.07 0.37
C ASP B 99 -19.99 15.87 1.36
N MET B 100 -19.76 16.07 2.65
CA MET B 100 -20.01 15.08 3.71
C MET B 100 -20.50 15.66 5.04
N ILE B 101 -21.51 15.03 5.63
CA ILE B 101 -22.02 15.37 6.96
C ILE B 101 -21.81 14.16 7.87
N ALA B 102 -21.16 14.38 9.01
CA ALA B 102 -21.12 13.36 10.09
C ALA B 102 -21.93 13.94 11.28
N THR B 103 -22.61 13.09 12.02
CA THR B 103 -23.49 13.56 13.08
C THR B 103 -23.20 12.73 14.31
N ALA B 104 -23.12 13.38 15.49
CA ALA B 104 -22.82 12.71 16.75
C ALA B 104 -23.86 13.00 17.85
N THR B 105 -24.65 11.97 18.10
CA THR B 105 -25.37 11.94 19.36
C THR B 105 -25.16 10.65 20.25
N VAL B 106 -25.36 10.80 21.55
CA VAL B 106 -25.55 9.61 22.34
C VAL B 106 -26.86 9.63 23.11
N THR B 107 -27.63 10.71 22.98
CA THR B 107 -28.80 11.05 23.88
C THR B 107 -30.26 10.90 23.31
N GLY B 108 -30.35 10.40 22.08
CA GLY B 108 -31.59 9.77 21.65
C GLY B 108 -31.41 8.93 20.40
N VAL B 109 -32.52 8.39 19.90
CA VAL B 109 -32.43 7.40 18.85
C VAL B 109 -33.40 7.84 17.76
N ALA B 110 -32.86 8.41 16.67
CA ALA B 110 -33.62 8.92 15.52
C ALA B 110 -33.27 8.06 14.29
N VAL B 111 -34.20 7.27 13.77
CA VAL B 111 -34.11 6.77 12.38
C VAL B 111 -35.42 7.12 11.67
N PRO B 112 -35.35 7.88 10.51
CA PRO B 112 -34.07 8.32 9.89
C PRO B 112 -33.13 9.13 10.84
N SER B 113 -31.83 8.81 10.78
CA SER B 113 -30.71 9.55 11.46
C SER B 113 -30.85 11.11 11.38
N LEU B 114 -30.26 11.78 12.38
CA LEU B 114 -30.16 13.24 12.43
C LEU B 114 -29.50 13.90 11.17
N ASP B 115 -28.48 13.30 10.55
CA ASP B 115 -27.89 13.91 9.37
C ASP B 115 -28.85 13.81 8.13
N ALA B 116 -29.87 12.96 8.20
CA ALA B 116 -30.84 12.90 7.16
C ALA B 116 -31.79 14.08 7.42
N ARG B 117 -32.19 14.23 8.68
CA ARG B 117 -33.09 15.31 9.08
C ARG B 117 -32.44 16.73 8.73
N ILE B 118 -31.18 16.89 9.14
CA ILE B 118 -30.49 18.18 9.07
C ILE B 118 -30.31 18.54 7.63
N ALA B 119 -29.95 17.56 6.83
CA ALA B 119 -29.71 17.71 5.45
C ALA B 119 -30.96 18.10 4.73
N GLY B 120 -32.07 17.43 5.00
CA GLY B 120 -33.33 17.89 4.35
C GLY B 120 -33.74 19.32 4.70
N ARG B 121 -33.51 19.66 5.94
CA ARG B 121 -33.86 20.97 6.45
C ARG B 121 -33.03 22.11 5.84
N LEU B 122 -31.78 21.84 5.51
CA LEU B 122 -30.87 22.80 4.93
C LEU B 122 -30.63 22.71 3.42
N GLY B 123 -31.38 21.87 2.73
CA GLY B 123 -31.19 21.76 1.30
C GLY B 123 -29.73 21.43 0.91
N LEU B 124 -28.94 20.62 1.62
CA LEU B 124 -27.74 19.97 1.12
C LEU B 124 -28.03 19.08 -0.07
N ARG B 125 -26.92 18.97 -0.94
CA ARG B 125 -26.94 18.10 -2.11
C ARG B 125 -27.58 16.72 -1.76
N PRO B 126 -28.47 16.18 -2.63
CA PRO B 126 -29.06 14.86 -2.43
C PRO B 126 -28.03 13.84 -2.31
N ASP B 127 -26.84 14.10 -2.83
CA ASP B 127 -25.79 13.10 -2.90
C ASP B 127 -24.71 13.41 -1.83
N VAL B 128 -25.02 14.36 -0.91
CA VAL B 128 -24.14 14.50 0.25
C VAL B 128 -23.88 13.17 0.93
N ARG B 129 -22.64 12.86 1.25
CA ARG B 129 -22.14 11.70 2.05
C ARG B 129 -22.54 11.82 3.51
N ARG B 130 -23.39 10.91 3.99
CA ARG B 130 -23.78 10.85 5.41
C ARG B 130 -22.92 9.83 6.30
N MET B 131 -22.51 10.24 7.53
CA MET B 131 -21.93 9.45 8.64
C MET B 131 -22.62 9.71 9.97
N PRO B 132 -23.79 9.11 10.22
CA PRO B 132 -24.46 9.20 11.51
C PRO B 132 -23.75 8.36 12.66
N LEU B 133 -22.89 9.04 13.42
CA LEU B 133 -22.10 8.40 14.47
C LEU B 133 -22.87 8.33 15.80
N PHE B 134 -23.26 7.14 16.23
CA PHE B 134 -23.98 6.92 17.47
C PHE B 134 -23.25 6.00 18.45
N GLY B 135 -22.95 6.51 19.63
CA GLY B 135 -22.51 5.64 20.75
C GLY B 135 -21.06 5.70 21.16
N LEU B 136 -20.42 6.71 20.62
CA LEU B 136 -19.12 7.20 21.06
C LEU B 136 -19.24 8.05 22.32
N GLY B 137 -20.31 8.77 22.43
CA GLY B 137 -20.62 9.58 23.59
C GLY B 137 -19.74 10.80 23.77
N SER B 138 -19.11 10.90 24.96
CA SER B 138 -18.42 12.14 25.25
C SER B 138 -17.18 12.38 24.39
N VAL B 139 -16.68 11.36 23.65
CA VAL B 139 -15.41 11.39 22.89
C VAL B 139 -15.63 11.87 21.46
N ALA B 140 -16.91 12.15 21.13
CA ALA B 140 -17.37 12.25 19.77
C ALA B 140 -16.88 13.52 19.31
N GLY B 141 -16.84 14.46 20.21
CA GLY B 141 -16.39 15.78 19.76
C GLY B 141 -15.03 15.72 19.08
N ALA B 142 -14.01 15.10 19.72
CA ALA B 142 -12.69 15.10 19.17
C ALA B 142 -12.64 14.15 17.98
N ALA B 143 -13.36 13.06 18.13
CA ALA B 143 -13.38 11.93 17.22
C ALA B 143 -14.03 12.21 15.88
N GLY B 144 -15.22 12.81 15.94
CA GLY B 144 -15.86 13.40 14.75
C GLY B 144 -14.92 14.35 14.04
N VAL B 145 -14.22 15.18 14.81
CA VAL B 145 -13.22 16.04 14.20
C VAL B 145 -12.14 15.21 13.46
N ALA B 146 -11.92 13.96 13.86
CA ALA B 146 -10.70 13.31 13.38
C ALA B 146 -10.97 12.52 12.13
N ARG B 147 -12.25 12.16 11.97
CA ARG B 147 -12.93 11.58 10.80
C ARG B 147 -13.18 12.64 9.73
N LEU B 148 -13.27 13.89 10.17
CA LEU B 148 -13.43 14.91 9.20
C LEU B 148 -12.07 14.98 8.46
N ARG B 149 -10.95 14.86 9.21
CA ARG B 149 -9.63 14.89 8.54
C ARG B 149 -9.35 13.53 7.70
N ASP B 150 -9.72 12.40 8.30
CA ASP B 150 -9.68 11.18 7.59
C ASP B 150 -10.35 11.16 6.27
N TYR B 151 -11.55 11.70 6.18
CA TYR B 151 -12.26 11.95 4.89
C TYR B 151 -11.56 12.96 3.90
N LEU B 152 -11.27 14.17 4.47
CA LEU B 152 -10.72 15.36 3.77
C LEU B 152 -9.27 15.20 3.27
N ARG B 153 -8.65 14.12 3.74
CA ARG B 153 -7.29 13.74 3.34
C ARG B 153 -7.27 13.10 1.99
N GLY B 154 -8.28 12.27 1.70
CA GLY B 154 -8.51 11.77 0.38
C GLY B 154 -9.50 12.59 -0.42
N ALA B 155 -9.88 13.77 0.03
CA ALA B 155 -10.73 14.61 -0.83
C ALA B 155 -10.31 16.11 -0.66
N PRO B 156 -9.19 16.47 -1.30
CA PRO B 156 -8.55 17.71 -0.93
C PRO B 156 -9.31 18.95 -1.47
N ASP B 157 -10.43 18.76 -2.19
CA ASP B 157 -11.26 19.86 -2.68
C ASP B 157 -12.56 19.89 -1.98
N ASP B 158 -12.76 19.07 -0.95
CA ASP B 158 -14.10 18.92 -0.32
C ASP B 158 -14.41 19.81 0.90
N VAL B 159 -15.71 19.98 1.15
CA VAL B 159 -16.21 20.46 2.41
C VAL B 159 -16.84 19.30 3.28
N ALA B 160 -16.35 19.09 4.51
CA ALA B 160 -16.98 18.08 5.37
C ALA B 160 -17.40 18.77 6.66
N VAL B 161 -18.55 18.40 7.16
CA VAL B 161 -19.05 19.04 8.37
C VAL B 161 -19.35 17.99 9.46
N LEU B 162 -19.34 18.47 10.72
CA LEU B 162 -19.67 17.63 11.85
C LEU B 162 -20.70 18.33 12.68
N VAL B 163 -21.82 17.67 12.99
CA VAL B 163 -22.80 18.31 13.93
C VAL B 163 -23.06 17.44 15.16
N SER B 164 -22.80 18.03 16.34
CA SER B 164 -23.00 17.31 17.64
C SER B 164 -24.25 17.83 18.33
N VAL B 165 -25.15 16.92 18.72
CA VAL B 165 -26.33 17.34 19.49
C VAL B 165 -26.61 16.40 20.64
N GLU B 166 -26.42 16.99 21.78
CA GLU B 166 -26.56 16.32 23.00
C GLU B 166 -27.62 17.07 23.79
N LEU B 167 -28.74 16.42 23.98
CA LEU B 167 -29.81 16.86 24.90
C LEU B 167 -29.96 15.89 26.09
N CYS B 168 -29.06 16.02 27.05
CA CYS B 168 -28.95 15.08 28.22
C CYS B 168 -30.17 15.13 29.14
N SER B 169 -30.85 16.26 29.08
CA SER B 169 -31.92 16.44 30.01
C SER B 169 -33.07 15.55 29.51
N LEU B 170 -33.06 15.23 28.24
CA LEU B 170 -34.15 14.50 27.70
C LEU B 170 -34.16 13.02 28.08
N THR B 171 -33.09 12.60 28.70
CA THR B 171 -32.92 11.25 29.20
C THR B 171 -33.55 10.98 30.59
N TYR B 172 -34.10 12.01 31.19
CA TYR B 172 -34.75 12.00 32.50
C TYR B 172 -35.74 10.88 32.83
N PRO B 173 -36.47 10.34 31.76
CA PRO B 173 -37.31 9.20 32.14
C PRO B 173 -36.60 8.06 32.85
N ALA B 174 -35.33 7.92 32.59
CA ALA B 174 -34.54 6.85 33.08
C ALA B 174 -33.73 7.24 34.27
N VAL B 175 -34.07 8.34 34.89
CA VAL B 175 -33.39 8.83 36.06
C VAL B 175 -34.14 8.51 37.33
N LYS B 176 -33.45 7.79 38.19
CA LYS B 176 -33.92 7.41 39.49
C LYS B 176 -32.83 7.83 40.46
N PRO B 177 -33.27 8.20 41.74
CA PRO B 177 -32.19 8.66 42.62
C PRO B 177 -31.12 7.63 43.02
N THR B 178 -30.38 7.11 42.07
CA THR B 178 -29.19 6.34 42.39
C THR B 178 -27.99 7.14 42.03
N VAL B 179 -26.88 6.92 42.72
CA VAL B 179 -25.75 7.83 42.73
C VAL B 179 -25.18 8.17 41.37
N SER B 180 -25.02 7.16 40.58
CA SER B 180 -24.65 7.26 39.17
C SER B 180 -25.44 8.30 38.45
N SER B 181 -26.78 8.11 38.45
CA SER B 181 -27.77 8.99 37.77
C SER B 181 -27.72 10.40 38.39
N LEU B 182 -27.64 10.45 39.70
CA LEU B 182 -27.45 11.67 40.45
C LEU B 182 -26.22 12.52 40.21
N VAL B 183 -25.07 11.91 40.08
CA VAL B 183 -23.91 12.60 39.55
C VAL B 183 -24.30 13.23 38.14
N GLY B 184 -25.04 12.49 37.33
CA GLY B 184 -25.39 12.98 36.03
C GLY B 184 -26.22 14.27 35.98
N THR B 185 -27.13 14.38 36.94
CA THR B 185 -28.02 15.50 37.09
C THR B 185 -27.17 16.67 37.48
N ALA B 186 -26.06 16.36 38.20
CA ALA B 186 -25.17 17.39 38.71
C ALA B 186 -24.47 18.01 37.51
N LEU B 187 -24.11 17.21 36.53
CA LEU B 187 -23.23 17.64 35.46
C LEU B 187 -23.76 17.98 34.06
N PHE B 188 -24.66 17.17 33.51
CA PHE B 188 -25.00 17.24 32.11
C PHE B 188 -26.04 18.34 31.64
N GLY B 189 -25.64 19.14 30.64
CA GLY B 189 -26.56 20.12 30.01
C GLY B 189 -26.95 19.78 28.55
N ASP B 190 -27.64 20.74 27.93
CA ASP B 190 -28.16 20.62 26.58
C ASP B 190 -27.36 21.59 25.68
N GLY B 191 -27.15 21.23 24.40
CA GLY B 191 -26.56 22.09 23.34
C GLY B 191 -26.00 21.34 22.11
N ALA B 192 -25.31 22.05 21.25
CA ALA B 192 -25.01 21.54 19.89
C ALA B 192 -23.80 22.32 19.49
N ALA B 193 -22.92 21.71 18.73
CA ALA B 193 -21.88 22.46 18.12
C ALA B 193 -21.76 21.94 16.71
N ALA B 194 -21.28 22.74 15.79
CA ALA B 194 -20.86 22.13 14.55
C ALA B 194 -19.49 22.72 14.11
N VAL B 195 -18.70 21.83 13.48
CA VAL B 195 -17.44 22.13 12.72
C VAL B 195 -17.55 22.04 11.12
N VAL B 196 -17.14 23.09 10.39
CA VAL B 196 -16.92 22.96 8.94
C VAL B 196 -15.41 22.88 8.59
N ALA B 197 -15.00 21.82 7.91
CA ALA B 197 -13.60 21.70 7.53
C ALA B 197 -13.43 21.70 6.00
N VAL B 198 -12.18 21.85 5.58
CA VAL B 198 -11.91 21.92 4.14
C VAL B 198 -10.68 21.08 3.68
N GLY B 199 -10.80 20.46 2.53
CA GLY B 199 -9.69 19.83 1.84
C GLY B 199 -8.48 20.77 1.75
N ASP B 200 -7.29 20.22 1.50
CA ASP B 200 -6.10 21.03 1.57
C ASP B 200 -6.12 21.92 0.43
N ARG B 201 -6.50 21.39 -0.72
CA ARG B 201 -6.45 22.22 -1.92
C ARG B 201 -7.55 23.35 -1.89
N ARG B 202 -8.63 23.07 -1.17
CA ARG B 202 -9.72 23.99 -1.08
C ARG B 202 -9.38 25.17 -0.19
N ALA B 203 -8.60 25.00 0.88
CA ALA B 203 -8.52 26.03 1.96
C ALA B 203 -8.03 27.38 1.51
N GLU B 204 -7.11 27.40 0.58
CA GLU B 204 -6.49 28.63 0.10
C GLU B 204 -7.45 29.52 -0.64
N GLN B 205 -8.31 28.89 -1.38
CA GLN B 205 -9.36 29.51 -2.15
C GLN B 205 -10.61 29.96 -1.37
N VAL B 206 -10.75 29.50 -0.15
CA VAL B 206 -11.94 29.69 0.60
C VAL B 206 -11.66 30.75 1.65
N ARG B 207 -10.38 30.82 2.00
CA ARG B 207 -9.83 31.71 3.01
C ARG B 207 -10.06 31.08 4.36
N ALA B 208 -9.40 29.94 4.63
CA ALA B 208 -9.84 29.21 5.84
C ALA B 208 -9.09 29.61 7.09
N GLY B 209 -9.86 30.08 8.06
CA GLY B 209 -9.32 30.64 9.27
C GLY B 209 -8.84 29.56 10.22
N GLY B 210 -9.76 28.64 10.49
CA GLY B 210 -9.53 27.66 11.55
C GLY B 210 -8.11 27.06 11.54
N PRO B 211 -7.88 26.15 12.49
CA PRO B 211 -6.62 25.42 12.56
C PRO B 211 -6.59 24.26 11.53
N ASP B 212 -5.34 23.83 11.24
CA ASP B 212 -5.12 22.66 10.41
C ASP B 212 -5.36 21.50 11.35
N ILE B 213 -6.00 20.48 10.80
CA ILE B 213 -6.08 19.22 11.50
C ILE B 213 -4.89 18.45 10.99
N LEU B 214 -3.94 18.13 11.86
CA LEU B 214 -2.70 17.49 11.38
C LEU B 214 -2.85 15.99 11.52
N ASP B 215 -3.51 15.60 12.57
CA ASP B 215 -3.42 14.17 12.84
C ASP B 215 -4.18 13.79 14.12
N SER B 216 -4.30 12.46 14.38
CA SER B 216 -5.15 11.92 15.47
C SER B 216 -4.78 10.51 15.92
N ARG B 217 -5.15 10.23 17.16
CA ARG B 217 -4.88 8.93 17.75
C ARG B 217 -5.95 8.49 18.76
N SER B 218 -6.67 7.40 18.43
CA SER B 218 -7.63 6.69 19.33
C SER B 218 -6.91 5.82 20.47
N SER B 219 -7.55 5.75 21.67
CA SER B 219 -7.06 4.80 22.71
C SER B 219 -8.18 4.01 23.36
N LEU B 220 -8.26 2.71 23.12
CA LEU B 220 -9.34 2.04 23.71
C LEU B 220 -8.83 1.19 24.93
N TYR B 221 -9.33 1.47 26.12
CA TYR B 221 -8.80 0.71 27.23
C TYR B 221 -9.24 -0.74 27.28
N PRO B 222 -8.26 -1.71 27.34
CA PRO B 222 -8.79 -3.07 27.52
C PRO B 222 -9.77 -3.15 28.75
N ASP B 223 -10.74 -3.99 28.44
CA ASP B 223 -11.62 -4.57 29.40
C ASP B 223 -12.17 -3.45 30.28
N SER B 224 -12.83 -2.51 29.57
CA SER B 224 -13.19 -1.18 30.08
C SER B 224 -14.66 -0.84 29.93
N LEU B 225 -15.53 -1.78 29.46
CA LEU B 225 -16.89 -1.40 28.92
C LEU B 225 -17.89 -0.85 30.00
N HIS B 226 -17.81 -1.48 31.18
CA HIS B 226 -18.53 -1.15 32.34
C HIS B 226 -18.18 0.28 32.82
N ILE B 227 -17.16 0.91 32.33
CA ILE B 227 -16.79 2.20 32.89
C ILE B 227 -17.76 3.42 32.60
N MET B 228 -18.36 3.44 31.42
CA MET B 228 -19.28 4.49 31.00
C MET B 228 -20.11 3.99 29.78
N GLY B 229 -21.36 4.43 29.67
CA GLY B 229 -22.29 3.90 28.67
C GLY B 229 -23.73 4.07 29.11
N TRP B 230 -24.61 3.40 28.41
CA TRP B 230 -25.95 3.33 28.88
C TRP B 230 -26.40 1.94 29.17
N ASP B 231 -27.39 1.89 30.04
CA ASP B 231 -28.18 0.70 30.31
C ASP B 231 -29.52 1.03 29.68
N VAL B 232 -29.75 0.42 28.54
CA VAL B 232 -30.91 0.65 27.78
C VAL B 232 -32.10 -0.27 28.00
N GLY B 233 -33.29 0.33 28.07
CA GLY B 233 -34.48 -0.49 28.11
C GLY B 233 -35.72 0.30 28.17
N SER B 234 -36.78 -0.31 28.62
CA SER B 234 -38.12 0.29 28.48
C SER B 234 -38.23 1.76 28.94
N HIS B 235 -37.29 2.11 29.79
CA HIS B 235 -37.29 3.38 30.50
C HIS B 235 -36.40 4.39 29.84
N GLY B 236 -35.46 3.83 29.11
CA GLY B 236 -34.73 4.66 28.23
C GLY B 236 -33.27 4.46 28.33
N LEU B 237 -32.59 5.58 28.36
CA LEU B 237 -31.19 5.60 28.39
C LEU B 237 -30.70 5.82 29.88
N ARG B 238 -30.50 4.79 30.70
CA ARG B 238 -30.00 4.98 32.08
C ARG B 238 -28.49 5.16 32.11
N LEU B 239 -27.96 6.13 32.81
CA LEU B 239 -26.50 6.26 32.83
C LEU B 239 -25.87 5.09 33.57
N ARG B 240 -24.97 4.36 32.89
CA ARG B 240 -23.84 3.66 33.55
C ARG B 240 -22.67 4.61 33.68
N LEU B 241 -22.11 4.70 34.95
CA LEU B 241 -20.89 5.47 35.14
C LEU B 241 -20.18 5.08 36.43
N SER B 242 -19.00 4.48 36.19
CA SER B 242 -18.15 3.95 37.22
C SER B 242 -17.29 5.01 37.94
N PRO B 243 -17.20 4.94 39.29
CA PRO B 243 -16.27 5.74 40.11
C PRO B 243 -14.79 5.58 39.73
N ASP B 244 -14.48 4.55 38.95
CA ASP B 244 -13.12 4.12 38.67
C ASP B 244 -12.59 4.94 37.49
N LEU B 245 -13.42 5.79 36.95
CA LEU B 245 -13.06 6.20 35.62
C LEU B 245 -11.81 7.05 35.71
N THR B 246 -11.85 7.94 36.68
CA THR B 246 -10.78 8.84 37.01
C THR B 246 -9.40 8.17 37.25
N ASN B 247 -9.36 7.02 37.87
CA ASN B 247 -8.13 6.28 38.01
C ASN B 247 -7.47 5.82 36.74
N LEU B 248 -8.32 5.39 35.76
CA LEU B 248 -7.91 4.94 34.42
C LEU B 248 -7.21 6.04 33.77
N ILE B 249 -7.86 7.16 33.76
CA ILE B 249 -7.30 8.37 33.20
C ILE B 249 -5.86 8.63 33.73
N GLU B 250 -5.70 8.59 35.06
CA GLU B 250 -4.53 9.15 35.64
C GLU B 250 -3.49 8.07 35.78
N ARG B 251 -3.87 6.87 35.37
CA ARG B 251 -2.89 5.82 35.15
C ARG B 251 -2.51 5.75 33.64
N TYR B 252 -3.42 6.00 32.72
CA TYR B 252 -3.01 5.74 31.31
C TYR B 252 -2.89 6.92 30.28
N LEU B 253 -3.16 8.12 30.79
CA LEU B 253 -3.36 9.21 29.85
C LEU B 253 -2.03 9.77 29.35
N ALA B 254 -1.07 9.68 30.36
CA ALA B 254 0.25 10.20 30.10
C ALA B 254 0.91 9.41 28.97
N ASN B 255 1.07 8.11 29.20
CA ASN B 255 1.25 7.21 28.07
C ASN B 255 0.42 7.39 26.76
N ASP B 256 -0.90 7.68 26.78
CA ASP B 256 -1.52 7.99 25.47
C ASP B 256 -0.87 9.20 24.75
N VAL B 257 -0.72 10.29 25.49
CA VAL B 257 -0.14 11.53 24.96
C VAL B 257 1.37 11.46 24.58
N THR B 258 2.22 10.97 25.49
CA THR B 258 3.57 10.61 25.05
C THR B 258 3.68 9.70 23.76
N THR B 259 2.84 8.69 23.60
CA THR B 259 3.02 7.72 22.48
C THR B 259 2.75 8.44 21.19
N PHE B 260 1.82 9.40 21.25
CA PHE B 260 1.28 10.15 20.11
C PHE B 260 2.08 11.42 19.81
N LEU B 261 2.52 12.14 20.82
CA LEU B 261 3.23 13.32 20.47
C LEU B 261 4.62 12.80 20.06
N ASP B 262 5.01 11.68 20.64
CA ASP B 262 6.31 11.07 20.28
C ASP B 262 6.54 10.94 18.78
N ALA B 263 5.59 10.26 18.12
CA ALA B 263 5.61 10.04 16.67
C ALA B 263 5.74 11.23 15.78
N HIS B 264 5.29 12.42 16.25
CA HIS B 264 5.54 13.76 15.62
C HIS B 264 6.75 14.54 16.11
N ARG B 265 7.56 13.96 16.96
CA ARG B 265 8.72 14.62 17.46
C ARG B 265 8.28 15.80 18.29
N LEU B 266 7.37 15.56 19.22
CA LEU B 266 6.87 16.59 20.10
C LEU B 266 6.81 16.14 21.58
N THR B 267 6.52 17.18 22.36
CA THR B 267 6.59 17.11 23.78
C THR B 267 5.36 17.94 24.17
N LYS B 268 4.89 17.75 25.43
CA LYS B 268 3.68 18.43 25.89
C LYS B 268 4.18 19.80 26.11
N ASP B 269 5.47 20.04 25.92
CA ASP B 269 5.89 21.43 26.04
C ASP B 269 5.83 22.22 24.72
N ASP B 270 5.77 21.46 23.62
CA ASP B 270 5.54 22.08 22.32
C ASP B 270 4.07 22.51 22.30
N ILE B 271 3.31 22.11 23.28
CA ILE B 271 1.91 22.38 23.21
C ILE B 271 1.42 23.75 23.65
N GLY B 272 0.93 24.50 22.69
CA GLY B 272 0.51 25.91 22.77
C GLY B 272 -0.89 26.17 23.28
N ALA B 273 -1.77 25.16 23.23
CA ALA B 273 -3.13 25.30 23.82
C ALA B 273 -3.77 23.95 23.98
N TRP B 274 -4.56 23.77 25.03
CA TRP B 274 -5.22 22.51 25.28
C TRP B 274 -6.73 22.58 25.28
N VAL B 275 -7.24 21.72 24.46
CA VAL B 275 -8.66 21.62 24.14
C VAL B 275 -9.23 20.33 24.69
N SER B 276 -9.58 20.42 25.95
CA SER B 276 -9.91 19.27 26.64
C SER B 276 -11.38 19.17 27.01
N HIS B 277 -11.94 17.99 26.75
CA HIS B 277 -13.23 17.60 27.36
C HIS B 277 -13.47 17.91 28.91
N PRO B 278 -14.51 18.76 29.25
CA PRO B 278 -14.92 19.05 30.65
C PRO B 278 -15.53 17.88 31.43
N GLY B 279 -15.03 16.63 31.50
CA GLY B 279 -15.90 15.52 31.89
C GLY B 279 -16.40 15.69 33.29
N GLY B 280 -15.50 16.07 34.20
CA GLY B 280 -15.91 16.80 35.40
C GLY B 280 -14.70 17.30 36.22
N PRO B 281 -14.99 17.92 37.37
CA PRO B 281 -13.94 18.46 38.27
C PRO B 281 -12.75 17.46 38.49
N LYS B 282 -13.09 16.26 39.01
CA LYS B 282 -12.25 15.06 39.20
C LYS B 282 -11.45 14.61 37.97
N VAL B 283 -12.18 14.36 36.86
CA VAL B 283 -11.62 14.14 35.50
C VAL B 283 -10.58 15.23 35.11
N ILE B 284 -11.07 16.46 35.26
CA ILE B 284 -10.25 17.58 34.84
C ILE B 284 -8.89 17.71 35.60
N ASP B 285 -8.90 17.45 36.91
CA ASP B 285 -7.68 17.52 37.67
C ASP B 285 -6.79 16.39 37.37
N ALA B 286 -7.40 15.20 37.24
CA ALA B 286 -6.70 14.01 36.78
C ALA B 286 -5.94 14.30 35.51
N VAL B 287 -6.54 15.03 34.57
CA VAL B 287 -5.81 15.42 33.31
C VAL B 287 -4.54 16.30 33.53
N ALA B 288 -4.75 17.52 34.00
CA ALA B 288 -3.69 18.37 34.54
C ALA B 288 -2.57 17.63 35.33
N THR B 289 -3.00 16.70 36.18
CA THR B 289 -2.09 15.94 37.07
C THR B 289 -1.32 14.90 36.31
N SER B 290 -2.03 13.97 35.64
CA SER B 290 -1.34 12.93 34.88
C SER B 290 -0.34 13.61 33.92
N LEU B 291 -0.63 14.82 33.45
CA LEU B 291 0.17 15.36 32.34
C LEU B 291 1.11 16.45 32.83
N ALA B 292 1.28 16.66 34.13
CA ALA B 292 2.12 17.78 34.56
C ALA B 292 1.88 19.10 33.73
N LEU B 293 0.65 19.53 33.57
CA LEU B 293 0.42 20.79 32.90
C LEU B 293 0.29 21.89 33.91
N PRO B 294 0.64 23.17 33.45
CA PRO B 294 0.45 24.22 34.45
C PRO B 294 -0.98 24.54 34.84
N PRO B 295 -1.13 25.71 35.59
CA PRO B 295 -2.52 26.05 35.91
C PRO B 295 -3.36 26.43 34.71
N GLU B 296 -2.90 27.41 33.99
CA GLU B 296 -3.66 28.00 32.95
C GLU B 296 -3.97 27.10 31.83
N ALA B 297 -3.60 25.81 31.87
CA ALA B 297 -3.78 25.05 30.62
C ALA B 297 -5.28 24.71 30.36
N LEU B 298 -6.00 24.23 31.35
CA LEU B 298 -7.36 23.80 31.14
C LEU B 298 -8.37 24.91 31.48
N GLU B 299 -7.93 26.19 31.48
CA GLU B 299 -8.80 27.30 31.94
C GLU B 299 -9.99 27.49 31.06
N LEU B 300 -9.85 27.30 29.77
CA LEU B 300 -11.03 27.51 28.98
C LEU B 300 -12.02 26.35 29.30
N THR B 301 -11.47 25.16 29.70
CA THR B 301 -12.21 23.93 29.95
C THR B 301 -13.02 24.02 31.29
N TRP B 302 -12.34 24.44 32.36
CA TRP B 302 -13.04 24.89 33.61
C TRP B 302 -14.16 25.97 33.34
N ARG B 303 -13.85 27.00 32.53
CA ARG B 303 -14.84 28.06 32.21
C ARG B 303 -16.00 27.54 31.45
N SER B 304 -15.76 26.61 30.56
CA SER B 304 -16.92 26.08 29.84
C SER B 304 -17.85 25.25 30.70
N LEU B 305 -17.29 24.33 31.46
CA LEU B 305 -18.04 23.58 32.41
C LEU B 305 -18.83 24.46 33.38
N GLY B 306 -18.24 25.60 33.80
CA GLY B 306 -18.85 26.40 34.82
C GLY B 306 -20.02 27.09 34.20
N GLU B 307 -19.87 27.52 32.96
CA GLU B 307 -20.90 28.29 32.33
C GLU B 307 -22.03 27.48 31.63
N ILE B 308 -21.75 26.32 31.01
CA ILE B 308 -22.84 25.56 30.33
C ILE B 308 -22.94 24.02 30.68
N GLY B 309 -22.42 23.63 31.82
CA GLY B 309 -22.14 22.23 32.15
C GLY B 309 -21.37 21.36 31.19
N ASN B 310 -21.56 20.06 31.38
CA ASN B 310 -21.01 19.02 30.49
C ASN B 310 -22.12 18.67 29.51
N LEU B 311 -21.84 18.96 28.26
CA LEU B 311 -22.78 19.01 27.15
C LEU B 311 -22.52 17.83 26.24
N SER B 312 -21.68 16.94 26.75
CA SER B 312 -21.17 15.74 26.08
C SER B 312 -20.19 16.03 24.95
N SER B 313 -20.52 15.47 23.80
CA SER B 313 -19.60 15.46 22.70
C SER B 313 -19.55 16.93 22.23
N ALA B 314 -20.58 17.69 22.50
CA ALA B 314 -20.53 19.08 22.11
C ALA B 314 -19.61 20.01 22.91
N SER B 315 -19.24 19.68 24.13
CA SER B 315 -18.54 20.62 25.04
C SER B 315 -17.13 21.10 24.56
N ILE B 316 -16.34 20.12 24.10
CA ILE B 316 -15.00 20.20 23.55
C ILE B 316 -14.97 21.11 22.31
N LEU B 317 -16.06 21.06 21.52
CA LEU B 317 -16.20 21.95 20.37
C LEU B 317 -16.49 23.49 20.71
N HIS B 318 -17.36 23.72 21.66
CA HIS B 318 -17.39 25.00 22.36
C HIS B 318 -16.02 25.54 22.86
N ILE B 319 -15.24 24.64 23.49
CA ILE B 319 -13.96 25.01 24.07
C ILE B 319 -13.02 25.22 22.89
N LEU B 320 -13.22 24.36 21.87
CA LEU B 320 -12.58 24.54 20.57
C LEU B 320 -12.75 25.98 19.95
N ARG B 321 -14.01 26.46 19.79
CA ARG B 321 -14.39 27.88 19.42
C ARG B 321 -13.68 28.95 20.22
N ASP B 322 -13.82 28.78 21.53
CA ASP B 322 -13.18 29.64 22.55
C ASP B 322 -11.65 29.84 22.35
N THR B 323 -10.91 28.76 22.12
CA THR B 323 -9.45 28.78 21.99
C THR B 323 -8.99 29.54 20.70
N ILE B 324 -9.64 29.17 19.59
CA ILE B 324 -9.68 29.95 18.35
C ILE B 324 -9.88 31.47 18.66
N GLU B 325 -11.02 31.82 19.27
CA GLU B 325 -11.34 33.20 19.61
C GLU B 325 -10.28 33.91 20.48
N LYS B 326 -9.45 33.12 21.20
CA LYS B 326 -8.35 33.63 22.08
C LYS B 326 -7.01 33.88 21.37
N ARG B 327 -6.95 33.36 20.14
CA ARG B 327 -5.78 33.17 19.31
C ARG B 327 -4.59 32.66 20.07
N PRO B 328 -4.10 31.47 19.62
CA PRO B 328 -2.93 30.89 20.32
C PRO B 328 -1.66 31.19 19.53
N PRO B 329 -0.49 30.94 20.16
CA PRO B 329 0.68 31.29 19.36
C PRO B 329 0.60 30.67 17.96
N SER B 330 0.71 31.55 16.96
CA SER B 330 0.54 31.20 15.57
C SER B 330 1.47 30.15 15.09
N GLY B 331 0.91 29.15 14.43
CA GLY B 331 1.69 28.00 13.99
C GLY B 331 2.11 27.12 15.19
N SER B 332 1.72 27.48 16.43
CA SER B 332 1.89 26.49 17.50
C SER B 332 0.96 25.24 17.34
N ALA B 333 1.46 24.10 17.87
CA ALA B 333 0.70 22.88 18.15
C ALA B 333 -0.48 23.15 19.15
N GLY B 334 -1.60 22.44 18.97
CA GLY B 334 -2.60 22.38 20.04
C GLY B 334 -3.13 20.95 20.10
N LEU B 335 -3.55 20.48 21.27
CA LEU B 335 -4.13 19.14 21.43
C LEU B 335 -5.61 19.05 21.86
N MET B 336 -6.39 18.32 21.09
CA MET B 336 -7.76 18.02 21.42
C MET B 336 -7.74 16.73 22.18
N LEU B 337 -8.66 16.58 23.11
CA LEU B 337 -8.59 15.52 24.08
C LEU B 337 -9.90 15.23 24.75
N ALA B 338 -10.52 14.14 24.34
CA ALA B 338 -11.76 13.62 24.89
C ALA B 338 -11.63 12.19 25.37
N MET B 339 -12.47 11.84 26.32
CA MET B 339 -12.65 10.53 26.88
C MET B 339 -14.17 10.20 26.97
N GLY B 340 -14.47 8.91 26.76
CA GLY B 340 -15.83 8.51 26.40
C GLY B 340 -15.98 7.03 26.65
N PRO B 341 -17.22 6.50 26.42
CA PRO B 341 -17.53 5.03 26.47
C PRO B 341 -16.68 4.28 25.43
N GLY B 342 -16.24 3.08 25.82
CA GLY B 342 -15.06 2.34 25.32
C GLY B 342 -14.56 1.24 26.34
N PHE B 343 -13.94 1.67 27.45
CA PHE B 343 -13.52 3.11 27.67
C PHE B 343 -12.36 3.60 26.71
N CYS B 344 -12.39 4.89 26.37
CA CYS B 344 -11.40 5.52 25.46
C CYS B 344 -11.12 7.10 25.60
N THR B 345 -9.94 7.48 25.07
CA THR B 345 -9.42 8.83 24.90
C THR B 345 -9.38 8.99 23.40
N GLU B 346 -9.52 10.20 22.91
CA GLU B 346 -9.12 10.44 21.54
C GLU B 346 -8.26 11.71 21.56
N LEU B 347 -7.17 11.78 20.80
CA LEU B 347 -6.35 13.01 20.76
C LEU B 347 -6.41 13.53 19.31
N VAL B 348 -6.61 14.84 19.13
CA VAL B 348 -6.48 15.43 17.79
C VAL B 348 -5.38 16.46 17.80
N LEU B 349 -4.35 16.28 16.93
CA LEU B 349 -3.24 17.26 16.73
C LEU B 349 -3.62 18.45 15.75
N LEU B 350 -3.60 19.72 16.25
CA LEU B 350 -4.00 20.89 15.47
C LEU B 350 -2.77 21.72 15.26
N ARG B 351 -2.76 22.58 14.24
CA ARG B 351 -1.90 23.76 14.16
C ARG B 351 -2.77 25.04 14.06
N TRP B 352 -2.43 26.01 14.87
CA TRP B 352 -3.14 27.24 14.88
C TRP B 352 -2.66 28.15 13.81
N ARG B 353 -3.61 28.79 13.15
CA ARG B 353 -3.24 29.77 12.10
C ARG B 353 -2.51 31.08 12.57
N SER C 2 2.52 -15.31 -14.67
CA SER C 2 3.19 -14.56 -15.73
C SER C 2 3.00 -15.26 -17.07
N VAL C 3 2.82 -14.46 -18.08
CA VAL C 3 2.46 -15.05 -19.33
C VAL C 3 3.09 -14.23 -20.41
N ILE C 4 3.86 -14.94 -21.23
CA ILE C 4 4.53 -14.28 -22.34
C ILE C 4 3.43 -13.78 -23.24
N ALA C 5 3.65 -12.68 -23.93
CA ALA C 5 2.65 -12.13 -24.88
C ALA C 5 3.25 -11.76 -26.32
N GLY C 6 4.58 -11.95 -26.45
CA GLY C 6 5.37 -11.27 -27.45
C GLY C 6 6.81 -11.60 -27.35
N VAL C 7 7.30 -12.16 -28.38
CA VAL C 7 8.72 -12.41 -28.52
C VAL C 7 9.24 -11.90 -29.86
N PHE C 8 10.49 -11.64 -30.04
CA PHE C 8 10.96 -10.97 -31.24
C PHE C 8 12.49 -10.85 -31.24
N GLY C 9 13.09 -11.21 -32.37
CA GLY C 9 14.51 -11.07 -32.51
C GLY C 9 14.73 -10.09 -33.60
N ALA C 10 15.70 -9.23 -33.37
CA ALA C 10 16.14 -8.20 -34.26
C ALA C 10 17.55 -8.58 -34.64
N LEU C 11 17.99 -8.18 -35.81
CA LEU C 11 19.27 -8.63 -36.28
C LEU C 11 19.91 -7.67 -37.26
N PRO C 12 21.20 -7.48 -37.12
CA PRO C 12 21.93 -6.63 -38.02
C PRO C 12 21.69 -7.03 -39.46
N PRO C 13 21.36 -6.02 -40.22
CA PRO C 13 21.07 -6.12 -41.65
C PRO C 13 22.06 -7.07 -42.40
N HIS C 14 23.40 -6.87 -42.40
CA HIS C 14 24.28 -7.71 -43.28
C HIS C 14 24.51 -9.14 -42.70
N ARG C 15 24.12 -10.18 -43.44
CA ARG C 15 24.39 -11.60 -43.03
C ARG C 15 25.59 -12.08 -43.81
N TYR C 16 26.54 -12.74 -43.24
CA TYR C 16 27.60 -13.21 -44.08
C TYR C 16 27.65 -14.71 -44.01
N SER C 17 28.07 -15.35 -45.06
CA SER C 17 28.40 -16.75 -44.96
C SER C 17 29.49 -17.07 -43.97
N GLN C 18 29.31 -18.15 -43.18
CA GLN C 18 30.42 -18.81 -42.53
C GLN C 18 31.73 -18.85 -43.37
N SER C 19 31.63 -19.24 -44.66
CA SER C 19 32.76 -19.24 -45.63
C SER C 19 33.28 -17.88 -46.02
N GLU C 20 32.45 -16.92 -46.40
CA GLU C 20 33.09 -15.67 -46.73
C GLU C 20 33.61 -15.07 -45.47
N ILE C 21 33.10 -15.41 -44.30
CA ILE C 21 33.63 -14.81 -43.05
C ILE C 21 35.03 -15.43 -42.79
N THR C 22 35.18 -16.73 -43.05
CA THR C 22 36.50 -17.35 -42.86
C THR C 22 37.51 -16.81 -43.85
N ASP C 23 37.11 -16.65 -45.10
CA ASP C 23 38.08 -16.42 -46.15
C ASP C 23 38.58 -15.01 -45.98
N SER C 24 37.76 -14.15 -45.37
CA SER C 24 38.17 -12.77 -45.08
C SER C 24 38.98 -12.72 -43.82
N PHE C 25 38.60 -13.52 -42.83
CA PHE C 25 39.19 -13.51 -41.51
C PHE C 25 40.61 -14.02 -41.52
N VAL C 26 40.90 -14.97 -42.40
CA VAL C 26 42.26 -15.42 -42.59
C VAL C 26 43.22 -14.39 -43.18
N GLU C 27 42.71 -13.28 -43.68
CA GLU C 27 43.52 -12.20 -44.17
C GLU C 27 43.58 -11.01 -43.24
N PHE C 28 42.91 -11.09 -42.12
CA PHE C 28 42.93 -10.01 -41.16
C PHE C 28 44.34 -9.78 -40.63
N PRO C 29 44.70 -8.54 -40.38
CA PRO C 29 46.04 -8.24 -39.88
C PRO C 29 46.43 -9.17 -38.76
N GLY C 30 47.47 -9.96 -39.00
CA GLY C 30 47.95 -10.93 -38.06
C GLY C 30 47.36 -12.32 -38.02
N LEU C 31 46.59 -12.73 -39.02
CA LEU C 31 45.96 -14.01 -38.92
C LEU C 31 46.35 -15.11 -39.87
N LYS C 32 46.95 -14.80 -41.00
CA LYS C 32 47.25 -15.78 -42.03
C LYS C 32 48.10 -16.96 -41.58
N GLU C 33 48.95 -16.74 -40.59
CA GLU C 33 49.77 -17.78 -40.01
C GLU C 33 48.97 -18.92 -39.37
N HIS C 34 47.78 -18.62 -38.89
CA HIS C 34 46.90 -19.55 -38.20
C HIS C 34 45.71 -19.90 -39.01
N GLU C 35 45.75 -19.64 -40.31
CA GLU C 35 44.72 -19.94 -41.23
C GLU C 35 44.13 -21.33 -41.02
N GLU C 36 45.03 -22.30 -40.76
CA GLU C 36 44.67 -23.69 -40.76
C GLU C 36 43.79 -24.02 -39.56
N ILE C 37 44.13 -23.53 -38.39
CA ILE C 37 43.33 -23.79 -37.21
C ILE C 37 41.99 -23.10 -37.30
N ILE C 38 42.04 -21.91 -37.85
CA ILE C 38 40.87 -21.00 -38.20
C ILE C 38 39.87 -21.67 -39.14
N ARG C 39 40.35 -22.08 -40.28
CA ARG C 39 39.47 -22.90 -41.09
C ARG C 39 38.79 -24.09 -40.34
N ARG C 40 39.62 -24.81 -39.58
CA ARG C 40 39.19 -26.01 -38.82
C ARG C 40 38.14 -25.73 -37.70
N LEU C 41 38.37 -24.64 -36.96
CA LEU C 41 37.40 -24.22 -35.98
C LEU C 41 36.15 -23.57 -36.64
N HIS C 42 36.35 -22.79 -37.69
CA HIS C 42 35.22 -22.23 -38.39
C HIS C 42 34.31 -23.28 -39.11
N ALA C 43 34.92 -24.32 -39.64
CA ALA C 43 34.10 -25.32 -40.24
C ALA C 43 33.54 -26.18 -39.10
N ALA C 44 34.29 -26.43 -38.03
CA ALA C 44 33.83 -27.43 -37.03
C ALA C 44 32.58 -27.11 -36.16
N ALA C 45 32.02 -25.89 -36.35
CA ALA C 45 31.21 -25.08 -35.40
C ALA C 45 29.73 -25.19 -35.69
N LYS C 46 29.44 -25.53 -36.93
CA LYS C 46 28.07 -25.93 -37.40
C LYS C 46 27.09 -24.74 -37.41
N VAL C 47 27.72 -23.65 -37.82
CA VAL C 47 27.21 -22.32 -37.98
C VAL C 47 27.37 -21.99 -39.45
N ASN C 48 26.30 -21.71 -40.15
CA ASN C 48 26.39 -21.44 -41.60
C ASN C 48 26.42 -20.01 -42.06
N GLY C 49 26.04 -19.07 -41.18
CA GLY C 49 26.05 -17.62 -41.44
C GLY C 49 25.82 -16.92 -40.12
N ARG C 50 26.25 -15.68 -40.01
CA ARG C 50 25.96 -14.84 -38.82
C ARG C 50 25.61 -13.38 -39.22
N HIS C 51 24.87 -12.65 -38.41
CA HIS C 51 24.77 -11.26 -38.89
C HIS C 51 25.86 -10.49 -38.25
N LEU C 52 26.48 -9.56 -38.92
CA LEU C 52 27.37 -8.62 -38.26
C LEU C 52 26.89 -7.20 -38.30
N VAL C 53 27.09 -6.51 -37.20
CA VAL C 53 26.66 -5.15 -36.95
C VAL C 53 27.45 -4.13 -37.85
N LEU C 54 28.68 -4.51 -38.14
CA LEU C 54 29.65 -3.70 -38.86
C LEU C 54 30.00 -4.40 -40.13
N PRO C 55 30.47 -3.72 -41.16
CA PRO C 55 30.74 -4.55 -42.37
C PRO C 55 32.00 -5.43 -42.05
N LEU C 56 32.20 -6.48 -42.82
CA LEU C 56 33.09 -7.52 -42.38
C LEU C 56 34.46 -6.93 -42.47
N GLN C 57 34.69 -6.21 -43.58
CA GLN C 57 36.01 -5.70 -43.91
C GLN C 57 36.40 -4.53 -42.98
N GLN C 58 35.49 -4.11 -42.12
CA GLN C 58 35.83 -3.08 -41.18
C GLN C 58 36.48 -3.64 -39.92
N TYR C 59 36.33 -4.90 -39.61
CA TYR C 59 36.83 -5.44 -38.34
C TYR C 59 38.35 -5.36 -38.02
N PRO C 60 39.22 -5.60 -39.00
CA PRO C 60 40.64 -5.25 -38.91
C PRO C 60 41.03 -3.77 -38.39
N SER C 61 40.10 -2.85 -38.56
CA SER C 61 40.43 -1.52 -38.07
C SER C 61 39.89 -1.21 -36.71
N LEU C 62 39.31 -2.24 -36.07
CA LEU C 62 38.50 -2.11 -34.87
C LEU C 62 39.35 -2.67 -33.79
N THR C 63 40.35 -1.89 -33.35
CA THR C 63 41.50 -2.36 -32.54
C THR C 63 41.49 -1.65 -31.16
N ASP C 64 40.71 -0.60 -31.04
CA ASP C 64 40.58 0.14 -29.83
C ASP C 64 39.28 -0.15 -29.12
N PHE C 65 39.36 -0.53 -27.86
CA PHE C 65 38.25 -0.87 -26.99
C PHE C 65 37.21 0.24 -26.88
N GLY C 66 37.70 1.44 -26.63
CA GLY C 66 36.89 2.61 -26.60
C GLY C 66 36.09 2.86 -27.84
N ASP C 67 36.69 2.75 -29.01
CA ASP C 67 35.98 2.81 -30.28
C ASP C 67 34.93 1.73 -30.38
N ALA C 68 35.31 0.51 -30.06
CA ALA C 68 34.39 -0.60 -29.99
C ALA C 68 33.26 -0.42 -28.97
N ASN C 69 33.61 0.07 -27.79
CA ASN C 69 32.61 0.24 -26.77
C ASN C 69 31.57 1.29 -27.12
N GLU C 70 31.98 2.39 -27.75
CA GLU C 70 31.04 3.42 -28.19
C GLU C 70 30.22 2.92 -29.40
N ILE C 71 30.82 2.00 -30.19
CA ILE C 71 30.11 1.58 -31.40
C ILE C 71 29.01 0.75 -30.79
N PHE C 72 29.35 -0.06 -29.80
CA PHE C 72 28.40 -0.90 -29.10
C PHE C 72 27.20 -0.16 -28.66
N ILE C 73 27.45 0.83 -27.83
CA ILE C 73 26.37 1.62 -27.24
C ILE C 73 25.49 2.13 -28.33
N GLU C 74 26.02 2.82 -29.35
CA GLU C 74 25.19 3.30 -30.46
C GLU C 74 24.25 2.26 -31.09
N LYS C 75 24.84 1.09 -31.40
CA LYS C 75 24.17 0.08 -32.19
C LYS C 75 23.27 -0.79 -31.33
N ALA C 76 23.66 -1.00 -30.04
CA ALA C 76 22.94 -1.86 -29.11
C ALA C 76 21.72 -1.23 -28.80
N VAL C 77 21.69 0.06 -28.55
CA VAL C 77 20.43 0.71 -28.39
C VAL C 77 19.52 0.53 -29.60
N ASP C 78 20.01 0.83 -30.78
CA ASP C 78 19.25 0.69 -32.00
C ASP C 78 18.59 -0.67 -31.95
N LEU C 79 19.41 -1.70 -31.94
CA LEU C 79 18.95 -3.05 -32.04
C LEU C 79 18.05 -3.47 -30.90
N GLY C 80 18.28 -2.96 -29.70
CA GLY C 80 17.40 -3.31 -28.58
C GLY C 80 15.98 -2.73 -28.71
N VAL C 81 15.85 -1.47 -29.16
CA VAL C 81 14.52 -0.87 -29.30
C VAL C 81 13.79 -1.51 -30.51
N GLU C 82 14.58 -1.98 -31.46
CA GLU C 82 14.00 -2.70 -32.57
C GLU C 82 13.37 -3.98 -32.02
N ALA C 83 14.17 -4.85 -31.42
CA ALA C 83 13.60 -6.08 -30.75
C ALA C 83 12.30 -5.80 -29.95
N LEU C 84 12.39 -4.82 -29.06
CA LEU C 84 11.40 -4.49 -28.05
C LEU C 84 10.07 -4.11 -28.70
N LEU C 85 10.09 -3.14 -29.59
CA LEU C 85 8.93 -2.64 -30.33
C LEU C 85 8.24 -3.79 -31.05
N GLY C 86 9.04 -4.76 -31.54
CA GLY C 86 8.49 -5.88 -32.27
C GLY C 86 7.75 -6.85 -31.35
N ALA C 87 8.22 -6.95 -30.14
CA ALA C 87 7.63 -7.83 -29.18
C ALA C 87 6.30 -7.23 -28.79
N LEU C 88 6.28 -5.90 -28.67
CA LEU C 88 5.14 -5.14 -28.16
C LEU C 88 3.94 -5.28 -29.08
N ASP C 89 4.17 -4.99 -30.33
CA ASP C 89 3.30 -5.28 -31.49
C ASP C 89 2.60 -6.65 -31.57
N ASP C 90 3.46 -7.63 -31.34
CA ASP C 90 3.20 -9.00 -31.27
C ASP C 90 2.34 -9.29 -30.05
N ALA C 91 2.61 -8.57 -28.96
CA ALA C 91 1.78 -8.64 -27.77
C ALA C 91 0.57 -7.63 -27.97
N ASN C 92 0.65 -6.83 -29.01
CA ASN C 92 -0.29 -5.78 -29.29
C ASN C 92 -0.28 -4.62 -28.29
N LEU C 93 0.77 -4.48 -27.49
CA LEU C 93 0.88 -3.46 -26.46
C LEU C 93 1.75 -2.30 -26.93
N ARG C 94 1.91 -1.31 -26.03
CA ARG C 94 2.54 -0.04 -26.35
C ARG C 94 3.62 0.26 -25.28
N PRO C 95 4.80 0.84 -25.67
CA PRO C 95 5.90 1.22 -24.73
C PRO C 95 5.44 1.75 -23.39
N SER C 96 4.26 2.40 -23.35
CA SER C 96 3.79 3.05 -22.08
C SER C 96 3.24 2.08 -21.01
N ASP C 97 2.75 0.96 -21.46
CA ASP C 97 2.14 -0.06 -20.67
C ASP C 97 3.17 -0.85 -19.81
N ILE C 98 4.44 -0.93 -20.30
CA ILE C 98 5.60 -1.57 -19.58
C ILE C 98 5.81 -0.93 -18.23
N ASP C 99 5.72 -1.70 -17.13
CA ASP C 99 6.00 -1.24 -15.74
C ASP C 99 7.39 -1.65 -15.17
N MET C 100 8.16 -2.41 -15.95
CA MET C 100 9.55 -2.72 -15.65
C MET C 100 10.16 -3.31 -16.85
N ILE C 101 11.33 -2.83 -17.18
CA ILE C 101 12.15 -3.36 -18.27
C ILE C 101 13.44 -3.96 -17.64
N ALA C 102 13.67 -5.26 -17.93
CA ALA C 102 14.96 -5.89 -17.64
C ALA C 102 15.77 -5.87 -18.90
N THR C 103 17.08 -5.75 -18.76
CA THR C 103 17.96 -5.55 -19.86
C THR C 103 19.19 -6.45 -19.77
N ALA C 104 19.74 -6.95 -20.89
CA ALA C 104 20.71 -8.05 -20.75
C ALA C 104 21.91 -7.97 -21.66
N THR C 105 23.09 -7.69 -21.15
CA THR C 105 24.22 -7.82 -22.07
C THR C 105 25.49 -8.36 -21.36
N VAL C 106 26.44 -8.85 -22.18
CA VAL C 106 27.77 -9.26 -21.68
C VAL C 106 28.88 -8.69 -22.54
N THR C 107 28.37 -7.91 -23.47
CA THR C 107 29.14 -7.51 -24.63
C THR C 107 29.54 -6.01 -24.75
N GLY C 108 29.04 -5.17 -23.88
CA GLY C 108 29.47 -3.80 -23.87
C GLY C 108 29.27 -3.24 -22.49
N VAL C 109 29.81 -2.09 -22.23
CA VAL C 109 29.72 -1.57 -20.85
C VAL C 109 29.09 -0.20 -20.99
N ALA C 110 27.81 -0.12 -20.64
CA ALA C 110 26.97 1.02 -20.95
C ALA C 110 26.55 1.67 -19.63
N VAL C 111 26.97 2.88 -19.37
CA VAL C 111 26.54 3.63 -18.18
C VAL C 111 26.29 5.12 -18.52
N PRO C 112 25.05 5.63 -18.64
CA PRO C 112 23.79 4.94 -18.32
C PRO C 112 23.59 3.65 -19.11
N SER C 113 22.92 2.75 -18.39
CA SER C 113 22.62 1.42 -18.90
C SER C 113 21.79 1.46 -20.22
N LEU C 114 21.53 0.28 -20.79
CA LEU C 114 20.84 0.17 -22.10
C LEU C 114 19.33 0.37 -21.89
N ASP C 115 18.87 -0.03 -20.68
CA ASP C 115 17.47 -0.03 -20.34
C ASP C 115 17.13 1.41 -20.12
N ALA C 116 18.02 2.07 -19.40
CA ALA C 116 17.91 3.50 -19.34
C ALA C 116 17.72 4.11 -20.73
N ARG C 117 18.69 3.96 -21.63
CA ARG C 117 18.67 4.44 -23.01
C ARG C 117 17.44 4.01 -23.84
N ILE C 118 17.06 2.73 -23.74
CA ILE C 118 16.02 2.16 -24.59
C ILE C 118 14.71 2.84 -24.13
N ALA C 119 14.69 3.14 -22.81
CA ALA C 119 13.49 3.68 -22.20
C ALA C 119 13.35 5.10 -22.64
N GLY C 120 14.43 5.87 -22.71
CA GLY C 120 14.27 7.17 -23.34
C GLY C 120 13.79 7.13 -24.80
N ARG C 121 14.42 6.23 -25.54
CA ARG C 121 14.14 6.02 -26.94
C ARG C 121 12.63 5.78 -27.27
N LEU C 122 12.03 4.79 -26.64
CA LEU C 122 10.68 4.46 -26.94
C LEU C 122 9.72 5.21 -26.09
N GLY C 123 10.22 6.12 -25.29
CA GLY C 123 9.45 6.76 -24.24
C GLY C 123 8.68 5.88 -23.22
N LEU C 124 9.33 4.95 -22.53
CA LEU C 124 8.58 4.34 -21.46
C LEU C 124 8.22 5.43 -20.40
N ARG C 125 7.24 5.16 -19.58
CA ARG C 125 7.02 6.05 -18.47
C ARG C 125 8.32 6.40 -17.82
N PRO C 126 8.35 7.54 -17.17
CA PRO C 126 9.47 7.97 -16.35
C PRO C 126 9.67 7.18 -15.07
N ASP C 127 8.66 6.44 -14.66
CA ASP C 127 8.75 5.59 -13.53
C ASP C 127 8.78 4.13 -13.83
N VAL C 128 9.15 3.75 -15.02
CA VAL C 128 9.48 2.38 -15.26
C VAL C 128 10.59 1.85 -14.37
N ARG C 129 10.41 0.63 -13.91
CA ARG C 129 11.35 -0.04 -13.05
C ARG C 129 12.41 -0.70 -13.87
N ARG C 130 13.64 -0.35 -13.65
CA ARG C 130 14.70 -0.72 -14.55
C ARG C 130 15.55 -1.73 -13.88
N MET C 131 15.84 -2.81 -14.54
CA MET C 131 16.60 -3.92 -13.94
C MET C 131 17.78 -4.41 -14.85
N PRO C 132 18.94 -3.72 -14.79
CA PRO C 132 20.10 -3.86 -15.71
C PRO C 132 21.03 -5.06 -15.39
N LEU C 133 20.94 -6.18 -16.10
CA LEU C 133 21.79 -7.24 -15.73
C LEU C 133 23.09 -7.32 -16.59
N PHE C 134 24.23 -7.27 -15.92
CA PHE C 134 25.52 -7.59 -16.47
C PHE C 134 26.02 -8.84 -15.82
N GLY C 135 26.70 -9.67 -16.60
CA GLY C 135 27.56 -10.74 -16.09
C GLY C 135 27.04 -12.16 -16.00
N LEU C 136 25.87 -12.38 -16.58
CA LEU C 136 25.18 -13.63 -16.57
C LEU C 136 25.47 -14.31 -17.87
N GLY C 137 25.81 -13.47 -18.83
CA GLY C 137 26.31 -13.78 -20.17
C GLY C 137 25.38 -14.70 -20.91
N SER C 138 25.85 -15.86 -21.38
CA SER C 138 25.01 -16.90 -22.03
C SER C 138 23.79 -17.49 -21.29
N VAL C 139 23.72 -17.30 -19.96
CA VAL C 139 22.56 -17.78 -19.18
C VAL C 139 21.44 -16.78 -19.09
N ALA C 140 21.70 -15.57 -19.56
CA ALA C 140 20.80 -14.44 -19.36
C ALA C 140 19.41 -14.59 -20.07
N GLY C 141 19.31 -15.44 -21.09
CA GLY C 141 18.06 -15.49 -21.81
C GLY C 141 16.96 -16.21 -21.01
N ALA C 142 17.36 -17.34 -20.43
CA ALA C 142 16.55 -18.05 -19.41
C ALA C 142 16.45 -17.37 -18.01
N ALA C 143 17.58 -16.88 -17.54
CA ALA C 143 17.65 -16.11 -16.35
C ALA C 143 16.66 -14.95 -16.38
N GLY C 144 16.60 -14.21 -17.50
CA GLY C 144 15.82 -12.99 -17.57
C GLY C 144 14.35 -13.25 -17.68
N VAL C 145 14.02 -14.30 -18.38
CA VAL C 145 12.68 -14.74 -18.38
C VAL C 145 12.26 -15.23 -17.01
N ALA C 146 13.20 -15.82 -16.30
CA ALA C 146 12.80 -16.30 -15.00
C ALA C 146 12.62 -15.07 -14.00
N ARG C 147 13.43 -13.98 -14.08
CA ARG C 147 13.21 -12.89 -13.11
C ARG C 147 11.96 -12.10 -13.53
N LEU C 148 11.54 -12.21 -14.81
CA LEU C 148 10.29 -11.63 -15.32
C LEU C 148 9.08 -12.20 -14.55
N ARG C 149 9.05 -13.53 -14.44
CA ARG C 149 8.01 -14.18 -13.62
C ARG C 149 8.04 -13.80 -12.12
N ASP C 150 9.22 -14.01 -11.50
CA ASP C 150 9.56 -13.51 -10.15
C ASP C 150 9.01 -12.11 -9.89
N TYR C 151 9.10 -11.20 -10.87
CA TYR C 151 8.58 -9.84 -10.77
C TYR C 151 7.07 -9.90 -10.77
N LEU C 152 6.55 -10.54 -11.83
CA LEU C 152 5.13 -10.57 -12.14
C LEU C 152 4.29 -11.44 -11.20
N ARG C 153 4.86 -12.44 -10.55
CA ARG C 153 4.27 -13.07 -9.34
C ARG C 153 3.62 -12.13 -8.34
N GLY C 154 4.29 -11.00 -8.12
CA GLY C 154 3.92 -10.00 -7.09
C GLY C 154 3.25 -8.80 -7.70
N ALA C 155 2.96 -8.88 -9.02
CA ALA C 155 2.34 -7.78 -9.82
C ALA C 155 1.44 -8.33 -10.96
N PRO C 156 0.26 -8.90 -10.63
CA PRO C 156 -0.51 -9.67 -11.60
C PRO C 156 -1.17 -8.82 -12.71
N ASP C 157 -1.29 -7.50 -12.51
CA ASP C 157 -1.80 -6.57 -13.52
C ASP C 157 -0.69 -6.01 -14.35
N ASP C 158 0.55 -6.32 -14.00
CA ASP C 158 1.66 -5.70 -14.68
C ASP C 158 2.08 -6.16 -16.07
N VAL C 159 2.98 -5.40 -16.71
CA VAL C 159 3.69 -5.75 -17.93
C VAL C 159 5.16 -5.62 -17.58
N ALA C 160 5.94 -6.68 -17.77
CA ALA C 160 7.46 -6.56 -17.68
C ALA C 160 8.07 -7.04 -18.97
N VAL C 161 9.14 -6.40 -19.46
CA VAL C 161 9.82 -6.82 -20.70
C VAL C 161 11.32 -7.23 -20.43
N LEU C 162 11.87 -8.18 -21.20
CA LEU C 162 13.27 -8.44 -21.19
C LEU C 162 13.87 -8.07 -22.49
N VAL C 163 14.98 -7.37 -22.48
CA VAL C 163 15.53 -7.04 -23.80
C VAL C 163 16.96 -7.48 -23.77
N SER C 164 17.33 -8.50 -24.56
CA SER C 164 18.74 -9.02 -24.68
C SER C 164 19.50 -8.41 -25.86
N VAL C 165 20.71 -7.94 -25.69
CA VAL C 165 21.40 -7.52 -26.90
C VAL C 165 22.81 -7.95 -26.81
N GLU C 166 23.22 -8.74 -27.76
CA GLU C 166 24.61 -9.16 -27.73
C GLU C 166 25.29 -8.75 -29.04
N LEU C 167 26.35 -7.98 -28.98
CA LEU C 167 27.04 -7.62 -30.18
C LEU C 167 28.46 -8.18 -30.00
N CYS C 168 28.63 -9.49 -30.09
CA CYS C 168 29.95 -10.12 -29.88
C CYS C 168 31.14 -9.61 -30.80
N SER C 169 30.96 -9.52 -32.14
CA SER C 169 31.85 -8.69 -33.02
C SER C 169 32.75 -7.72 -32.31
N LEU C 170 32.15 -6.91 -31.43
CA LEU C 170 32.73 -5.62 -31.20
C LEU C 170 33.80 -5.80 -30.19
N THR C 171 33.86 -7.03 -29.67
CA THR C 171 34.91 -7.46 -28.74
C THR C 171 36.26 -7.62 -29.45
N TYR C 172 36.29 -7.44 -30.78
CA TYR C 172 37.45 -7.72 -31.66
C TYR C 172 38.83 -7.11 -31.21
N PRO C 173 38.79 -5.88 -30.63
CA PRO C 173 40.05 -5.36 -30.09
C PRO C 173 40.79 -6.32 -29.06
N ALA C 174 40.04 -7.07 -28.25
CA ALA C 174 40.55 -8.15 -27.34
C ALA C 174 40.94 -9.43 -28.00
N VAL C 175 40.56 -9.61 -29.28
CA VAL C 175 40.87 -10.85 -29.98
C VAL C 175 42.36 -10.90 -30.48
N LYS C 176 43.10 -11.94 -30.01
CA LYS C 176 44.44 -12.37 -30.50
C LYS C 176 44.34 -13.87 -30.87
N PRO C 177 45.16 -14.32 -31.86
CA PRO C 177 45.12 -15.73 -32.27
C PRO C 177 45.68 -16.74 -31.21
N THR C 178 44.96 -16.93 -30.09
CA THR C 178 45.14 -18.03 -29.15
C THR C 178 43.90 -18.89 -29.26
N VAL C 179 44.03 -20.12 -28.82
CA VAL C 179 42.98 -21.08 -29.14
C VAL C 179 41.64 -20.64 -28.57
N SER C 180 41.44 -20.44 -27.25
CA SER C 180 40.07 -20.06 -26.77
C SER C 180 39.44 -18.93 -27.55
N SER C 181 40.30 -18.02 -28.04
CA SER C 181 39.88 -16.73 -28.63
C SER C 181 39.34 -16.99 -30.01
N LEU C 182 40.10 -17.77 -30.81
CA LEU C 182 39.70 -18.28 -32.13
C LEU C 182 38.36 -19.13 -32.17
N VAL C 183 38.19 -19.94 -31.10
CA VAL C 183 36.98 -20.70 -30.87
C VAL C 183 35.84 -19.73 -30.86
N GLY C 184 36.00 -18.64 -30.07
CA GLY C 184 35.10 -17.48 -30.14
C GLY C 184 34.81 -16.90 -31.55
N THR C 185 35.86 -16.58 -32.32
CA THR C 185 35.68 -16.04 -33.68
C THR C 185 34.97 -17.04 -34.54
N ALA C 186 34.71 -18.24 -34.05
CA ALA C 186 34.01 -19.14 -35.01
C ALA C 186 32.52 -19.34 -34.62
N LEU C 187 32.18 -19.07 -33.35
CA LEU C 187 30.79 -19.25 -32.98
C LEU C 187 29.90 -17.99 -32.94
N PHE C 188 30.46 -16.88 -32.42
CA PHE C 188 29.56 -15.76 -31.94
C PHE C 188 29.13 -14.79 -33.02
N GLY C 189 27.87 -14.40 -32.99
CA GLY C 189 27.34 -13.53 -34.02
C GLY C 189 26.74 -12.39 -33.21
N ASP C 190 26.02 -11.56 -33.93
CA ASP C 190 25.38 -10.35 -33.36
C ASP C 190 23.83 -10.38 -33.45
N GLY C 191 23.11 -10.01 -32.40
CA GLY C 191 21.65 -9.90 -32.46
C GLY C 191 21.04 -9.52 -31.12
N ALA C 192 19.71 -9.56 -31.08
CA ALA C 192 18.95 -9.00 -29.96
C ALA C 192 17.61 -9.69 -29.95
N ALA C 193 17.10 -9.96 -28.77
CA ALA C 193 15.77 -10.48 -28.63
C ALA C 193 15.10 -9.61 -27.59
N ALA C 194 13.78 -9.37 -27.68
CA ALA C 194 13.00 -8.98 -26.54
C ALA C 194 11.83 -9.94 -26.19
N VAL C 195 11.60 -10.23 -24.93
CA VAL C 195 10.30 -10.78 -24.49
C VAL C 195 9.36 -9.74 -23.81
N VAL C 196 8.10 -9.73 -24.24
CA VAL C 196 7.03 -9.02 -23.49
C VAL C 196 6.19 -10.01 -22.61
N ALA C 197 6.30 -9.87 -21.27
CA ALA C 197 5.52 -10.70 -20.32
C ALA C 197 4.49 -9.87 -19.57
N VAL C 198 3.49 -10.55 -19.06
CA VAL C 198 2.35 -9.91 -18.47
C VAL C 198 1.94 -10.82 -17.33
N GLY C 199 1.40 -10.28 -16.25
CA GLY C 199 1.06 -11.04 -15.09
C GLY C 199 -0.33 -11.63 -15.11
N ASP C 200 -0.69 -12.36 -14.08
CA ASP C 200 -1.74 -13.33 -14.23
C ASP C 200 -3.10 -12.77 -14.55
N ARG C 201 -3.43 -11.62 -14.02
CA ARG C 201 -4.74 -11.09 -14.22
C ARG C 201 -4.92 -10.29 -15.51
N ARG C 202 -3.97 -9.40 -15.77
CA ARG C 202 -3.64 -8.86 -17.09
C ARG C 202 -3.45 -9.95 -18.21
N ALA C 203 -3.20 -11.22 -17.91
CA ALA C 203 -3.18 -12.11 -19.08
C ALA C 203 -4.57 -12.16 -19.68
N GLU C 204 -5.57 -12.30 -18.81
CA GLU C 204 -6.96 -12.49 -19.23
C GLU C 204 -7.34 -11.32 -20.11
N GLN C 205 -6.96 -10.10 -19.71
CA GLN C 205 -7.26 -8.86 -20.47
C GLN C 205 -6.62 -8.69 -21.86
N VAL C 206 -5.27 -8.71 -21.96
CA VAL C 206 -4.51 -8.44 -23.24
C VAL C 206 -4.53 -9.67 -24.10
N ARG C 207 -5.25 -10.65 -23.56
CA ARG C 207 -5.32 -12.01 -24.05
C ARG C 207 -3.93 -12.43 -24.56
N ALA C 208 -2.96 -12.47 -23.62
CA ALA C 208 -1.59 -13.08 -23.72
C ALA C 208 -1.52 -14.41 -24.42
N GLY C 209 -0.93 -14.42 -25.63
CA GLY C 209 -0.74 -15.61 -26.45
C GLY C 209 0.35 -16.59 -26.04
N GLY C 210 1.56 -16.09 -25.75
CA GLY C 210 2.74 -16.93 -25.46
C GLY C 210 2.61 -17.99 -24.40
N PRO C 211 3.72 -18.70 -24.09
CA PRO C 211 3.68 -19.69 -23.01
C PRO C 211 3.49 -19.06 -21.60
N ASP C 212 2.83 -19.78 -20.69
CA ASP C 212 2.70 -19.33 -19.33
C ASP C 212 4.07 -19.74 -18.77
N ILE C 213 4.71 -18.85 -18.00
CA ILE C 213 5.92 -19.12 -17.19
C ILE C 213 5.61 -19.58 -15.72
N LEU C 214 5.96 -20.81 -15.43
CA LEU C 214 5.44 -21.55 -14.31
C LEU C 214 6.47 -21.67 -13.24
N ASP C 215 7.70 -21.91 -13.64
CA ASP C 215 8.84 -21.98 -12.71
C ASP C 215 10.27 -21.85 -13.31
N SER C 216 11.25 -21.79 -12.38
CA SER C 216 12.72 -21.50 -12.56
C SER C 216 13.60 -22.24 -11.56
N ARG C 217 14.68 -22.87 -12.03
CA ARG C 217 15.76 -23.25 -11.15
C ARG C 217 17.14 -22.89 -11.63
N SER C 218 17.75 -21.98 -10.92
CA SER C 218 19.17 -21.62 -11.05
C SER C 218 20.00 -22.82 -10.51
N SER C 219 21.20 -23.00 -11.05
CA SER C 219 22.06 -24.00 -10.43
C SER C 219 23.51 -23.68 -10.67
N LEU C 220 24.15 -23.03 -9.67
CA LEU C 220 25.51 -22.54 -9.71
C LEU C 220 26.50 -23.61 -9.25
N TYR C 221 27.40 -24.14 -10.14
CA TYR C 221 28.38 -25.22 -9.92
C TYR C 221 29.47 -24.66 -9.12
N PRO C 222 29.77 -25.28 -7.95
CA PRO C 222 30.77 -24.66 -7.04
C PRO C 222 32.23 -24.58 -7.65
N ASP C 223 33.10 -23.63 -7.26
CA ASP C 223 34.46 -23.52 -7.85
C ASP C 223 34.48 -23.73 -9.42
N SER C 224 33.56 -23.11 -10.13
CA SER C 224 33.79 -23.14 -11.57
C SER C 224 33.90 -21.77 -12.17
N LEU C 225 34.31 -20.76 -11.42
CA LEU C 225 34.41 -19.39 -11.89
C LEU C 225 35.34 -19.22 -13.07
N HIS C 226 36.23 -20.16 -13.27
CA HIS C 226 37.17 -20.12 -14.41
C HIS C 226 36.65 -20.81 -15.73
N ILE C 227 35.60 -21.57 -15.68
CA ILE C 227 35.14 -22.23 -16.91
C ILE C 227 34.88 -21.28 -18.15
N MET C 228 34.43 -20.10 -17.75
CA MET C 228 34.13 -19.09 -18.74
C MET C 228 33.64 -17.77 -18.10
N GLY C 229 34.02 -16.69 -18.82
CA GLY C 229 33.74 -15.32 -18.52
C GLY C 229 34.72 -14.49 -19.37
N TRP C 230 35.16 -13.35 -18.84
CA TRP C 230 36.07 -12.39 -19.45
C TRP C 230 37.31 -12.05 -18.61
N ASP C 231 38.44 -11.94 -19.26
CA ASP C 231 39.58 -11.25 -18.64
C ASP C 231 39.48 -9.80 -19.17
N VAL C 232 38.85 -8.91 -18.37
CA VAL C 232 38.66 -7.46 -18.68
C VAL C 232 39.93 -6.63 -18.35
N GLY C 233 40.29 -5.83 -19.34
CA GLY C 233 41.56 -5.10 -19.42
C GLY C 233 41.59 -3.85 -20.38
N SER C 234 42.76 -3.17 -20.53
CA SER C 234 43.06 -2.08 -21.49
C SER C 234 42.69 -2.41 -22.95
N HIS C 235 42.75 -3.68 -23.26
N HIS C 235 42.76 -3.67 -23.29
CA HIS C 235 42.51 -4.30 -24.56
CA HIS C 235 42.43 -4.18 -24.61
C HIS C 235 41.00 -4.68 -24.82
C HIS C 235 40.98 -4.67 -24.83
N GLY C 236 40.16 -4.51 -23.82
CA GLY C 236 38.74 -4.86 -23.84
C GLY C 236 38.14 -6.09 -23.10
N LEU C 237 37.22 -6.79 -23.76
CA LEU C 237 36.65 -8.07 -23.22
C LEU C 237 37.21 -9.37 -23.84
N ARG C 238 38.25 -9.87 -23.19
CA ARG C 238 38.92 -11.01 -23.73
C ARG C 238 38.30 -12.34 -23.10
N LEU C 239 37.84 -13.20 -24.00
CA LEU C 239 37.14 -14.35 -23.52
C LEU C 239 38.05 -15.34 -22.81
N ARG C 240 37.54 -15.79 -21.66
CA ARG C 240 38.07 -16.95 -20.97
C ARG C 240 37.08 -18.11 -21.27
N LEU C 241 37.55 -19.20 -21.86
CA LEU C 241 36.72 -20.40 -22.03
C LEU C 241 37.49 -21.70 -21.89
N SER C 242 37.23 -22.36 -20.77
CA SER C 242 37.69 -23.71 -20.52
C SER C 242 37.23 -24.76 -21.51
N PRO C 243 38.18 -25.62 -21.92
CA PRO C 243 37.83 -26.85 -22.65
C PRO C 243 37.17 -27.89 -21.75
N ASP C 244 37.10 -27.56 -20.44
CA ASP C 244 36.45 -28.34 -19.42
C ASP C 244 34.96 -28.19 -19.32
N LEU C 245 34.37 -27.32 -20.10
CA LEU C 245 33.02 -26.87 -19.84
C LEU C 245 32.05 -28.00 -20.07
N THR C 246 32.18 -28.56 -21.25
CA THR C 246 31.42 -29.72 -21.73
C THR C 246 31.35 -30.88 -20.73
N ASN C 247 32.50 -31.11 -20.14
CA ASN C 247 32.63 -32.25 -19.33
C ASN C 247 31.72 -32.15 -18.08
N LEU C 248 31.47 -30.90 -17.61
CA LEU C 248 30.70 -30.55 -16.41
C LEU C 248 29.22 -30.59 -16.69
N ILE C 249 28.84 -30.28 -17.91
CA ILE C 249 27.50 -30.55 -18.37
C ILE C 249 27.21 -32.04 -18.36
N GLU C 250 28.13 -32.80 -18.90
CA GLU C 250 27.95 -34.27 -18.95
C GLU C 250 27.76 -34.95 -17.59
N ARG C 251 28.62 -34.47 -16.69
CA ARG C 251 28.63 -34.81 -15.32
C ARG C 251 27.38 -34.29 -14.58
N TYR C 252 27.18 -32.99 -14.58
CA TYR C 252 26.23 -32.47 -13.61
C TYR C 252 24.78 -32.05 -14.07
N LEU C 253 24.48 -32.13 -15.38
CA LEU C 253 23.23 -31.63 -15.90
C LEU C 253 21.94 -32.41 -15.55
N ALA C 254 22.01 -33.74 -15.67
CA ALA C 254 20.84 -34.60 -15.56
C ALA C 254 20.25 -34.39 -14.21
N ASN C 255 21.10 -34.36 -13.21
CA ASN C 255 20.61 -34.18 -11.89
C ASN C 255 19.88 -32.82 -11.76
N ASP C 256 20.45 -31.75 -12.37
CA ASP C 256 19.87 -30.42 -12.26
C ASP C 256 18.45 -30.52 -12.81
N VAL C 257 18.27 -31.20 -13.97
CA VAL C 257 16.99 -31.28 -14.67
C VAL C 257 15.99 -32.14 -13.89
N THR C 258 16.51 -33.24 -13.35
CA THR C 258 15.74 -34.20 -12.59
C THR C 258 15.25 -33.64 -11.26
N THR C 259 16.15 -32.99 -10.53
CA THR C 259 15.74 -32.35 -9.29
C THR C 259 14.61 -31.36 -9.50
N PHE C 260 14.58 -30.70 -10.65
CA PHE C 260 13.64 -29.63 -10.93
C PHE C 260 12.32 -30.21 -11.44
N LEU C 261 12.36 -31.18 -12.36
CA LEU C 261 11.06 -31.70 -12.83
C LEU C 261 10.37 -32.54 -11.76
N ASP C 262 11.09 -33.09 -10.80
CA ASP C 262 10.43 -33.93 -9.77
C ASP C 262 9.60 -33.05 -8.90
N ALA C 263 10.24 -31.95 -8.58
CA ALA C 263 9.66 -31.04 -7.63
C ALA C 263 8.24 -30.88 -8.16
N HIS C 264 8.13 -30.92 -9.51
CA HIS C 264 6.90 -30.71 -10.29
C HIS C 264 6.09 -31.98 -10.69
N ARG C 265 6.54 -33.14 -10.28
CA ARG C 265 5.93 -34.40 -10.71
C ARG C 265 5.87 -34.67 -12.21
N LEU C 266 7.00 -34.51 -12.85
CA LEU C 266 7.18 -34.69 -14.29
C LEU C 266 8.54 -35.29 -14.72
N THR C 267 8.56 -35.73 -15.98
CA THR C 267 9.68 -36.46 -16.53
C THR C 267 10.35 -35.75 -17.73
N LYS C 268 11.62 -36.06 -17.97
CA LYS C 268 12.26 -35.73 -19.23
C LYS C 268 11.29 -35.88 -20.38
N ASP C 269 10.48 -36.93 -20.34
CA ASP C 269 9.55 -37.16 -21.46
C ASP C 269 8.15 -36.53 -21.33
N ASP C 270 7.77 -35.97 -20.18
CA ASP C 270 6.53 -35.15 -20.25
C ASP C 270 6.84 -33.79 -20.88
N ILE C 271 8.07 -33.61 -21.36
CA ILE C 271 8.35 -32.32 -21.94
C ILE C 271 7.98 -32.25 -23.36
N GLY C 272 6.98 -31.39 -23.64
CA GLY C 272 6.51 -31.02 -24.96
C GLY C 272 7.55 -30.41 -25.89
N ALA C 273 8.24 -29.33 -25.54
CA ALA C 273 9.33 -28.86 -26.40
C ALA C 273 10.49 -28.37 -25.60
N TRP C 274 11.70 -28.59 -26.11
CA TRP C 274 12.92 -28.16 -25.43
C TRP C 274 13.51 -26.91 -26.10
N VAL C 275 13.63 -25.83 -25.31
CA VAL C 275 14.37 -24.58 -25.75
C VAL C 275 15.79 -24.43 -25.07
N SER C 276 16.79 -24.85 -25.84
CA SER C 276 18.15 -24.91 -25.39
C SER C 276 19.14 -23.87 -26.03
N HIS C 277 20.06 -23.45 -25.18
CA HIS C 277 21.03 -22.51 -25.59
C HIS C 277 22.03 -23.22 -26.56
N PRO C 278 22.21 -22.66 -27.77
CA PRO C 278 23.13 -23.28 -28.79
C PRO C 278 24.62 -22.95 -28.60
N GLY C 279 25.28 -23.43 -27.53
CA GLY C 279 26.52 -22.84 -27.21
C GLY C 279 27.61 -23.38 -28.08
N GLY C 280 27.43 -24.58 -28.59
CA GLY C 280 28.50 -25.22 -29.38
C GLY C 280 27.90 -26.55 -29.79
N PRO C 281 28.29 -27.10 -30.94
CA PRO C 281 27.62 -28.31 -31.30
C PRO C 281 27.91 -29.42 -30.19
N LYS C 282 29.09 -29.23 -29.63
CA LYS C 282 29.71 -30.04 -28.62
C LYS C 282 29.02 -29.89 -27.29
N VAL C 283 28.75 -28.66 -26.95
CA VAL C 283 27.69 -28.36 -25.96
C VAL C 283 26.31 -29.12 -26.25
N ILE C 284 25.63 -28.78 -27.33
CA ILE C 284 24.31 -29.33 -27.66
C ILE C 284 24.26 -30.89 -27.52
N ASP C 285 25.25 -31.57 -28.13
CA ASP C 285 25.48 -33.01 -28.04
C ASP C 285 25.48 -33.40 -26.61
N ALA C 286 26.42 -32.79 -25.87
CA ALA C 286 26.63 -33.03 -24.42
C ALA C 286 25.30 -32.94 -23.63
N VAL C 287 24.54 -31.86 -23.87
CA VAL C 287 23.18 -31.69 -23.35
C VAL C 287 22.26 -32.79 -23.79
N ALA C 288 22.14 -33.00 -25.10
CA ALA C 288 21.39 -34.21 -25.48
C ALA C 288 21.97 -35.56 -24.98
N THR C 289 23.29 -35.65 -24.89
CA THR C 289 23.86 -36.86 -24.46
C THR C 289 23.44 -37.13 -23.02
N SER C 290 23.83 -36.30 -22.06
CA SER C 290 23.41 -36.37 -20.65
C SER C 290 21.88 -36.54 -20.39
N LEU C 291 21.05 -35.86 -21.17
CA LEU C 291 19.58 -35.99 -20.97
C LEU C 291 18.95 -37.16 -21.73
N ALA C 292 19.74 -37.83 -22.59
CA ALA C 292 19.32 -39.02 -23.38
C ALA C 292 17.92 -38.75 -23.97
N LEU C 293 17.90 -37.57 -24.72
CA LEU C 293 17.00 -36.98 -25.70
C LEU C 293 17.23 -37.57 -27.08
N PRO C 294 16.17 -37.69 -27.89
CA PRO C 294 16.33 -38.06 -29.31
C PRO C 294 16.85 -36.85 -30.05
N PRO C 295 17.29 -37.00 -31.33
CA PRO C 295 17.92 -35.93 -32.19
C PRO C 295 16.93 -34.85 -32.51
N GLU C 296 15.66 -35.20 -32.58
CA GLU C 296 14.65 -34.18 -32.81
C GLU C 296 14.51 -33.20 -31.60
N ALA C 297 14.74 -33.69 -30.39
CA ALA C 297 14.46 -32.81 -29.24
C ALA C 297 14.98 -31.36 -29.44
N LEU C 298 16.23 -31.25 -29.81
CA LEU C 298 16.93 -30.01 -29.98
C LEU C 298 17.20 -29.60 -31.42
N GLU C 299 16.27 -29.78 -32.32
CA GLU C 299 16.53 -29.42 -33.70
C GLU C 299 16.51 -27.93 -33.99
N LEU C 300 15.53 -27.21 -33.46
CA LEU C 300 15.49 -25.75 -33.62
C LEU C 300 16.77 -25.05 -33.05
N THR C 301 17.42 -25.67 -32.07
CA THR C 301 18.61 -25.06 -31.49
C THR C 301 19.71 -25.23 -32.51
N TRP C 302 19.79 -26.45 -33.02
CA TRP C 302 20.79 -26.83 -33.99
C TRP C 302 20.63 -25.93 -35.16
N ARG C 303 19.38 -25.60 -35.51
CA ARG C 303 19.18 -24.79 -36.70
C ARG C 303 19.38 -23.30 -36.46
N SER C 304 19.06 -22.89 -35.25
CA SER C 304 19.33 -21.54 -34.92
C SER C 304 20.84 -21.35 -34.96
N LEU C 305 21.61 -22.22 -34.33
CA LEU C 305 23.06 -22.09 -34.45
C LEU C 305 23.49 -21.95 -35.91
N GLY C 306 22.99 -22.80 -36.79
CA GLY C 306 23.48 -22.91 -38.17
C GLY C 306 23.17 -21.60 -38.84
N GLU C 307 21.98 -21.05 -38.55
CA GLU C 307 21.43 -19.86 -39.24
C GLU C 307 21.90 -18.38 -38.89
N ILE C 308 22.25 -18.12 -37.64
CA ILE C 308 22.66 -16.81 -37.14
C ILE C 308 23.83 -16.79 -36.08
N GLY C 309 24.50 -17.96 -35.88
CA GLY C 309 25.62 -18.21 -35.03
C GLY C 309 25.10 -18.28 -33.59
N ASN C 310 26.07 -18.31 -32.65
CA ASN C 310 25.89 -18.05 -31.20
C ASN C 310 25.71 -16.54 -30.87
N LEU C 311 24.63 -16.20 -30.19
CA LEU C 311 24.20 -14.81 -30.03
C LEU C 311 24.16 -14.54 -28.52
N SER C 312 24.93 -15.38 -27.81
CA SER C 312 25.06 -15.41 -26.34
C SER C 312 23.63 -15.47 -25.78
N SER C 313 23.22 -14.53 -24.95
CA SER C 313 21.95 -14.67 -24.24
C SER C 313 20.72 -14.70 -25.18
N ALA C 314 20.80 -13.87 -26.20
CA ALA C 314 19.72 -13.69 -27.13
C ALA C 314 19.38 -14.94 -27.97
N SER C 315 20.32 -15.86 -28.15
CA SER C 315 20.06 -17.06 -28.95
C SER C 315 18.83 -17.90 -28.64
N ILE C 316 18.70 -18.32 -27.38
CA ILE C 316 17.53 -19.00 -26.82
C ILE C 316 16.16 -18.30 -27.05
N LEU C 317 16.14 -17.00 -27.00
CA LEU C 317 14.97 -16.25 -27.21
C LEU C 317 14.68 -16.32 -28.71
N HIS C 318 15.69 -16.45 -29.57
CA HIS C 318 15.36 -16.74 -30.97
C HIS C 318 14.69 -18.08 -31.18
N ILE C 319 15.10 -19.00 -30.36
CA ILE C 319 14.86 -20.39 -30.56
C ILE C 319 13.54 -20.58 -29.91
N LEU C 320 13.27 -19.74 -28.94
CA LEU C 320 11.99 -19.74 -28.30
C LEU C 320 10.92 -19.10 -29.13
N ARG C 321 11.23 -18.10 -29.98
CA ARG C 321 10.25 -17.55 -30.97
C ARG C 321 9.97 -18.61 -32.10
N ASP C 322 11.00 -19.32 -32.50
CA ASP C 322 10.91 -20.38 -33.51
C ASP C 322 9.92 -21.42 -33.03
N THR C 323 10.04 -21.75 -31.75
CA THR C 323 9.31 -22.79 -31.10
C THR C 323 7.81 -22.44 -31.03
N ILE C 324 7.53 -21.29 -30.48
CA ILE C 324 6.20 -20.74 -30.50
C ILE C 324 5.66 -20.87 -31.91
N GLU C 325 6.48 -20.45 -32.87
CA GLU C 325 6.05 -20.48 -34.26
C GLU C 325 5.60 -21.77 -34.83
N LYS C 326 6.35 -22.83 -34.61
CA LYS C 326 6.03 -24.25 -34.76
C LYS C 326 4.86 -24.87 -33.98
N ARG C 327 4.26 -24.10 -33.09
CA ARG C 327 3.18 -24.43 -32.09
C ARG C 327 3.13 -25.83 -31.51
N PRO C 328 3.82 -26.06 -30.35
CA PRO C 328 3.92 -27.43 -29.79
C PRO C 328 2.57 -27.73 -29.12
N PRO C 329 2.32 -29.01 -28.67
CA PRO C 329 0.91 -29.37 -28.46
C PRO C 329 0.44 -28.56 -27.29
N SER C 330 -0.78 -28.06 -27.50
CA SER C 330 -1.44 -27.19 -26.55
C SER C 330 -1.53 -27.84 -25.09
N GLY C 331 -1.14 -27.04 -24.09
CA GLY C 331 -1.24 -27.40 -22.68
C GLY C 331 -0.10 -28.32 -22.23
N SER C 332 0.79 -28.68 -23.16
CA SER C 332 2.01 -29.43 -22.82
C SER C 332 3.01 -28.38 -22.27
N ALA C 333 4.13 -28.94 -21.83
CA ALA C 333 5.13 -28.29 -21.03
C ALA C 333 6.40 -28.10 -21.83
N GLY C 334 7.01 -26.91 -21.80
CA GLY C 334 8.27 -26.65 -22.48
C GLY C 334 9.35 -26.47 -21.44
N LEU C 335 10.60 -26.40 -21.80
CA LEU C 335 11.61 -26.28 -20.75
C LEU C 335 12.59 -25.38 -21.38
N MET C 336 12.89 -24.26 -20.73
CA MET C 336 14.08 -23.52 -21.15
C MET C 336 15.40 -24.01 -20.48
N LEU C 337 16.47 -24.06 -21.25
CA LEU C 337 17.71 -24.50 -20.66
C LEU C 337 18.93 -23.72 -21.16
N ALA C 338 19.58 -23.00 -20.26
CA ALA C 338 20.68 -22.13 -20.69
C ALA C 338 21.91 -22.48 -19.80
N MET C 339 23.12 -22.13 -20.28
CA MET C 339 24.34 -22.25 -19.41
C MET C 339 25.27 -21.07 -19.69
N GLY C 340 26.18 -20.79 -18.76
CA GLY C 340 26.99 -19.59 -18.87
C GLY C 340 27.96 -19.32 -17.74
N PRO C 341 28.61 -18.10 -17.71
CA PRO C 341 29.58 -17.78 -16.62
C PRO C 341 28.97 -17.92 -15.26
N GLY C 342 29.70 -18.65 -14.43
CA GLY C 342 29.22 -19.08 -13.14
C GLY C 342 30.22 -19.97 -12.48
N PHE C 343 30.38 -21.14 -13.07
CA PHE C 343 29.37 -21.73 -13.98
C PHE C 343 27.95 -22.12 -13.36
N CYS C 344 26.92 -21.88 -14.16
CA CYS C 344 25.51 -22.19 -13.85
C CYS C 344 24.62 -22.67 -15.04
N THR C 345 23.51 -23.25 -14.68
CA THR C 345 22.42 -23.53 -15.55
C THR C 345 21.15 -22.73 -15.06
N GLU C 346 20.20 -22.46 -15.94
CA GLU C 346 18.91 -21.95 -15.52
C GLU C 346 17.89 -22.81 -16.24
N LEU C 347 16.95 -23.37 -15.54
CA LEU C 347 15.82 -23.92 -16.22
C LEU C 347 14.55 -23.13 -16.10
N VAL C 348 13.78 -23.04 -17.17
CA VAL C 348 12.53 -22.31 -17.05
C VAL C 348 11.42 -23.22 -17.47
N LEU C 349 10.53 -23.56 -16.58
CA LEU C 349 9.41 -24.42 -16.96
C LEU C 349 8.26 -23.56 -17.63
N LEU C 350 7.79 -23.94 -18.81
CA LEU C 350 6.76 -23.24 -19.57
C LEU C 350 5.55 -24.11 -19.88
N ARG C 351 4.44 -23.54 -20.31
CA ARG C 351 3.32 -24.36 -20.75
C ARG C 351 2.80 -23.67 -21.95
N TRP C 352 2.92 -24.30 -23.10
CA TRP C 352 2.37 -23.78 -24.35
C TRP C 352 0.87 -23.65 -24.39
N ARG C 353 0.36 -22.54 -24.91
CA ARG C 353 -1.02 -22.56 -25.41
C ARG C 353 -1.20 -23.60 -26.58
N SER D 2 -9.25 1.52 -3.75
CA SER D 2 -9.32 0.37 -2.80
C SER D 2 -9.84 -0.90 -3.40
N VAL D 3 -9.45 -1.98 -2.77
CA VAL D 3 -9.87 -3.31 -3.18
C VAL D 3 -10.58 -3.97 -2.02
N ILE D 4 -11.67 -4.68 -2.25
CA ILE D 4 -12.09 -5.71 -1.29
C ILE D 4 -11.07 -6.84 -1.07
N ALA D 5 -10.98 -7.40 0.14
CA ALA D 5 -10.04 -8.52 0.36
C ALA D 5 -10.70 -9.76 0.83
N GLY D 6 -11.55 -9.63 1.84
CA GLY D 6 -12.53 -10.66 2.07
C GLY D 6 -13.99 -10.28 2.27
N VAL D 7 -14.87 -11.25 2.21
CA VAL D 7 -16.29 -11.09 2.48
C VAL D 7 -16.89 -12.36 3.05
N PHE D 8 -17.70 -12.27 4.01
CA PHE D 8 -18.10 -13.44 4.75
C PHE D 8 -19.39 -13.18 5.52
N GLY D 9 -20.46 -13.94 5.27
CA GLY D 9 -21.67 -13.91 6.08
C GLY D 9 -21.69 -14.85 7.30
N ALA D 10 -22.24 -14.43 8.40
CA ALA D 10 -22.40 -15.30 9.52
C ALA D 10 -23.84 -15.25 9.95
N LEU D 11 -24.38 -16.42 10.24
CA LEU D 11 -25.77 -16.64 10.55
C LEU D 11 -25.96 -17.45 11.82
N PRO D 12 -27.01 -17.17 12.57
CA PRO D 12 -27.27 -17.93 13.78
C PRO D 12 -27.52 -19.40 13.50
N PRO D 13 -27.15 -20.29 14.41
CA PRO D 13 -27.40 -21.73 14.12
C PRO D 13 -28.88 -22.11 13.89
N HIS D 14 -29.85 -21.63 14.67
CA HIS D 14 -31.23 -22.12 14.51
C HIS D 14 -31.74 -21.75 13.10
N ARG D 15 -32.04 -22.70 12.25
CA ARG D 15 -32.66 -22.37 10.99
C ARG D 15 -34.07 -22.91 10.90
N TYR D 16 -35.00 -22.09 10.46
CA TYR D 16 -36.42 -22.57 10.26
C TYR D 16 -36.99 -22.42 8.88
N SER D 17 -37.69 -23.38 8.32
CA SER D 17 -38.55 -22.96 7.18
C SER D 17 -39.47 -21.83 7.60
N GLN D 18 -39.88 -20.94 6.64
CA GLN D 18 -41.06 -20.04 6.71
C GLN D 18 -42.31 -20.60 7.40
N SER D 19 -42.70 -21.81 6.98
CA SER D 19 -43.85 -22.51 7.55
C SER D 19 -43.70 -22.76 9.05
N GLU D 20 -42.67 -23.49 9.43
CA GLU D 20 -42.44 -23.69 10.86
C GLU D 20 -42.61 -22.38 11.61
N ILE D 21 -42.23 -21.27 10.97
CA ILE D 21 -42.18 -19.93 11.62
C ILE D 21 -43.61 -19.44 11.76
N THR D 22 -44.35 -19.54 10.68
CA THR D 22 -45.66 -18.91 10.68
C THR D 22 -46.40 -19.80 11.65
N ASP D 23 -46.25 -21.14 11.59
CA ASP D 23 -47.11 -22.04 12.38
C ASP D 23 -46.95 -21.71 13.87
N SER D 24 -45.73 -21.52 14.32
CA SER D 24 -45.55 -21.08 15.69
C SER D 24 -46.09 -19.69 16.02
N PHE D 25 -45.90 -18.79 15.08
CA PHE D 25 -46.17 -17.40 15.37
C PHE D 25 -47.69 -17.00 15.51
N VAL D 26 -48.56 -17.66 14.77
CA VAL D 26 -49.99 -17.47 14.86
C VAL D 26 -50.49 -17.78 16.24
N GLU D 27 -49.80 -18.69 16.90
CA GLU D 27 -50.06 -19.04 18.28
C GLU D 27 -49.37 -18.17 19.33
N PHE D 28 -48.64 -17.14 18.90
CA PHE D 28 -48.13 -16.24 19.91
C PHE D 28 -49.31 -15.52 20.58
N PRO D 29 -49.19 -15.37 21.94
CA PRO D 29 -50.10 -14.56 22.75
C PRO D 29 -50.31 -13.19 22.09
N GLY D 30 -51.56 -12.83 21.83
CA GLY D 30 -51.93 -11.62 21.16
C GLY D 30 -52.18 -11.68 19.67
N LEU D 31 -51.81 -12.77 19.03
CA LEU D 31 -51.78 -12.85 17.58
C LEU D 31 -52.84 -13.69 16.97
N LYS D 32 -53.47 -14.54 17.74
CA LYS D 32 -54.28 -15.58 17.17
C LYS D 32 -55.52 -15.10 16.44
N GLU D 33 -56.09 -13.98 16.80
CA GLU D 33 -57.14 -13.43 15.94
C GLU D 33 -56.66 -12.61 14.73
N HIS D 34 -55.33 -12.67 14.50
CA HIS D 34 -54.69 -12.20 13.25
C HIS D 34 -54.01 -13.35 12.45
N GLU D 35 -54.35 -14.57 12.82
CA GLU D 35 -53.94 -15.76 12.04
C GLU D 35 -53.85 -15.65 10.51
N GLU D 36 -54.93 -15.26 9.86
CA GLU D 36 -55.02 -15.38 8.40
C GLU D 36 -54.25 -14.27 7.66
N ILE D 37 -54.40 -13.05 8.14
CA ILE D 37 -53.62 -12.02 7.53
C ILE D 37 -52.11 -12.48 7.63
N ILE D 38 -51.70 -13.06 8.74
CA ILE D 38 -50.30 -13.44 8.93
C ILE D 38 -49.83 -14.47 7.93
N ARG D 39 -50.48 -15.61 7.93
CA ARG D 39 -50.29 -16.61 6.95
C ARG D 39 -50.13 -16.04 5.56
N ARG D 40 -50.81 -14.95 5.27
CA ARG D 40 -50.87 -14.41 3.95
C ARG D 40 -49.64 -13.60 3.55
N LEU D 41 -49.19 -12.70 4.42
CA LEU D 41 -48.08 -11.80 4.21
C LEU D 41 -46.87 -12.68 4.21
N HIS D 42 -46.76 -13.59 5.18
CA HIS D 42 -45.72 -14.67 5.23
C HIS D 42 -45.50 -15.58 3.97
N ALA D 43 -46.60 -16.14 3.50
CA ALA D 43 -46.49 -16.98 2.33
C ALA D 43 -46.16 -16.11 1.11
N ALA D 44 -46.75 -14.87 1.09
CA ALA D 44 -46.56 -13.96 -0.04
C ALA D 44 -45.17 -13.39 -0.06
N ALA D 45 -44.36 -13.69 0.94
CA ALA D 45 -43.16 -12.97 1.19
C ALA D 45 -41.99 -13.33 0.31
N LYS D 46 -42.06 -14.46 -0.36
CA LYS D 46 -40.92 -15.06 -1.03
C LYS D 46 -39.62 -15.33 -0.28
N VAL D 47 -39.77 -15.76 0.95
CA VAL D 47 -38.71 -16.06 1.89
C VAL D 47 -39.04 -17.45 2.27
N ASN D 48 -38.13 -18.39 2.08
CA ASN D 48 -38.39 -19.78 2.41
C ASN D 48 -37.89 -20.31 3.74
N GLY D 49 -36.76 -19.82 4.22
CA GLY D 49 -36.39 -20.09 5.59
C GLY D 49 -35.71 -18.86 6.10
N ARG D 50 -35.60 -18.66 7.42
CA ARG D 50 -34.90 -17.54 8.08
C ARG D 50 -34.17 -18.16 9.31
N HIS D 51 -33.09 -17.50 9.72
CA HIS D 51 -32.30 -17.94 10.85
C HIS D 51 -32.62 -17.00 11.93
N LEU D 52 -32.86 -17.52 13.12
CA LEU D 52 -33.25 -16.66 14.19
C LEU D 52 -32.17 -16.81 15.19
N VAL D 53 -32.02 -15.79 16.01
CA VAL D 53 -30.87 -15.75 16.90
C VAL D 53 -31.22 -16.42 18.26
N LEU D 54 -32.52 -16.70 18.45
CA LEU D 54 -33.20 -17.22 19.62
C LEU D 54 -34.01 -18.45 19.08
N PRO D 55 -34.20 -19.53 19.93
CA PRO D 55 -35.12 -20.64 19.62
C PRO D 55 -36.44 -19.97 19.32
N LEU D 56 -37.08 -20.33 18.23
CA LEU D 56 -38.45 -19.96 17.97
C LEU D 56 -39.34 -19.79 19.18
N GLN D 57 -39.38 -20.77 20.05
CA GLN D 57 -40.35 -20.77 21.12
C GLN D 57 -40.12 -19.71 22.19
N GLN D 58 -38.92 -19.16 22.20
CA GLN D 58 -38.52 -18.19 23.19
C GLN D 58 -39.19 -16.87 23.04
N TYR D 59 -39.68 -16.55 21.86
CA TYR D 59 -40.13 -15.20 21.57
C TYR D 59 -41.36 -14.65 22.30
N PRO D 60 -42.44 -15.41 22.39
CA PRO D 60 -43.59 -14.91 23.19
C PRO D 60 -43.12 -14.34 24.47
N SER D 61 -41.94 -14.81 24.90
CA SER D 61 -41.44 -14.51 26.24
C SER D 61 -40.70 -13.17 26.22
N LEU D 62 -40.33 -12.71 24.99
CA LEU D 62 -39.56 -11.46 24.70
C LEU D 62 -40.53 -10.24 24.54
N THR D 63 -40.97 -9.72 25.67
CA THR D 63 -41.83 -8.56 25.76
C THR D 63 -41.16 -7.28 26.25
N ASP D 64 -40.00 -7.43 26.87
CA ASP D 64 -39.25 -6.35 27.47
C ASP D 64 -38.06 -5.92 26.64
N PHE D 65 -38.00 -4.65 26.30
CA PHE D 65 -37.02 -4.08 25.41
C PHE D 65 -35.65 -4.12 26.02
N GLY D 66 -35.56 -3.73 27.28
CA GLY D 66 -34.44 -4.00 28.11
C GLY D 66 -33.85 -5.38 28.00
N ASP D 67 -34.68 -6.41 28.08
CA ASP D 67 -34.23 -7.76 27.90
C ASP D 67 -33.72 -8.03 26.51
N ALA D 68 -34.49 -7.62 25.52
CA ALA D 68 -34.18 -7.82 24.12
C ALA D 68 -32.95 -7.11 23.68
N ASN D 69 -32.73 -5.92 24.20
CA ASN D 69 -31.58 -5.14 23.85
C ASN D 69 -30.30 -5.62 24.48
N GLU D 70 -30.43 -6.22 25.65
CA GLU D 70 -29.40 -6.96 26.35
C GLU D 70 -29.07 -8.25 25.59
N ILE D 71 -30.07 -8.96 25.15
CA ILE D 71 -29.74 -10.10 24.37
C ILE D 71 -29.11 -9.61 23.11
N PHE D 72 -29.54 -8.46 22.64
CA PHE D 72 -29.00 -7.94 21.44
C PHE D 72 -27.47 -7.74 21.56
N ILE D 73 -27.06 -7.05 22.59
CA ILE D 73 -25.67 -6.78 22.78
C ILE D 73 -24.75 -8.05 22.85
N GLU D 74 -25.01 -8.88 23.84
CA GLU D 74 -24.41 -10.20 23.99
C GLU D 74 -24.21 -10.82 22.60
N LYS D 75 -25.31 -10.98 21.85
CA LYS D 75 -25.29 -11.71 20.55
C LYS D 75 -24.85 -11.05 19.24
N ALA D 76 -25.22 -9.80 19.05
CA ALA D 76 -24.68 -8.97 18.01
C ALA D 76 -23.17 -9.08 17.96
N VAL D 77 -22.57 -8.88 19.13
CA VAL D 77 -21.11 -9.03 19.27
C VAL D 77 -20.63 -10.42 18.87
N ASP D 78 -21.15 -11.49 19.42
CA ASP D 78 -20.82 -12.82 18.89
C ASP D 78 -20.89 -12.99 17.40
N LEU D 79 -22.04 -12.68 16.84
CA LEU D 79 -22.24 -12.80 15.39
C LEU D 79 -21.28 -11.93 14.59
N GLY D 80 -20.93 -10.74 15.12
CA GLY D 80 -20.06 -9.77 14.46
C GLY D 80 -18.63 -10.23 14.50
N VAL D 81 -18.26 -10.80 15.61
CA VAL D 81 -16.98 -11.46 15.71
C VAL D 81 -16.80 -12.60 14.72
N GLU D 82 -17.78 -13.47 14.61
CA GLU D 82 -17.65 -14.64 13.73
C GLU D 82 -17.47 -14.20 12.27
N ALA D 83 -18.28 -13.18 11.86
CA ALA D 83 -18.29 -12.53 10.52
C ALA D 83 -17.04 -11.80 10.22
N LEU D 84 -16.50 -11.04 11.18
CA LEU D 84 -15.15 -10.51 11.03
C LEU D 84 -14.04 -11.66 10.92
N LEU D 85 -14.10 -12.68 11.79
CA LEU D 85 -13.09 -13.65 11.73
C LEU D 85 -13.08 -14.29 10.34
N GLY D 86 -14.25 -14.63 9.78
CA GLY D 86 -14.25 -15.32 8.51
C GLY D 86 -13.77 -14.39 7.38
N ALA D 87 -13.97 -13.07 7.52
CA ALA D 87 -13.68 -12.21 6.37
C ALA D 87 -12.19 -11.94 6.34
N LEU D 88 -11.60 -12.07 7.54
CA LEU D 88 -10.17 -11.83 7.76
C LEU D 88 -9.40 -12.98 7.27
N ASP D 89 -9.91 -14.16 7.57
CA ASP D 89 -9.43 -15.44 7.01
C ASP D 89 -9.42 -15.58 5.45
N ASP D 90 -10.55 -15.20 4.86
CA ASP D 90 -10.76 -14.91 3.45
C ASP D 90 -9.77 -13.91 2.97
N ALA D 91 -9.57 -12.83 3.71
CA ALA D 91 -8.55 -11.83 3.35
C ALA D 91 -7.12 -12.17 3.69
N ASN D 92 -6.91 -13.40 4.14
CA ASN D 92 -5.57 -13.75 4.55
C ASN D 92 -4.92 -12.67 5.41
N LEU D 93 -5.68 -12.04 6.32
CA LEU D 93 -5.13 -10.97 7.19
C LEU D 93 -5.54 -11.20 8.61
N ARG D 94 -4.87 -10.55 9.51
CA ARG D 94 -5.27 -10.70 10.88
C ARG D 94 -5.77 -9.42 11.64
N PRO D 95 -6.50 -9.64 12.77
CA PRO D 95 -7.05 -8.60 13.67
C PRO D 95 -6.13 -7.38 14.03
N SER D 96 -4.83 -7.63 14.18
CA SER D 96 -3.85 -6.53 14.35
C SER D 96 -3.62 -5.64 13.13
N ASP D 97 -4.13 -6.04 11.97
CA ASP D 97 -3.87 -5.35 10.67
C ASP D 97 -4.94 -4.34 10.43
N ILE D 98 -6.04 -4.49 11.11
CA ILE D 98 -7.15 -3.63 10.89
C ILE D 98 -6.89 -2.27 11.53
N ASP D 99 -6.97 -1.22 10.70
CA ASP D 99 -6.82 0.17 11.18
C ASP D 99 -8.17 0.88 11.36
N MET D 100 -9.23 0.36 10.78
CA MET D 100 -10.44 1.15 10.88
C MET D 100 -11.49 0.10 10.90
N ILE D 101 -12.29 0.09 11.94
CA ILE D 101 -13.42 -0.75 11.93
C ILE D 101 -14.69 0.10 11.84
N ALA D 102 -15.51 -0.20 10.83
CA ALA D 102 -16.83 0.43 10.68
C ALA D 102 -17.92 -0.54 11.23
N THR D 103 -18.86 -0.05 12.06
CA THR D 103 -19.99 -0.88 12.52
C THR D 103 -21.37 -0.43 11.96
N ALA D 104 -22.28 -1.34 11.69
CA ALA D 104 -23.60 -0.93 11.17
C ALA D 104 -24.78 -1.76 11.69
N THR D 105 -25.62 -1.11 12.43
CA THR D 105 -26.81 -1.74 12.87
C THR D 105 -27.92 -0.75 12.94
N VAL D 106 -29.11 -1.27 13.13
CA VAL D 106 -30.32 -0.52 13.25
C VAL D 106 -31.26 -1.26 14.20
N THR D 107 -30.92 -2.48 14.54
CA THR D 107 -31.79 -3.36 15.29
C THR D 107 -31.45 -3.50 16.76
N GLY D 108 -30.51 -2.76 17.27
CA GLY D 108 -30.33 -2.75 18.72
C GLY D 108 -29.54 -1.49 19.07
N VAL D 109 -29.44 -1.08 20.37
CA VAL D 109 -28.82 0.17 20.76
C VAL D 109 -27.73 -0.05 21.81
N ALA D 110 -26.47 0.15 21.43
CA ALA D 110 -25.37 -0.21 22.30
C ALA D 110 -24.39 1.00 22.35
N VAL D 111 -24.01 1.29 23.61
CA VAL D 111 -23.01 2.27 24.07
C VAL D 111 -22.35 1.70 25.38
N PRO D 112 -21.05 1.56 25.39
CA PRO D 112 -20.19 1.61 24.20
C PRO D 112 -20.79 0.84 22.97
N SER D 113 -20.43 1.30 21.81
CA SER D 113 -20.85 0.74 20.55
C SER D 113 -20.27 -0.66 20.27
N LEU D 114 -20.82 -1.32 19.27
CA LEU D 114 -20.33 -2.59 18.77
C LEU D 114 -18.88 -2.74 18.36
N ASP D 115 -18.35 -1.77 17.64
CA ASP D 115 -16.94 -1.74 17.34
C ASP D 115 -16.02 -1.94 18.51
N ALA D 116 -16.40 -1.40 19.64
CA ALA D 116 -15.51 -1.35 20.75
C ALA D 116 -15.52 -2.67 21.37
N ARG D 117 -16.68 -3.31 21.34
CA ARG D 117 -16.88 -4.61 21.93
C ARG D 117 -16.16 -5.67 21.13
N ILE D 118 -16.41 -5.64 19.82
CA ILE D 118 -15.75 -6.45 18.84
C ILE D 118 -14.25 -6.31 18.85
N ALA D 119 -13.74 -5.09 18.73
CA ALA D 119 -12.32 -4.86 18.85
C ALA D 119 -11.78 -5.41 20.22
N GLY D 120 -12.60 -5.19 21.26
CA GLY D 120 -12.39 -5.84 22.53
C GLY D 120 -12.02 -7.35 22.36
N ARG D 121 -12.95 -8.07 21.69
CA ARG D 121 -13.02 -9.48 21.70
C ARG D 121 -11.89 -10.05 20.92
N LEU D 122 -11.62 -9.41 19.80
CA LEU D 122 -10.78 -10.02 18.85
C LEU D 122 -9.43 -9.38 19.11
N GLY D 123 -9.30 -8.70 20.23
CA GLY D 123 -8.10 -7.93 20.53
C GLY D 123 -7.52 -7.09 19.42
N LEU D 124 -8.34 -6.30 18.68
CA LEU D 124 -7.78 -5.28 17.79
C LEU D 124 -6.78 -4.31 18.49
N ARG D 125 -6.11 -3.48 17.73
CA ARG D 125 -5.14 -2.50 18.22
C ARG D 125 -5.77 -1.46 19.14
N PRO D 126 -5.07 -0.89 20.12
CA PRO D 126 -5.83 0.19 20.82
C PRO D 126 -6.12 1.47 19.96
N ASP D 127 -5.27 1.79 19.02
CA ASP D 127 -5.44 2.99 18.14
C ASP D 127 -6.29 2.76 16.89
N VAL D 128 -6.99 1.62 16.76
CA VAL D 128 -8.00 1.38 15.73
C VAL D 128 -9.03 2.50 15.71
N ARG D 129 -9.32 2.99 14.50
CA ARG D 129 -10.21 4.09 14.26
C ARG D 129 -11.57 3.53 14.21
N ARG D 130 -12.50 4.22 14.88
CA ARG D 130 -13.83 3.63 15.11
C ARG D 130 -15.08 4.33 14.55
N MET D 131 -15.86 3.53 13.83
CA MET D 131 -17.03 4.15 13.20
C MET D 131 -18.34 3.38 13.29
N PRO D 132 -19.05 3.53 14.42
CA PRO D 132 -20.39 3.11 14.78
C PRO D 132 -21.55 3.86 14.03
N LEU D 133 -21.90 3.36 12.86
CA LEU D 133 -22.98 3.90 12.07
C LEU D 133 -24.30 3.37 12.51
N PHE D 134 -25.23 4.25 12.74
CA PHE D 134 -26.52 3.87 13.22
C PHE D 134 -27.59 4.70 12.57
N GLY D 135 -28.63 4.09 12.08
CA GLY D 135 -29.82 4.83 11.71
C GLY D 135 -29.87 4.88 10.21
N LEU D 136 -28.95 4.13 9.66
CA LEU D 136 -28.85 3.98 8.22
C LEU D 136 -29.69 2.85 7.65
N GLY D 137 -30.21 2.00 8.50
CA GLY D 137 -30.95 0.83 8.09
C GLY D 137 -30.43 -0.09 7.00
N SER D 138 -31.36 -0.51 6.17
CA SER D 138 -31.14 -1.20 4.95
C SER D 138 -30.29 -0.56 3.87
N VAL D 139 -29.87 0.68 4.01
CA VAL D 139 -28.88 1.16 3.04
C VAL D 139 -27.45 0.91 3.46
N ALA D 140 -27.30 0.36 4.67
CA ALA D 140 -26.03 0.38 5.42
C ALA D 140 -24.87 -0.44 4.85
N GLY D 141 -25.20 -1.52 4.11
CA GLY D 141 -24.24 -2.50 3.59
C GLY D 141 -23.51 -1.84 2.42
N ALA D 142 -24.29 -1.35 1.44
CA ALA D 142 -23.77 -0.46 0.37
C ALA D 142 -23.03 0.87 0.86
N ALA D 143 -23.77 1.76 1.53
CA ALA D 143 -23.11 2.96 2.07
C ALA D 143 -21.93 2.61 2.96
N GLY D 144 -22.00 1.51 3.68
CA GLY D 144 -20.89 1.27 4.62
C GLY D 144 -19.58 0.90 3.96
N VAL D 145 -19.70 0.15 2.89
CA VAL D 145 -18.67 -0.12 1.91
C VAL D 145 -18.12 1.16 1.19
N ALA D 146 -19.02 2.10 0.89
CA ALA D 146 -18.68 3.39 0.28
C ALA D 146 -17.82 4.21 1.27
N ARG D 147 -18.09 4.07 2.57
CA ARG D 147 -17.35 4.86 3.55
C ARG D 147 -15.95 4.35 3.78
N LEU D 148 -15.81 3.08 3.50
CA LEU D 148 -14.63 2.30 3.63
C LEU D 148 -13.74 2.79 2.56
N ARG D 149 -14.21 2.83 1.33
CA ARG D 149 -13.42 3.45 0.29
C ARG D 149 -13.06 4.88 0.64
N ASP D 150 -14.02 5.65 1.25
CA ASP D 150 -13.87 7.12 1.59
C ASP D 150 -12.66 7.22 2.43
N TYR D 151 -12.65 6.34 3.44
CA TYR D 151 -11.53 6.21 4.37
C TYR D 151 -10.16 5.66 3.79
N LEU D 152 -10.23 4.62 2.99
CA LEU D 152 -9.09 4.10 2.26
C LEU D 152 -8.45 4.98 1.18
N ARG D 153 -9.27 5.88 0.64
CA ARG D 153 -8.83 6.92 -0.27
C ARG D 153 -7.74 7.81 0.29
N GLY D 154 -7.90 8.16 1.55
CA GLY D 154 -6.98 9.00 2.28
C GLY D 154 -5.99 8.25 3.12
N ALA D 155 -6.22 6.99 3.39
CA ALA D 155 -5.23 6.15 3.99
C ALA D 155 -4.95 4.95 3.12
N PRO D 156 -4.21 5.24 1.95
CA PRO D 156 -4.15 4.13 1.00
C PRO D 156 -3.21 2.99 1.35
N ASP D 157 -2.45 3.16 2.38
CA ASP D 157 -1.70 2.03 2.98
C ASP D 157 -2.44 1.10 4.05
N ASP D 158 -3.69 1.45 4.36
CA ASP D 158 -4.51 0.84 5.41
C ASP D 158 -5.49 -0.30 5.06
N VAL D 159 -5.79 -1.07 6.09
CA VAL D 159 -6.89 -2.02 6.12
C VAL D 159 -8.05 -1.32 6.89
N ALA D 160 -9.28 -1.39 6.40
CA ALA D 160 -10.48 -0.91 7.10
C ALA D 160 -11.50 -2.03 6.93
N VAL D 161 -12.25 -2.33 7.97
CA VAL D 161 -13.23 -3.35 7.82
C VAL D 161 -14.65 -2.80 8.05
N LEU D 162 -15.62 -3.50 7.53
CA LEU D 162 -16.96 -3.17 7.94
C LEU D 162 -17.63 -4.47 8.53
N VAL D 163 -18.25 -4.37 9.72
CA VAL D 163 -19.14 -5.40 10.29
C VAL D 163 -20.59 -4.85 10.44
N SER D 164 -21.51 -5.46 9.67
CA SER D 164 -22.95 -5.21 9.78
C SER D 164 -23.60 -6.27 10.59
N VAL D 165 -24.20 -5.91 11.73
CA VAL D 165 -24.96 -6.93 12.41
C VAL D 165 -26.46 -6.51 12.55
N GLU D 166 -27.35 -7.42 12.15
CA GLU D 166 -28.78 -7.14 12.12
C GLU D 166 -29.53 -8.35 12.79
N LEU D 167 -30.06 -8.14 13.98
CA LEU D 167 -30.94 -9.15 14.54
C LEU D 167 -32.37 -8.61 14.73
N CYS D 168 -33.03 -8.48 13.56
CA CYS D 168 -34.39 -7.97 13.42
C CYS D 168 -35.41 -8.67 14.34
N SER D 169 -35.17 -9.92 14.65
CA SER D 169 -36.11 -10.75 15.35
C SER D 169 -36.26 -10.31 16.77
N LEU D 170 -35.21 -9.69 17.27
CA LEU D 170 -35.09 -9.21 18.63
C LEU D 170 -35.87 -7.93 18.91
N THR D 171 -36.35 -7.28 17.86
CA THR D 171 -37.19 -6.09 17.99
C THR D 171 -38.60 -6.50 18.44
N TYR D 172 -38.86 -7.79 18.52
CA TYR D 172 -40.17 -8.32 18.88
C TYR D 172 -40.99 -7.62 19.96
N PRO D 173 -40.31 -7.18 21.10
CA PRO D 173 -41.16 -6.49 22.07
C PRO D 173 -42.03 -5.39 21.49
N ALA D 174 -41.69 -4.89 20.32
CA ALA D 174 -42.41 -3.81 19.71
C ALA D 174 -43.46 -4.24 18.68
N VAL D 175 -43.34 -5.44 18.15
CA VAL D 175 -44.30 -5.95 17.21
C VAL D 175 -45.73 -5.83 17.70
N LYS D 176 -46.59 -5.35 16.82
CA LYS D 176 -48.01 -5.29 17.06
C LYS D 176 -48.66 -5.78 15.80
N PRO D 177 -49.91 -6.22 15.88
CA PRO D 177 -50.65 -6.73 14.74
C PRO D 177 -51.10 -5.66 13.80
N THR D 178 -50.18 -4.90 13.28
CA THR D 178 -50.45 -3.93 12.29
C THR D 178 -49.82 -4.36 10.97
N VAL D 179 -50.28 -3.79 9.87
CA VAL D 179 -49.82 -4.20 8.57
C VAL D 179 -48.32 -4.08 8.34
N SER D 180 -47.78 -2.90 8.62
CA SER D 180 -46.36 -2.65 8.76
C SER D 180 -45.49 -3.59 9.60
N SER D 181 -45.84 -3.77 10.85
CA SER D 181 -45.28 -4.86 11.70
C SER D 181 -45.36 -6.29 11.19
N LEU D 182 -46.56 -6.66 10.76
CA LEU D 182 -46.82 -7.94 10.17
C LEU D 182 -46.07 -8.18 8.90
N VAL D 183 -45.97 -7.19 7.99
CA VAL D 183 -45.07 -7.25 6.82
C VAL D 183 -43.57 -7.58 7.20
N GLY D 184 -42.98 -6.72 8.04
CA GLY D 184 -41.73 -6.94 8.76
C GLY D 184 -41.62 -8.35 9.36
N THR D 185 -42.70 -8.82 9.86
CA THR D 185 -42.60 -10.04 10.59
C THR D 185 -42.47 -11.14 9.56
N ALA D 186 -42.99 -10.84 8.34
CA ALA D 186 -42.93 -11.77 7.18
C ALA D 186 -41.56 -11.85 6.49
N LEU D 187 -40.73 -10.84 6.66
CA LEU D 187 -39.58 -10.60 5.83
C LEU D 187 -38.22 -10.74 6.49
N PHE D 188 -38.03 -10.17 7.66
CA PHE D 188 -36.69 -10.05 8.27
C PHE D 188 -36.23 -11.29 9.07
N GLY D 189 -34.92 -11.49 9.00
CA GLY D 189 -34.15 -12.59 9.61
C GLY D 189 -33.04 -11.94 10.44
N ASP D 190 -32.22 -12.78 11.02
CA ASP D 190 -31.11 -12.37 11.83
C ASP D 190 -29.86 -12.74 11.08
N GLY D 191 -28.85 -11.92 11.10
CA GLY D 191 -27.61 -12.34 10.46
C GLY D 191 -26.61 -11.23 10.49
N ALA D 192 -25.40 -11.55 10.06
CA ALA D 192 -24.32 -10.57 10.14
C ALA D 192 -23.37 -10.64 8.91
N ALA D 193 -22.44 -9.70 8.79
CA ALA D 193 -21.57 -9.81 7.63
C ALA D 193 -20.33 -8.92 7.72
N ALA D 194 -19.18 -9.39 7.27
CA ALA D 194 -18.02 -8.55 7.38
C ALA D 194 -17.42 -8.27 5.98
N VAL D 195 -16.72 -7.17 5.85
CA VAL D 195 -16.06 -6.90 4.61
C VAL D 195 -14.69 -6.46 5.07
N VAL D 196 -13.65 -7.02 4.45
CA VAL D 196 -12.33 -6.53 4.72
C VAL D 196 -11.92 -5.84 3.45
N ALA D 197 -11.50 -4.56 3.60
CA ALA D 197 -10.85 -3.79 2.52
C ALA D 197 -9.39 -3.35 2.76
N VAL D 198 -8.66 -3.20 1.64
CA VAL D 198 -7.34 -2.56 1.58
C VAL D 198 -7.19 -1.33 0.64
N GLY D 199 -6.26 -0.47 1.06
CA GLY D 199 -5.88 0.71 0.29
C GLY D 199 -5.26 0.27 -1.02
N ASP D 200 -5.28 1.21 -1.99
CA ASP D 200 -4.67 1.01 -3.30
C ASP D 200 -3.19 0.57 -3.14
N ARG D 201 -2.42 1.42 -2.49
CA ARG D 201 -1.05 1.06 -2.06
C ARG D 201 -0.91 -0.21 -1.31
N ARG D 202 -1.81 -0.49 -0.37
CA ARG D 202 -1.74 -1.74 0.39
C ARG D 202 -2.16 -2.99 -0.45
N ALA D 203 -2.89 -2.77 -1.55
CA ALA D 203 -3.32 -3.87 -2.45
C ALA D 203 -2.12 -4.27 -3.31
N GLU D 204 -1.19 -3.31 -3.42
CA GLU D 204 0.06 -3.47 -4.10
C GLU D 204 1.00 -4.35 -3.24
N GLN D 205 1.01 -4.13 -1.92
CA GLN D 205 1.88 -4.87 -0.95
C GLN D 205 1.51 -6.35 -0.61
N VAL D 206 0.25 -6.75 -0.74
CA VAL D 206 -0.17 -8.07 -0.29
C VAL D 206 -1.34 -8.36 -1.22
N ARG D 207 -1.65 -9.60 -1.59
CA ARG D 207 -2.73 -9.83 -2.58
C ARG D 207 -4.17 -9.67 -2.10
N ALA D 208 -4.87 -8.81 -2.82
CA ALA D 208 -6.28 -8.54 -2.61
C ALA D 208 -7.20 -9.23 -3.61
N GLY D 209 -7.95 -10.20 -3.14
CA GLY D 209 -8.86 -10.94 -3.97
C GLY D 209 -9.95 -10.13 -4.60
N GLY D 210 -11.04 -9.97 -3.90
CA GLY D 210 -12.20 -9.29 -4.44
C GLY D 210 -12.08 -8.08 -5.35
N PRO D 211 -13.31 -7.49 -5.68
CA PRO D 211 -13.21 -6.41 -6.67
C PRO D 211 -12.67 -5.08 -6.18
N ASP D 212 -12.53 -4.08 -7.07
CA ASP D 212 -12.08 -2.82 -6.59
C ASP D 212 -13.35 -2.06 -6.34
N ILE D 213 -13.39 -1.27 -5.28
CA ILE D 213 -14.42 -0.21 -5.21
C ILE D 213 -14.05 1.09 -6.02
N LEU D 214 -14.69 1.31 -7.16
CA LEU D 214 -14.39 2.50 -7.98
C LEU D 214 -15.01 3.80 -7.41
N ASP D 215 -16.23 3.70 -6.88
CA ASP D 215 -17.05 4.86 -6.68
C ASP D 215 -18.46 4.61 -6.15
N SER D 216 -19.06 5.69 -5.67
CA SER D 216 -20.28 5.56 -4.95
C SER D 216 -21.15 6.74 -5.17
N ARG D 217 -22.43 6.55 -5.09
CA ARG D 217 -23.26 7.72 -5.13
C ARG D 217 -24.53 7.58 -4.19
N SER D 218 -24.62 8.56 -3.26
CA SER D 218 -25.72 8.74 -2.30
C SER D 218 -26.93 9.47 -2.94
N SER D 219 -28.16 9.08 -2.64
CA SER D 219 -29.27 9.85 -3.10
C SER D 219 -30.37 9.93 -1.99
N LEU D 220 -30.42 11.10 -1.39
CA LEU D 220 -31.36 11.43 -0.37
C LEU D 220 -32.56 12.10 -0.97
N TYR D 221 -33.68 11.42 -0.91
CA TYR D 221 -34.91 11.93 -1.52
C TYR D 221 -35.53 13.07 -0.70
N PRO D 222 -35.97 14.17 -1.33
CA PRO D 222 -36.73 15.12 -0.47
C PRO D 222 -37.94 14.51 0.23
N ASP D 223 -38.19 15.02 1.41
CA ASP D 223 -39.52 14.92 2.00
C ASP D 223 -40.01 13.46 2.10
N SER D 224 -39.23 12.61 2.80
CA SER D 224 -39.45 11.15 2.75
C SER D 224 -39.10 10.39 4.10
N LEU D 225 -38.93 11.17 5.18
CA LEU D 225 -38.67 10.61 6.53
C LEU D 225 -39.62 9.44 6.87
N HIS D 226 -40.83 9.49 6.30
CA HIS D 226 -41.96 8.69 6.76
C HIS D 226 -41.87 7.32 6.04
N ILE D 227 -41.09 7.30 4.96
CA ILE D 227 -41.13 6.18 3.99
C ILE D 227 -40.67 4.87 4.66
N MET D 228 -39.51 4.96 5.35
CA MET D 228 -39.17 3.99 6.44
C MET D 228 -38.37 4.61 7.62
N GLY D 229 -38.49 3.96 8.79
CA GLY D 229 -37.79 4.36 10.02
C GLY D 229 -38.25 3.66 11.30
N TRP D 230 -37.87 4.13 12.52
CA TRP D 230 -38.39 3.57 13.79
C TRP D 230 -39.32 4.46 14.63
N ASP D 231 -40.46 3.96 15.24
CA ASP D 231 -41.05 4.63 16.49
C ASP D 231 -40.40 4.14 17.82
N VAL D 232 -39.51 4.92 18.38
CA VAL D 232 -38.73 4.50 19.52
C VAL D 232 -39.50 4.90 20.78
N GLY D 233 -39.64 3.95 21.71
CA GLY D 233 -40.55 4.16 22.82
C GLY D 233 -40.38 3.18 23.93
N SER D 234 -41.26 3.19 24.91
CA SER D 234 -41.00 2.22 25.98
C SER D 234 -40.88 0.73 25.49
N HIS D 235 -41.17 0.49 24.22
CA HIS D 235 -41.57 -0.84 23.81
C HIS D 235 -40.48 -1.37 22.91
N GLY D 236 -39.46 -0.54 22.75
CA GLY D 236 -38.45 -0.81 21.77
C GLY D 236 -38.59 -0.02 20.50
N LEU D 237 -38.07 -0.64 19.45
CA LEU D 237 -37.98 -0.20 18.05
C LEU D 237 -39.12 -0.72 17.12
N ARG D 238 -40.00 0.18 16.69
CA ARG D 238 -41.26 -0.20 16.04
C ARG D 238 -41.27 0.18 14.54
N LEU D 239 -41.54 -0.81 13.67
CA LEU D 239 -41.52 -0.53 12.26
C LEU D 239 -42.45 0.56 11.84
N ARG D 240 -41.79 1.56 11.26
CA ARG D 240 -42.40 2.54 10.39
C ARG D 240 -42.08 2.11 8.95
N LEU D 241 -43.09 1.61 8.22
CA LEU D 241 -42.83 1.30 6.81
C LEU D 241 -43.93 1.85 5.91
N SER D 242 -43.62 2.84 5.08
CA SER D 242 -44.62 3.41 4.20
C SER D 242 -44.88 2.52 3.05
N PRO D 243 -46.19 2.37 2.73
CA PRO D 243 -46.50 1.51 1.57
C PRO D 243 -46.19 2.23 0.24
N ASP D 244 -45.71 3.49 0.20
CA ASP D 244 -45.33 4.23 -1.02
C ASP D 244 -43.84 4.00 -1.42
N LEU D 245 -43.22 3.08 -0.72
CA LEU D 245 -41.85 2.68 -0.93
C LEU D 245 -41.62 2.41 -2.37
N THR D 246 -42.52 1.68 -2.97
CA THR D 246 -42.16 1.21 -4.28
C THR D 246 -42.45 2.34 -5.32
N ASN D 247 -43.48 3.11 -5.04
CA ASN D 247 -43.85 4.16 -5.96
C ASN D 247 -42.73 5.10 -6.07
N LEU D 248 -42.03 5.23 -4.93
CA LEU D 248 -40.80 6.00 -4.87
C LEU D 248 -39.64 5.33 -5.61
N ILE D 249 -39.46 4.01 -5.49
CA ILE D 249 -38.37 3.38 -6.27
C ILE D 249 -38.66 3.48 -7.79
N GLU D 250 -39.86 3.06 -8.17
CA GLU D 250 -40.36 3.16 -9.55
C GLU D 250 -40.20 4.55 -10.09
N ARG D 251 -40.37 5.58 -9.28
CA ARG D 251 -40.33 6.94 -9.75
C ARG D 251 -38.92 7.51 -9.98
N TYR D 252 -37.98 7.23 -9.11
CA TYR D 252 -36.65 7.87 -9.17
C TYR D 252 -35.45 6.99 -9.36
N LEU D 253 -35.52 5.70 -9.19
CA LEU D 253 -34.28 4.96 -9.21
C LEU D 253 -33.49 4.89 -10.52
N ALA D 254 -34.20 4.82 -11.61
CA ALA D 254 -33.67 4.90 -12.99
C ALA D 254 -32.78 6.09 -13.07
N ASN D 255 -33.23 7.19 -12.47
CA ASN D 255 -32.52 8.43 -12.51
C ASN D 255 -31.35 8.54 -11.56
N ASP D 256 -31.40 8.03 -10.29
CA ASP D 256 -30.08 7.91 -9.54
C ASP D 256 -29.06 7.02 -10.30
N VAL D 257 -29.55 5.95 -10.94
CA VAL D 257 -28.68 5.06 -11.73
C VAL D 257 -28.00 5.77 -12.98
N THR D 258 -28.82 6.38 -13.82
CA THR D 258 -28.28 7.22 -14.87
C THR D 258 -27.36 8.34 -14.45
N THR D 259 -27.65 9.07 -13.37
CA THR D 259 -26.76 10.18 -12.97
C THR D 259 -25.32 9.69 -12.68
N PHE D 260 -25.24 8.54 -12.03
CA PHE D 260 -24.02 8.05 -11.44
C PHE D 260 -23.32 7.29 -12.55
N LEU D 261 -24.06 6.58 -13.36
CA LEU D 261 -23.38 5.91 -14.43
C LEU D 261 -22.80 6.85 -15.44
N ASP D 262 -23.49 7.96 -15.69
CA ASP D 262 -22.93 9.04 -16.57
C ASP D 262 -21.61 9.65 -16.12
N ALA D 263 -21.51 10.05 -14.86
CA ALA D 263 -20.18 10.32 -14.34
C ALA D 263 -19.09 9.35 -14.87
N HIS D 264 -19.47 8.10 -15.17
CA HIS D 264 -18.47 7.11 -15.55
C HIS D 264 -18.33 6.69 -17.03
N ARG D 265 -19.12 7.35 -17.88
CA ARG D 265 -19.26 6.96 -19.30
C ARG D 265 -19.61 5.41 -19.44
N LEU D 266 -20.72 5.10 -18.77
CA LEU D 266 -21.26 3.74 -18.59
C LEU D 266 -22.78 3.84 -18.62
N THR D 267 -23.41 2.77 -19.08
CA THR D 267 -24.85 2.61 -18.86
C THR D 267 -25.14 1.24 -18.19
N LYS D 268 -26.40 0.96 -17.97
CA LYS D 268 -26.77 -0.20 -17.21
C LYS D 268 -26.51 -1.45 -17.99
N ASP D 269 -26.25 -1.27 -19.26
CA ASP D 269 -25.90 -2.29 -20.23
C ASP D 269 -24.43 -2.72 -20.01
N ASP D 270 -23.69 -1.79 -19.39
CA ASP D 270 -22.28 -1.95 -19.24
C ASP D 270 -21.98 -2.71 -17.93
N ILE D 271 -22.99 -2.85 -17.08
CA ILE D 271 -22.93 -3.61 -15.85
C ILE D 271 -22.99 -5.11 -16.05
N GLY D 272 -21.91 -5.79 -15.72
CA GLY D 272 -22.00 -7.24 -15.63
C GLY D 272 -22.58 -7.96 -14.40
N ALA D 273 -22.69 -7.31 -13.25
CA ALA D 273 -23.27 -7.97 -12.05
C ALA D 273 -23.99 -6.96 -11.12
N TRP D 274 -25.30 -7.01 -11.04
CA TRP D 274 -26.07 -6.25 -10.09
C TRP D 274 -26.08 -6.91 -8.72
N VAL D 275 -25.67 -6.18 -7.72
CA VAL D 275 -25.81 -6.60 -6.36
C VAL D 275 -26.82 -5.75 -5.65
N SER D 276 -28.10 -6.02 -5.69
CA SER D 276 -29.08 -5.25 -4.92
C SER D 276 -29.56 -5.79 -3.56
N HIS D 277 -30.01 -4.94 -2.80
CA HIS D 277 -30.62 -5.18 -1.56
C HIS D 277 -31.91 -5.84 -1.98
N PRO D 278 -32.27 -6.93 -1.25
CA PRO D 278 -33.56 -7.66 -1.41
C PRO D 278 -34.61 -7.10 -0.40
N GLY D 279 -35.21 -5.95 -0.66
CA GLY D 279 -36.13 -5.44 0.35
C GLY D 279 -37.35 -6.37 0.46
N GLY D 280 -37.67 -7.06 -0.63
CA GLY D 280 -38.78 -8.02 -0.65
C GLY D 280 -39.32 -8.09 -2.07
N PRO D 281 -40.36 -8.89 -2.30
CA PRO D 281 -40.82 -9.02 -3.70
C PRO D 281 -41.24 -7.66 -4.44
N LYS D 282 -41.99 -6.78 -3.80
CA LYS D 282 -42.44 -5.56 -4.51
C LYS D 282 -41.26 -4.60 -4.79
N VAL D 283 -40.47 -4.33 -3.75
CA VAL D 283 -39.15 -3.72 -3.96
C VAL D 283 -38.18 -4.26 -5.09
N ILE D 284 -37.94 -5.59 -5.23
CA ILE D 284 -37.01 -6.15 -6.24
C ILE D 284 -37.53 -5.95 -7.68
N ASP D 285 -38.85 -6.05 -7.79
CA ASP D 285 -39.64 -5.79 -9.02
C ASP D 285 -39.66 -4.35 -9.43
N ALA D 286 -40.02 -3.47 -8.49
CA ALA D 286 -39.73 -2.02 -8.59
C ALA D 286 -38.28 -1.82 -9.08
N VAL D 287 -37.25 -2.55 -8.66
CA VAL D 287 -35.88 -2.35 -9.13
C VAL D 287 -35.73 -2.78 -10.58
N ALA D 288 -35.91 -4.03 -10.88
CA ALA D 288 -36.03 -4.57 -12.23
C ALA D 288 -36.84 -3.74 -13.27
N THR D 289 -38.09 -3.42 -12.92
CA THR D 289 -39.02 -2.64 -13.74
C THR D 289 -38.47 -1.27 -14.14
N SER D 290 -38.03 -0.53 -13.10
CA SER D 290 -37.26 0.75 -13.14
C SER D 290 -36.01 0.85 -14.05
N LEU D 291 -35.32 -0.28 -14.17
CA LEU D 291 -34.03 -0.35 -14.87
C LEU D 291 -34.07 -1.12 -16.20
N ALA D 292 -35.21 -1.76 -16.46
CA ALA D 292 -35.40 -2.53 -17.67
C ALA D 292 -34.29 -3.61 -17.66
N LEU D 293 -34.19 -4.30 -16.53
CA LEU D 293 -33.24 -5.44 -16.33
C LEU D 293 -33.76 -6.81 -16.74
N PRO D 294 -32.88 -7.57 -17.37
CA PRO D 294 -32.96 -8.99 -17.71
C PRO D 294 -33.59 -9.76 -16.58
N PRO D 295 -34.52 -10.64 -16.82
CA PRO D 295 -35.10 -11.26 -15.66
C PRO D 295 -34.02 -11.66 -14.68
N GLU D 296 -33.10 -12.51 -15.05
CA GLU D 296 -32.16 -13.03 -14.08
C GLU D 296 -31.09 -12.10 -13.54
N ALA D 297 -31.18 -10.81 -13.75
CA ALA D 297 -30.19 -9.87 -13.24
C ALA D 297 -30.15 -9.85 -11.72
N LEU D 298 -31.31 -9.99 -11.12
CA LEU D 298 -31.37 -10.14 -9.69
C LEU D 298 -31.66 -11.58 -9.23
N GLU D 299 -31.18 -12.59 -9.95
CA GLU D 299 -31.30 -13.95 -9.46
C GLU D 299 -30.68 -14.14 -8.05
N LEU D 300 -29.59 -13.45 -7.71
CA LEU D 300 -28.96 -13.81 -6.45
C LEU D 300 -29.73 -13.21 -5.23
N THR D 301 -30.28 -12.02 -5.47
CA THR D 301 -31.19 -11.27 -4.56
C THR D 301 -32.40 -12.13 -4.16
N TRP D 302 -32.95 -12.86 -5.12
CA TRP D 302 -34.23 -13.46 -4.84
C TRP D 302 -33.81 -14.67 -4.17
N ARG D 303 -32.69 -15.16 -4.63
CA ARG D 303 -32.13 -16.39 -4.01
C ARG D 303 -31.78 -16.13 -2.56
N SER D 304 -30.96 -15.10 -2.28
CA SER D 304 -30.76 -14.65 -0.82
C SER D 304 -32.10 -14.56 -0.04
N LEU D 305 -33.03 -13.89 -0.58
CA LEU D 305 -34.33 -13.71 0.06
C LEU D 305 -35.06 -15.04 0.16
N GLY D 306 -35.02 -15.87 -0.81
CA GLY D 306 -35.52 -17.24 -0.72
C GLY D 306 -34.89 -17.94 0.47
N GLU D 307 -33.53 -17.96 0.49
CA GLU D 307 -32.73 -18.73 1.46
C GLU D 307 -32.79 -18.24 2.86
N ILE D 308 -32.58 -16.93 3.09
CA ILE D 308 -32.39 -16.32 4.45
C ILE D 308 -33.27 -15.11 4.89
N GLY D 309 -34.25 -14.77 4.06
CA GLY D 309 -34.98 -13.51 4.21
C GLY D 309 -34.08 -12.28 4.02
N ASN D 310 -34.62 -11.15 4.52
CA ASN D 310 -34.05 -9.81 4.54
C ASN D 310 -33.31 -9.67 5.81
N LEU D 311 -32.06 -9.33 5.67
CA LEU D 311 -31.18 -9.24 6.83
C LEU D 311 -30.78 -7.83 6.96
N SER D 312 -31.62 -6.91 6.46
CA SER D 312 -31.33 -5.45 6.55
C SER D 312 -29.96 -5.17 5.86
N SER D 313 -29.04 -4.55 6.59
CA SER D 313 -27.72 -4.20 6.02
C SER D 313 -26.84 -5.43 5.69
N ALA D 314 -27.03 -6.59 6.35
CA ALA D 314 -26.19 -7.79 6.02
C ALA D 314 -26.58 -8.39 4.68
N SER D 315 -27.87 -8.33 4.31
CA SER D 315 -28.33 -8.98 3.09
C SER D 315 -27.41 -8.56 1.89
N ILE D 316 -27.25 -7.27 1.60
CA ILE D 316 -26.59 -6.97 0.36
C ILE D 316 -25.13 -7.50 0.41
N LEU D 317 -24.51 -7.55 1.58
CA LEU D 317 -23.22 -8.21 1.75
C LEU D 317 -23.20 -9.72 1.65
N HIS D 318 -24.29 -10.37 2.01
CA HIS D 318 -24.43 -11.76 1.67
C HIS D 318 -24.49 -11.93 0.15
N ILE D 319 -25.38 -11.21 -0.52
CA ILE D 319 -25.45 -11.22 -1.98
C ILE D 319 -24.17 -10.87 -2.77
N LEU D 320 -23.42 -9.89 -2.31
CA LEU D 320 -22.02 -9.72 -2.69
C LEU D 320 -21.03 -10.87 -2.70
N ARG D 321 -20.78 -11.47 -1.56
CA ARG D 321 -20.03 -12.78 -1.52
C ARG D 321 -20.64 -13.88 -2.43
N ASP D 322 -21.97 -13.95 -2.55
CA ASP D 322 -22.57 -14.83 -3.55
C ASP D 322 -22.08 -14.40 -4.98
N THR D 323 -21.96 -13.08 -5.26
CA THR D 323 -21.53 -12.71 -6.63
C THR D 323 -20.08 -12.89 -6.89
N ILE D 324 -19.30 -12.64 -5.86
CA ILE D 324 -17.84 -12.77 -5.94
C ILE D 324 -17.46 -14.22 -6.38
N GLU D 325 -17.92 -15.20 -5.59
CA GLU D 325 -17.79 -16.63 -5.85
C GLU D 325 -18.20 -17.17 -7.27
N LYS D 326 -19.29 -16.64 -7.84
CA LYS D 326 -19.71 -16.93 -9.21
C LYS D 326 -18.75 -16.46 -10.27
N ARG D 327 -17.53 -16.13 -9.83
CA ARG D 327 -16.52 -15.33 -10.56
C ARG D 327 -17.02 -14.61 -11.79
N PRO D 328 -17.43 -13.36 -11.64
CA PRO D 328 -17.89 -12.68 -12.88
C PRO D 328 -16.74 -12.40 -13.82
N PRO D 329 -17.09 -12.05 -15.05
CA PRO D 329 -16.17 -11.58 -16.06
C PRO D 329 -15.14 -10.61 -15.56
N SER D 330 -13.92 -11.09 -15.49
CA SER D 330 -12.77 -10.29 -15.24
C SER D 330 -12.79 -9.05 -16.09
N GLY D 331 -12.53 -7.91 -15.46
CA GLY D 331 -12.74 -6.57 -16.03
C GLY D 331 -14.13 -5.96 -15.85
N SER D 332 -15.19 -6.76 -15.86
CA SER D 332 -16.52 -6.17 -15.73
C SER D 332 -16.70 -5.37 -14.45
N ALA D 333 -17.87 -4.76 -14.34
CA ALA D 333 -18.21 -3.71 -13.43
C ALA D 333 -19.54 -4.18 -12.92
N GLY D 334 -19.66 -4.06 -11.61
CA GLY D 334 -20.86 -4.54 -10.92
C GLY D 334 -21.42 -3.27 -10.28
N LEU D 335 -22.62 -3.35 -9.79
CA LEU D 335 -23.23 -2.24 -9.16
C LEU D 335 -23.92 -2.78 -7.96
N MET D 336 -23.50 -2.35 -6.78
CA MET D 336 -24.31 -2.59 -5.58
C MET D 336 -25.34 -1.42 -5.45
N LEU D 337 -26.50 -1.76 -4.97
CA LEU D 337 -27.66 -0.90 -5.01
C LEU D 337 -28.52 -1.20 -3.82
N ALA D 338 -28.66 -0.25 -2.92
CA ALA D 338 -29.45 -0.50 -1.72
C ALA D 338 -30.38 0.71 -1.41
N MET D 339 -31.01 0.75 -0.25
CA MET D 339 -31.88 1.84 0.05
C MET D 339 -32.27 1.57 1.46
N GLY D 340 -32.68 2.64 2.12
CA GLY D 340 -32.76 2.62 3.55
C GLY D 340 -33.54 3.87 3.79
N PRO D 341 -33.68 4.21 5.05
CA PRO D 341 -34.43 5.33 5.56
C PRO D 341 -33.76 6.66 5.34
N GLY D 342 -34.56 7.66 5.04
CA GLY D 342 -34.08 8.97 4.68
C GLY D 342 -35.13 9.76 3.98
N PHE D 343 -35.73 9.20 2.95
CA PHE D 343 -35.41 7.90 2.40
C PHE D 343 -34.24 8.08 1.48
N CYS D 344 -33.45 7.04 1.35
CA CYS D 344 -32.29 7.08 0.47
C CYS D 344 -31.86 5.79 -0.27
N THR D 345 -30.92 6.02 -1.20
CA THR D 345 -30.42 5.01 -2.13
C THR D 345 -28.91 5.21 -2.00
N GLU D 346 -28.18 4.14 -2.16
CA GLU D 346 -26.73 4.20 -2.22
C GLU D 346 -26.30 3.26 -3.40
N LEU D 347 -25.35 3.73 -4.18
CA LEU D 347 -25.01 3.07 -5.41
C LEU D 347 -23.52 2.92 -5.31
N VAL D 348 -22.97 1.72 -5.45
CA VAL D 348 -21.51 1.56 -5.37
C VAL D 348 -21.11 0.83 -6.67
N LEU D 349 -19.99 1.27 -7.23
CA LEU D 349 -19.53 0.76 -8.51
C LEU D 349 -18.27 -0.06 -8.16
N LEU D 350 -18.27 -1.32 -8.63
CA LEU D 350 -17.21 -2.29 -8.45
C LEU D 350 -16.62 -2.70 -9.83
N ARG D 351 -15.35 -3.04 -9.83
CA ARG D 351 -14.74 -3.77 -10.91
C ARG D 351 -14.19 -5.07 -10.40
N TRP D 352 -14.63 -6.15 -10.99
CA TRP D 352 -14.09 -7.49 -10.76
C TRP D 352 -12.98 -7.86 -11.72
N ARG D 353 -12.32 -8.90 -11.69
CA ARG D 353 -10.98 -9.42 -11.81
C ARG D 353 -10.49 -9.48 -10.37
#